data_5FKC
#
_entry.id   5FKC
#
_cell.length_a   74.621
_cell.length_b   204.767
_cell.length_c   146.502
_cell.angle_alpha   90.00
_cell.angle_beta   90.00
_cell.angle_gamma   90.00
#
_symmetry.space_group_name_H-M   'P 21 21 2'
#
loop_
_entity.id
_entity.type
_entity.pdbx_description
1 polymer BETA-FRUCTOFURANOSIDASE
2 branched alpha-D-mannopyranose-(1-3)-alpha-D-mannopyranose-(1-6)-[alpha-D-mannopyranose-(1-3)]beta-D-mannopyranose-(1-4)-2-acetamido-2-deoxy-beta-D-glucopyranose-(1-4)-2-acetamido-2-deoxy-beta-D-glucopyranose
3 branched alpha-D-mannopyranose-(1-2)-alpha-D-mannopyranose-(1-2)-alpha-D-mannopyranose-(1-3)-[alpha-D-mannopyranose-(1-2)-alpha-D-mannopyranose-(1-6)-[alpha-D-mannopyranose-(1-3)]alpha-D-mannopyranose-(1-6)]beta-D-mannopyranose-(1-4)-2-acetamido-2-deoxy-beta-D-glucopyranose-(1-4)-2-acetamido-2-deoxy-beta-D-glucopyranose
4 branched 2-acetamido-2-deoxy-beta-D-glucopyranose-(1-4)-2-acetamido-2-deoxy-beta-D-glucopyranose
5 branched alpha-D-galactopyranose-(1-6)-alpha-D-glucopyranose-(1-2)-beta-D-fructofuranose
6 non-polymer 2-acetamido-2-deoxy-beta-D-glucopyranose
7 water water
#
_entity_poly.entity_id   1
_entity_poly.type   'polypeptide(L)'
_entity_poly.pdbx_seq_one_letter_code
;APLLKTLPFLAAAYAAELDLPNFSALNRRQDNSTSSSAGCSLDQTVAPGNLTLCGNATLFTTFRPKARFIAPEGWMNAPM
GLYQRADGSIHAGYQSHPKHIQWGNISQGAAYSSDFTSWTDFNGSEGYKTIWPSQIYDIRGVFDGSIIKEGIDGYPTILY
TSTSFGPLGATLNEAEGTETQSLAYTTDDGASWIKLGYGAGQNPVIYEWPETNLTGFRDPYVFQSPRLEALLANTTSITN
ATGDHFATISGGVHGDGARLFLYRQHTTGEFIKWTYLGPLVTTGYKESYGEWSGNYGINFETAGVTRLNPAGAAWDNGSD
TTAVDFVTFGTEQGRADHQNHWPLWAAVDYEVRDNGSIEAVIAYSGVQDWGRSYAYASFPVEGYRQVSVGWIYEDDDNVI
LAKQFGYQGAFTLFRDLFVKVVENVSPSTPGLFEQASWSTKNSTDGMSVTVTTLGQRVVPETLAAYKGNSTVSTLAPVML
NESAAAYTPFSSQPTDRFYALTGSFEFGLNTTAKAGFRVLASEEEYTDIWFDPASENLTVVRTASSLIKSFGNDTELAKV
KLYEIVGAESKTLNLTVFVDGSVIEIYANDEVALSTRAYPWLANSTGAGLLADGTTAGDVVGVSGLELWDGLVDAWPARP
ANTSQGLVWDGPTAAMYGLFAGY
;
_entity_poly.pdbx_strand_id   A,B
#
loop_
_chem_comp.id
_chem_comp.type
_chem_comp.name
_chem_comp.formula
BMA D-saccharide, beta linking beta-D-mannopyranose 'C6 H12 O6'
FRU D-saccharide, beta linking beta-D-fructofuranose 'C6 H12 O6'
GLA D-saccharide, alpha linking alpha-D-galactopyranose 'C6 H12 O6'
GLC D-saccharide, alpha linking alpha-D-glucopyranose 'C6 H12 O6'
MAN D-saccharide, alpha linking alpha-D-mannopyranose 'C6 H12 O6'
NAG D-saccharide, beta linking 2-acetamido-2-deoxy-beta-D-glucopyranose 'C8 H15 N O6'
#
# COMPACT_ATOMS: atom_id res chain seq x y z
N CYS A 40 8.75 10.62 -40.40
CA CYS A 40 8.61 11.05 -38.96
C CYS A 40 9.92 10.92 -38.19
N SER A 41 10.51 12.05 -37.86
CA SER A 41 11.67 12.09 -36.99
C SER A 41 11.21 12.35 -35.57
N LEU A 42 11.81 11.63 -34.62
CA LEU A 42 11.58 11.85 -33.19
C LEU A 42 12.80 12.51 -32.53
N ASP A 43 13.55 13.29 -33.31
CA ASP A 43 14.72 13.98 -32.80
C ASP A 43 14.24 15.20 -32.02
N GLN A 44 14.32 15.12 -30.70
CA GLN A 44 13.94 16.24 -29.84
C GLN A 44 15.10 17.21 -29.55
N THR A 45 16.20 17.11 -30.29
CA THR A 45 17.28 18.10 -30.22
C THR A 45 17.18 19.13 -31.34
N VAL A 46 16.24 18.94 -32.26
CA VAL A 46 15.99 19.89 -33.35
C VAL A 46 14.50 20.22 -33.40
N ALA A 47 14.14 21.17 -34.26
CA ALA A 47 12.76 21.62 -34.36
C ALA A 47 11.88 20.44 -34.77
N PRO A 48 10.61 20.45 -34.32
CA PRO A 48 9.73 19.35 -34.70
C PRO A 48 9.36 19.42 -36.17
N GLY A 49 9.30 18.27 -36.82
CA GLY A 49 8.83 18.21 -38.19
C GLY A 49 7.33 18.24 -38.26
N ASN A 50 6.80 17.63 -39.31
CA ASN A 50 5.38 17.41 -39.45
C ASN A 50 5.06 16.13 -38.70
N LEU A 51 4.64 16.29 -37.45
CA LEU A 51 4.39 15.13 -36.58
C LEU A 51 3.11 14.36 -36.96
N THR A 52 2.23 14.96 -37.77
CA THR A 52 1.06 14.24 -38.30
C THR A 52 1.41 13.09 -39.23
N LEU A 53 2.66 13.05 -39.73
CA LEU A 53 3.16 11.91 -40.50
C LEU A 53 3.58 10.72 -39.64
N CYS A 54 3.73 10.94 -38.33
CA CYS A 54 4.14 9.88 -37.42
C CYS A 54 3.05 8.83 -37.27
N GLY A 55 3.48 7.61 -37.02
CA GLY A 55 2.58 6.48 -36.86
C GLY A 55 1.83 6.51 -35.54
N ASN A 56 0.89 5.59 -35.41
CA ASN A 56 0.07 5.47 -34.20
C ASN A 56 0.93 5.19 -33.00
N ALA A 57 0.72 5.94 -31.90
CA ALA A 57 1.44 5.72 -30.65
C ALA A 57 2.97 5.89 -30.73
N THR A 58 3.48 6.55 -31.80
CA THR A 58 4.92 6.85 -31.90
C THR A 58 5.32 7.96 -30.91
N LEU A 59 4.36 8.79 -30.49
CA LEU A 59 4.60 9.79 -29.46
C LEU A 59 4.02 9.36 -28.10
N PHE A 60 3.98 8.05 -27.84
CA PHE A 60 3.32 7.55 -26.62
C PHE A 60 3.97 8.07 -25.35
N THR A 61 5.30 7.97 -25.25
CA THR A 61 6.00 8.39 -24.03
C THR A 61 6.39 9.88 -24.00
N THR A 62 6.33 10.56 -25.14
CA THR A 62 6.92 11.89 -25.29
C THR A 62 6.40 12.92 -24.30
N PHE A 63 5.08 12.95 -24.12
CA PHE A 63 4.41 13.93 -23.28
C PHE A 63 3.64 13.28 -22.12
N ARG A 64 3.89 12.01 -21.86
CA ARG A 64 2.97 11.20 -21.04
C ARG A 64 3.22 11.35 -19.54
N PRO A 65 2.17 11.64 -18.75
CA PRO A 65 2.37 11.64 -17.30
C PRO A 65 2.84 10.27 -16.78
N LYS A 66 3.71 10.30 -15.78
CA LYS A 66 4.23 9.09 -15.12
C LYS A 66 3.84 8.98 -13.63
N ALA A 67 3.41 10.07 -12.99
CA ALA A 67 3.25 10.14 -11.54
C ALA A 67 1.79 10.22 -11.05
N ARG A 68 0.84 9.92 -11.94
CA ARG A 68 -0.58 10.06 -11.63
C ARG A 68 -1.39 8.95 -12.25
N PHE A 69 -2.67 8.94 -11.90
CA PHE A 69 -3.61 7.98 -12.46
C PHE A 69 -3.85 8.30 -13.94
N ILE A 70 -3.65 7.28 -14.78
CA ILE A 70 -3.93 7.35 -16.20
C ILE A 70 -4.20 5.94 -16.70
N ALA A 71 -5.05 5.81 -17.71
CA ALA A 71 -5.33 4.50 -18.33
C ALA A 71 -4.05 3.93 -18.95
N PRO A 72 -3.98 2.60 -19.14
CA PRO A 72 -2.82 2.04 -19.84
C PRO A 72 -2.62 2.58 -21.26
N GLU A 73 -3.72 2.85 -21.96
CA GLU A 73 -3.67 3.39 -23.31
C GLU A 73 -5.07 3.85 -23.70
N GLY A 74 -5.14 4.57 -24.82
CA GLY A 74 -6.41 4.93 -25.41
C GLY A 74 -7.13 6.06 -24.69
N TRP A 75 -8.43 6.13 -24.93
CA TRP A 75 -9.27 7.21 -24.44
C TRP A 75 -9.71 6.97 -23.00
N MET A 76 -9.59 8.00 -22.16
CA MET A 76 -10.27 8.02 -20.88
C MET A 76 -10.93 9.37 -20.66
N ASN A 77 -11.99 9.38 -19.85
CA ASN A 77 -12.51 10.63 -19.33
C ASN A 77 -12.86 10.53 -17.84
N ALA A 78 -14.13 10.69 -17.47
CA ALA A 78 -14.53 10.91 -16.07
C ALA A 78 -14.14 9.78 -15.14
N PRO A 79 -13.64 10.12 -13.93
CA PRO A 79 -13.58 9.12 -12.86
C PRO A 79 -14.97 8.61 -12.54
N MET A 80 -15.03 7.37 -12.07
CA MET A 80 -16.30 6.75 -11.71
C MET A 80 -16.05 5.62 -10.73
N GLY A 81 -17.13 5.17 -10.09
CA GLY A 81 -17.09 4.00 -9.21
C GLY A 81 -16.04 4.03 -8.12
N LEU A 82 -15.78 5.21 -7.57
CA LEU A 82 -14.76 5.39 -6.57
C LEU A 82 -15.23 4.89 -5.21
N TYR A 83 -14.43 4.05 -4.58
CA TYR A 83 -14.72 3.65 -3.19
C TYR A 83 -13.50 3.07 -2.50
N GLN A 84 -13.50 3.20 -1.18
CA GLN A 84 -12.49 2.56 -0.37
C GLN A 84 -12.97 1.16 -0.05
N ARG A 85 -12.19 0.17 -0.43
CA ARG A 85 -12.56 -1.23 -0.28
C ARG A 85 -12.38 -1.65 1.18
N ALA A 86 -12.89 -2.82 1.50
CA ALA A 86 -12.84 -3.37 2.87
C ALA A 86 -11.40 -3.48 3.42
N ASP A 87 -10.43 -3.75 2.56
CA ASP A 87 -9.02 -3.84 2.99
C ASP A 87 -8.32 -2.49 3.12
N GLY A 88 -9.06 -1.39 2.92
CA GLY A 88 -8.51 -0.05 3.03
C GLY A 88 -7.97 0.53 1.74
N SER A 89 -7.81 -0.31 0.70
CA SER A 89 -7.33 0.17 -0.60
C SER A 89 -8.39 0.98 -1.33
N ILE A 90 -7.95 1.74 -2.32
CA ILE A 90 -8.84 2.60 -3.09
C ILE A 90 -9.09 1.95 -4.43
N HIS A 91 -10.37 1.78 -4.78
CA HIS A 91 -10.80 1.36 -6.10
C HIS A 91 -11.18 2.60 -6.88
N ALA A 92 -10.54 2.78 -8.04
CA ALA A 92 -10.89 3.88 -8.94
C ALA A 92 -11.28 3.33 -10.29
N GLY A 93 -12.47 3.69 -10.74
CA GLY A 93 -12.92 3.44 -12.09
C GLY A 93 -12.77 4.68 -12.95
N TYR A 94 -12.91 4.50 -14.26
CA TYR A 94 -12.89 5.62 -15.20
C TYR A 94 -13.54 5.26 -16.50
N GLN A 95 -14.19 6.26 -17.09
CA GLN A 95 -14.76 6.14 -18.42
C GLN A 95 -13.61 5.82 -19.38
N SER A 96 -13.74 4.73 -20.13
CA SER A 96 -12.64 4.16 -20.89
C SER A 96 -13.06 3.66 -22.26
N HIS A 97 -12.25 3.97 -23.27
CA HIS A 97 -12.38 3.39 -24.61
C HIS A 97 -11.00 2.96 -25.10
N PRO A 98 -10.59 1.72 -24.75
CA PRO A 98 -9.30 1.22 -25.18
C PRO A 98 -9.11 1.16 -26.70
N LYS A 99 -7.87 1.35 -27.12
CA LYS A 99 -7.46 1.19 -28.52
C LYS A 99 -8.15 2.20 -29.47
N HIS A 100 -8.64 3.29 -28.90
CA HIS A 100 -9.25 4.40 -29.62
C HIS A 100 -8.74 5.68 -28.96
N ILE A 101 -8.82 6.81 -29.67
CA ILE A 101 -8.45 8.10 -29.11
C ILE A 101 -9.59 9.12 -29.11
N GLN A 102 -10.80 8.66 -29.44
CA GLN A 102 -12.02 9.39 -29.17
C GLN A 102 -12.98 8.49 -28.39
N TRP A 103 -13.94 9.13 -27.75
CA TRP A 103 -14.95 8.47 -26.92
C TRP A 103 -15.79 7.47 -27.71
N GLY A 104 -16.18 6.40 -27.05
CA GLY A 104 -17.10 5.43 -27.63
C GLY A 104 -17.14 4.16 -26.80
N ASN A 105 -18.17 3.35 -27.03
CA ASN A 105 -18.40 2.10 -26.30
C ASN A 105 -18.02 2.22 -24.84
N ILE A 106 -18.47 3.30 -24.22
CA ILE A 106 -17.78 3.77 -23.03
C ILE A 106 -18.02 2.77 -21.89
N SER A 107 -16.93 2.46 -21.21
CA SER A 107 -16.84 1.35 -20.27
C SER A 107 -16.15 1.84 -19.01
N GLN A 108 -16.24 1.04 -17.94
CA GLN A 108 -15.44 1.30 -16.74
C GLN A 108 -14.11 0.54 -16.83
N GLY A 109 -13.02 1.28 -16.98
CA GLY A 109 -11.67 0.78 -16.71
C GLY A 109 -11.44 0.93 -15.21
N ALA A 110 -10.58 0.09 -14.63
CA ALA A 110 -10.38 0.17 -13.20
C ALA A 110 -8.98 -0.21 -12.73
N ALA A 111 -8.65 0.28 -11.56
CA ALA A 111 -7.38 -0.01 -10.91
C ALA A 111 -7.52 0.21 -9.41
N TYR A 112 -6.52 -0.22 -8.64
CA TYR A 112 -6.52 -0.04 -7.21
C TYR A 112 -5.17 0.40 -6.65
N SER A 113 -5.22 0.99 -5.46
CA SER A 113 -4.03 1.54 -4.79
C SER A 113 -4.21 1.53 -3.29
N SER A 114 -3.15 1.29 -2.56
CA SER A 114 -3.21 1.41 -1.10
C SER A 114 -2.92 2.84 -0.60
N ASP A 115 -2.50 3.76 -1.48
CA ASP A 115 -2.05 5.10 -1.03
C ASP A 115 -2.38 6.25 -1.97
N PHE A 116 -3.38 6.05 -2.84
CA PHE A 116 -3.77 7.01 -3.90
C PHE A 116 -2.70 7.27 -4.97
N THR A 117 -1.53 6.64 -4.85
CA THR A 117 -0.33 7.15 -5.52
C THR A 117 0.31 6.11 -6.43
N SER A 118 0.54 4.91 -5.91
CA SER A 118 1.03 3.78 -6.68
C SER A 118 -0.14 2.84 -6.96
N TRP A 119 -0.37 2.56 -8.25
CA TRP A 119 -1.58 1.85 -8.70
C TRP A 119 -1.26 0.55 -9.38
N THR A 120 -2.26 -0.33 -9.40
CA THR A 120 -2.23 -1.60 -10.13
C THR A 120 -3.51 -1.77 -10.93
N ASP A 121 -3.37 -2.11 -12.21
CA ASP A 121 -4.52 -2.36 -13.07
C ASP A 121 -5.22 -3.66 -12.71
N PHE A 122 -6.54 -3.70 -12.81
CA PHE A 122 -7.23 -4.98 -12.86
C PHE A 122 -6.91 -5.61 -14.23
N ASN A 123 -6.89 -6.94 -14.27
CA ASN A 123 -6.70 -7.70 -15.50
C ASN A 123 -7.66 -8.88 -15.49
N GLY A 124 -8.65 -8.85 -16.37
CA GLY A 124 -9.67 -9.88 -16.48
C GLY A 124 -9.87 -10.25 -17.94
N SER A 125 -11.01 -10.84 -18.24
CA SER A 125 -11.31 -11.28 -19.60
C SER A 125 -11.38 -10.12 -20.58
N GLU A 126 -11.72 -8.91 -20.10
CA GLU A 126 -11.73 -7.69 -20.95
C GLU A 126 -10.60 -6.74 -20.61
N GLY A 127 -9.43 -7.29 -20.29
CA GLY A 127 -8.26 -6.49 -19.98
C GLY A 127 -8.45 -5.71 -18.69
N TYR A 128 -8.32 -4.39 -18.77
CA TYR A 128 -8.48 -3.55 -17.61
C TYR A 128 -9.91 -3.01 -17.45
N LYS A 129 -10.81 -3.37 -18.36
CA LYS A 129 -12.23 -3.06 -18.20
C LYS A 129 -12.88 -4.01 -17.18
N THR A 130 -13.84 -3.48 -16.43
CA THR A 130 -14.64 -4.30 -15.52
C THR A 130 -16.16 -4.15 -15.72
N ILE A 131 -16.61 -3.10 -16.40
CA ILE A 131 -18.01 -2.98 -16.85
C ILE A 131 -17.99 -2.42 -18.27
N TRP A 132 -18.83 -2.97 -19.13
CA TRP A 132 -18.91 -2.58 -20.52
C TRP A 132 -20.34 -2.69 -21.01
N PRO A 133 -20.66 -1.97 -22.11
CA PRO A 133 -21.97 -2.12 -22.73
C PRO A 133 -22.24 -3.57 -23.10
N SER A 134 -23.39 -4.09 -22.68
CA SER A 134 -23.74 -5.48 -22.94
C SER A 134 -25.23 -5.83 -23.05
N GLN A 135 -26.11 -4.86 -22.81
CA GLN A 135 -27.54 -5.08 -22.72
C GLN A 135 -28.21 -3.96 -23.48
N ILE A 136 -29.43 -4.19 -23.95
CA ILE A 136 -30.16 -3.15 -24.67
C ILE A 136 -30.20 -1.82 -23.91
N TYR A 137 -30.28 -1.90 -22.58
CA TYR A 137 -30.41 -0.70 -21.74
C TYR A 137 -29.12 0.09 -21.56
N ASP A 138 -27.95 -0.54 -21.75
CA ASP A 138 -26.66 0.15 -21.63
C ASP A 138 -25.72 0.01 -22.85
N ILE A 139 -26.24 -0.49 -23.97
CA ILE A 139 -25.40 -0.82 -25.14
C ILE A 139 -24.73 0.42 -25.75
N ARG A 140 -25.32 1.61 -25.54
CA ARG A 140 -24.79 2.85 -26.08
C ARG A 140 -23.68 3.44 -25.20
N GLY A 141 -23.47 2.88 -24.01
CA GLY A 141 -22.43 3.34 -23.11
C GLY A 141 -22.79 3.10 -21.64
N VAL A 142 -21.80 2.63 -20.89
CA VAL A 142 -21.84 2.58 -19.44
C VAL A 142 -21.25 3.90 -18.96
N PHE A 143 -22.12 4.85 -18.68
CA PHE A 143 -21.74 6.21 -18.28
C PHE A 143 -21.34 6.22 -16.79
N ASP A 144 -21.09 7.41 -16.25
CA ASP A 144 -20.66 7.59 -14.86
C ASP A 144 -21.64 6.91 -13.88
N GLY A 145 -21.07 6.45 -12.78
CA GLY A 145 -21.82 5.86 -11.68
C GLY A 145 -21.04 5.94 -10.40
N SER A 146 -21.71 5.64 -9.29
CA SER A 146 -21.15 5.76 -7.96
C SER A 146 -21.54 4.54 -7.11
N ILE A 147 -20.88 4.40 -5.97
CA ILE A 147 -20.88 3.16 -5.21
C ILE A 147 -21.75 3.21 -3.96
N ILE A 148 -22.59 2.19 -3.83
CA ILE A 148 -23.27 1.82 -2.60
C ILE A 148 -22.39 0.76 -1.93
N LYS A 149 -21.74 1.10 -0.83
CA LYS A 149 -20.74 0.19 -0.27
C LYS A 149 -21.35 -1.10 0.27
N GLU A 150 -22.53 -1.00 0.89
CA GLU A 150 -23.28 -2.18 1.34
C GLU A 150 -24.58 -2.31 0.58
N GLY A 151 -24.49 -2.93 -0.59
CA GLY A 151 -25.58 -2.95 -1.53
C GLY A 151 -26.19 -4.33 -1.67
N ILE A 152 -26.35 -4.77 -2.91
CA ILE A 152 -27.05 -6.00 -3.23
C ILE A 152 -26.35 -7.17 -2.54
N ASP A 153 -27.10 -7.93 -1.74
CA ASP A 153 -26.55 -9.06 -0.96
C ASP A 153 -25.36 -8.69 -0.08
N GLY A 154 -25.32 -7.43 0.35
CA GLY A 154 -24.22 -6.91 1.15
C GLY A 154 -22.95 -6.50 0.40
N TYR A 155 -22.95 -6.64 -0.92
CA TYR A 155 -21.74 -6.39 -1.74
C TYR A 155 -21.67 -4.94 -2.22
N PRO A 156 -20.44 -4.45 -2.50
CA PRO A 156 -20.36 -3.14 -3.13
C PRO A 156 -21.14 -3.16 -4.44
N THR A 157 -21.89 -2.09 -4.67
CA THR A 157 -22.85 -2.01 -5.73
C THR A 157 -22.71 -0.66 -6.42
N ILE A 158 -22.71 -0.67 -7.74
CA ILE A 158 -22.62 0.57 -8.51
C ILE A 158 -24.00 0.88 -9.07
N LEU A 159 -24.41 2.14 -8.92
CA LEU A 159 -25.54 2.68 -9.63
C LEU A 159 -24.96 3.58 -10.70
N TYR A 160 -25.24 3.26 -11.97
CA TYR A 160 -24.62 3.95 -13.12
C TYR A 160 -25.63 4.33 -14.16
N THR A 161 -25.28 5.29 -15.00
CA THR A 161 -26.14 5.66 -16.10
C THR A 161 -25.95 4.68 -17.25
N SER A 162 -27.00 3.91 -17.50
CA SER A 162 -27.08 2.98 -18.61
C SER A 162 -27.72 3.70 -19.78
N THR A 163 -27.01 3.78 -20.92
CA THR A 163 -27.53 4.52 -22.07
C THR A 163 -27.88 3.59 -23.22
N SER A 164 -28.93 3.98 -23.94
CA SER A 164 -29.36 3.26 -25.12
C SER A 164 -29.44 4.25 -26.29
N PHE A 165 -30.19 3.90 -27.32
N PHE A 165 -30.19 3.89 -27.33
CA PHE A 165 -30.23 4.65 -28.56
CA PHE A 165 -30.22 4.66 -28.58
C PHE A 165 -30.97 5.97 -28.44
C PHE A 165 -30.97 5.97 -28.44
N GLY A 166 -30.69 6.87 -29.38
CA GLY A 166 -31.44 8.12 -29.55
C GLY A 166 -30.56 9.33 -29.32
N PRO A 167 -31.02 10.50 -29.75
CA PRO A 167 -30.28 11.73 -29.48
C PRO A 167 -30.00 11.88 -27.97
N LEU A 168 -28.77 12.21 -27.62
CA LEU A 168 -28.35 12.32 -26.24
C LEU A 168 -27.50 13.59 -26.13
N GLY A 169 -27.98 14.55 -25.34
CA GLY A 169 -27.24 15.79 -25.13
C GLY A 169 -28.11 16.95 -24.74
N ALA A 170 -27.50 17.89 -24.03
CA ALA A 170 -28.19 19.07 -23.54
C ALA A 170 -28.65 20.00 -24.66
N THR A 171 -27.99 19.96 -25.82
CA THR A 171 -28.37 20.77 -26.98
C THR A 171 -29.19 20.00 -28.03
N LEU A 172 -29.53 18.74 -27.74
CA LEU A 172 -30.33 17.91 -28.64
C LEU A 172 -31.70 17.68 -28.02
N ASN A 173 -32.56 16.99 -28.77
CA ASN A 173 -33.89 16.65 -28.30
C ASN A 173 -33.93 15.22 -27.78
N GLU A 174 -33.39 15.04 -26.58
CA GLU A 174 -33.33 13.73 -25.95
C GLU A 174 -34.72 13.29 -25.50
N ALA A 175 -34.93 11.98 -25.51
CA ALA A 175 -36.18 11.39 -25.04
C ALA A 175 -35.89 10.44 -23.90
N GLU A 176 -36.94 10.21 -23.14
CA GLU A 176 -36.95 9.29 -22.03
C GLU A 176 -36.54 7.89 -22.49
N GLY A 177 -35.73 7.21 -21.69
CA GLY A 177 -35.23 5.88 -22.01
C GLY A 177 -33.79 5.87 -22.52
N THR A 178 -33.38 6.93 -23.21
CA THR A 178 -32.02 7.02 -23.73
C THR A 178 -30.99 7.00 -22.61
N GLU A 179 -31.29 7.67 -21.49
CA GLU A 179 -30.48 7.59 -20.29
C GLU A 179 -31.32 7.05 -19.15
N THR A 180 -30.93 5.90 -18.63
CA THR A 180 -31.56 5.31 -17.45
C THR A 180 -30.47 5.00 -16.41
N GLN A 181 -30.88 4.53 -15.24
CA GLN A 181 -29.93 4.22 -14.19
C GLN A 181 -30.09 2.77 -13.77
N SER A 182 -28.95 2.07 -13.69
CA SER A 182 -28.92 0.63 -13.50
C SER A 182 -27.94 0.26 -12.41
N LEU A 183 -28.12 -0.95 -11.88
CA LEU A 183 -27.28 -1.50 -10.82
C LEU A 183 -26.43 -2.68 -11.26
N ALA A 184 -25.24 -2.76 -10.69
CA ALA A 184 -24.42 -3.97 -10.73
C ALA A 184 -23.70 -4.10 -9.42
N TYR A 185 -23.29 -5.31 -9.06
CA TYR A 185 -22.57 -5.53 -7.82
C TYR A 185 -21.36 -6.42 -8.04
N THR A 186 -20.40 -6.33 -7.13
CA THR A 186 -19.17 -7.10 -7.23
C THR A 186 -18.99 -8.05 -6.04
N THR A 187 -18.69 -9.30 -6.34
CA THR A 187 -18.39 -10.30 -5.32
C THR A 187 -16.89 -10.55 -5.17
N ASP A 188 -16.07 -9.82 -5.94
CA ASP A 188 -14.62 -10.00 -5.93
C ASP A 188 -13.87 -8.67 -5.83
N ASP A 189 -14.43 -7.74 -5.06
CA ASP A 189 -13.80 -6.46 -4.77
C ASP A 189 -13.40 -5.64 -6.02
N GLY A 190 -14.26 -5.69 -7.04
CA GLY A 190 -14.09 -4.86 -8.24
C GLY A 190 -13.37 -5.51 -9.41
N ALA A 191 -12.96 -6.77 -9.28
CA ALA A 191 -12.40 -7.49 -10.44
C ALA A 191 -13.47 -7.71 -11.50
N SER A 192 -14.72 -7.91 -11.09
CA SER A 192 -15.85 -8.05 -12.01
C SER A 192 -17.12 -7.53 -11.37
N TRP A 193 -18.10 -7.24 -12.22
CA TRP A 193 -19.41 -6.77 -11.74
C TRP A 193 -20.49 -7.60 -12.42
N ILE A 194 -21.54 -7.90 -11.66
CA ILE A 194 -22.71 -8.61 -12.16
C ILE A 194 -23.89 -7.63 -12.17
N LYS A 195 -24.44 -7.40 -13.35
CA LYS A 195 -25.59 -6.52 -13.51
C LYS A 195 -26.83 -7.27 -13.07
N LEU A 196 -27.79 -6.56 -12.49
CA LEU A 196 -29.13 -7.13 -12.33
C LEU A 196 -29.70 -7.44 -13.71
N GLY A 197 -30.65 -8.36 -13.77
CA GLY A 197 -31.30 -8.69 -15.05
C GLY A 197 -32.05 -7.52 -15.66
N TYR A 198 -32.29 -7.59 -16.96
CA TYR A 198 -33.12 -6.61 -17.63
C TYR A 198 -34.59 -6.97 -17.39
N GLY A 199 -35.38 -6.02 -16.91
CA GLY A 199 -36.83 -6.19 -16.90
C GLY A 199 -37.56 -5.48 -15.79
N ALA A 200 -38.87 -5.77 -15.70
CA ALA A 200 -39.74 -5.16 -14.69
C ALA A 200 -39.25 -5.56 -13.30
N GLY A 201 -39.06 -4.55 -12.45
CA GLY A 201 -38.56 -4.78 -11.09
C GLY A 201 -37.07 -5.07 -11.00
N GLN A 202 -36.34 -4.92 -12.11
CA GLN A 202 -34.91 -5.16 -12.15
C GLN A 202 -34.30 -3.97 -12.91
N ASN A 203 -33.24 -4.20 -13.70
CA ASN A 203 -32.64 -3.09 -14.45
C ASN A 203 -33.44 -2.67 -15.68
N PRO A 204 -33.42 -1.39 -16.02
CA PRO A 204 -32.88 -0.31 -15.20
C PRO A 204 -33.84 0.01 -14.05
N VAL A 205 -33.27 0.49 -12.96
CA VAL A 205 -34.04 0.77 -11.74
C VAL A 205 -34.64 2.18 -11.70
N ILE A 206 -34.02 3.13 -12.41
CA ILE A 206 -34.61 4.46 -12.55
C ILE A 206 -34.64 4.80 -14.03
N TYR A 207 -35.84 5.04 -14.55
CA TYR A 207 -36.04 5.29 -15.98
C TYR A 207 -37.01 6.41 -16.29
N GLU A 208 -37.98 6.68 -15.40
CA GLU A 208 -38.93 7.76 -15.62
C GLU A 208 -38.29 9.10 -15.38
N TRP A 209 -38.44 10.00 -16.34
CA TRP A 209 -38.00 11.37 -16.18
C TRP A 209 -38.85 12.06 -15.11
N PRO A 210 -38.22 12.73 -14.14
CA PRO A 210 -39.00 13.43 -13.11
C PRO A 210 -39.73 14.68 -13.63
N GLU A 211 -39.25 15.30 -14.71
CA GLU A 211 -39.93 16.42 -15.37
C GLU A 211 -39.76 16.22 -16.87
N THR A 212 -40.57 16.90 -17.69
CA THR A 212 -40.45 16.76 -19.15
C THR A 212 -39.30 17.59 -19.69
N ASN A 213 -38.90 17.31 -20.93
CA ASN A 213 -37.94 18.12 -21.69
C ASN A 213 -36.60 18.32 -20.99
N LEU A 214 -36.08 17.24 -20.42
CA LEU A 214 -34.78 17.27 -19.77
C LEU A 214 -33.65 17.47 -20.77
N THR A 215 -32.65 18.25 -20.34
CA THR A 215 -31.42 18.41 -21.07
C THR A 215 -30.47 17.24 -20.81
N GLY A 216 -30.69 16.51 -19.72
CA GLY A 216 -29.83 15.40 -19.35
C GLY A 216 -30.40 14.68 -18.15
N PHE A 217 -29.95 13.46 -17.92
CA PHE A 217 -30.48 12.63 -16.85
C PHE A 217 -29.48 11.53 -16.54
N ARG A 218 -28.42 11.89 -15.84
CA ARG A 218 -27.28 11.00 -15.68
C ARG A 218 -26.42 11.28 -14.46
N ASP A 219 -25.44 10.40 -14.27
CA ASP A 219 -24.37 10.57 -13.29
C ASP A 219 -24.93 10.45 -11.86
N PRO A 220 -25.58 9.31 -11.55
CA PRO A 220 -26.18 9.15 -10.24
C PRO A 220 -25.12 9.13 -9.15
N TYR A 221 -25.33 9.95 -8.12
CA TYR A 221 -24.41 10.03 -7.01
C TYR A 221 -25.13 9.55 -5.76
N VAL A 222 -24.73 8.37 -5.27
CA VAL A 222 -25.37 7.76 -4.11
C VAL A 222 -24.56 8.12 -2.86
N PHE A 223 -25.26 8.52 -1.81
CA PHE A 223 -24.60 8.94 -0.56
C PHE A 223 -25.54 8.75 0.63
N GLN A 224 -24.94 8.51 1.79
CA GLN A 224 -25.67 8.49 3.06
C GLN A 224 -25.54 9.89 3.65
N SER A 225 -26.55 10.31 4.41
CA SER A 225 -26.60 11.66 4.95
C SER A 225 -27.47 11.72 6.19
N PRO A 226 -26.85 11.58 7.38
CA PRO A 226 -27.55 11.84 8.65
C PRO A 226 -28.22 13.21 8.65
N ARG A 227 -27.57 14.21 8.03
CA ARG A 227 -28.13 15.54 7.84
C ARG A 227 -29.48 15.53 7.13
N LEU A 228 -29.52 14.96 5.93
CA LEU A 228 -30.76 14.92 5.17
C LEU A 228 -31.82 14.03 5.82
N GLU A 229 -31.41 12.93 6.45
CA GLU A 229 -32.36 12.07 7.18
C GLU A 229 -33.06 12.83 8.32
N ALA A 230 -32.27 13.56 9.11
CA ALA A 230 -32.82 14.38 10.21
C ALA A 230 -33.80 15.43 9.69
N LEU A 231 -33.45 16.09 8.59
CA LEU A 231 -34.32 17.11 7.99
C LEU A 231 -35.63 16.56 7.46
N LEU A 232 -35.61 15.35 6.91
CA LEU A 232 -36.79 14.75 6.30
C LEU A 232 -37.61 13.88 7.24
N ALA A 233 -37.11 13.62 8.45
CA ALA A 233 -37.73 12.66 9.38
C ALA A 233 -39.21 12.97 9.69
N ASN A 234 -39.56 14.25 9.77
CA ASN A 234 -40.95 14.64 10.03
C ASN A 234 -41.90 14.59 8.83
N THR A 235 -41.36 14.30 7.64
CA THR A 235 -42.15 14.26 6.40
C THR A 235 -42.25 12.87 5.75
N THR A 236 -41.70 11.83 6.38
CA THR A 236 -41.64 10.51 5.71
C THR A 236 -43.01 9.89 5.43
N SER A 237 -44.05 10.29 6.19
CA SER A 237 -45.43 9.91 5.84
C SER A 237 -45.91 10.46 4.51
N ILE A 238 -45.37 11.59 4.08
CA ILE A 238 -45.82 12.20 2.82
C ILE A 238 -45.33 11.39 1.60
N THR A 239 -44.08 10.94 1.66
CA THR A 239 -43.43 10.25 0.53
C THR A 239 -43.28 8.74 0.71
N ASN A 240 -43.33 8.26 1.96
CA ASN A 240 -43.00 6.87 2.33
C ASN A 240 -41.55 6.43 2.09
N ALA A 241 -40.66 7.37 1.75
CA ALA A 241 -39.26 7.04 1.47
C ALA A 241 -38.47 7.18 2.77
N THR A 242 -37.97 6.06 3.27
CA THR A 242 -37.31 5.99 4.57
C THR A 242 -35.93 5.36 4.54
N GLY A 243 -35.38 5.09 3.36
CA GLY A 243 -34.06 4.47 3.25
C GLY A 243 -32.93 5.36 3.70
N ASP A 244 -31.78 4.73 3.94
CA ASP A 244 -30.58 5.44 4.41
C ASP A 244 -29.61 5.87 3.29
N HIS A 245 -29.98 5.65 2.03
CA HIS A 245 -29.23 6.19 0.89
C HIS A 245 -30.04 7.19 0.11
N PHE A 246 -29.38 8.27 -0.26
CA PHE A 246 -29.93 9.25 -1.19
C PHE A 246 -29.16 9.13 -2.52
N ALA A 247 -29.78 9.60 -3.59
CA ALA A 247 -29.10 9.69 -4.88
C ALA A 247 -29.51 10.94 -5.62
N THR A 248 -28.53 11.69 -6.11
CA THR A 248 -28.82 12.77 -7.03
C THR A 248 -28.60 12.32 -8.46
N ILE A 249 -29.39 12.88 -9.38
CA ILE A 249 -29.19 12.68 -10.82
C ILE A 249 -29.06 14.07 -11.44
N SER A 250 -28.05 14.23 -12.29
CA SER A 250 -27.67 15.50 -12.86
C SER A 250 -28.38 15.74 -14.19
N GLY A 251 -28.91 16.93 -14.35
CA GLY A 251 -29.57 17.27 -15.60
C GLY A 251 -29.96 18.73 -15.68
N GLY A 252 -31.16 18.97 -16.18
CA GLY A 252 -31.67 20.32 -16.41
C GLY A 252 -32.91 20.25 -17.26
N VAL A 253 -33.46 21.42 -17.60
CA VAL A 253 -34.70 21.51 -18.36
C VAL A 253 -34.48 22.48 -19.51
N HIS A 254 -34.89 22.07 -20.71
CA HIS A 254 -34.63 22.84 -21.93
C HIS A 254 -35.15 24.27 -21.77
N GLY A 255 -34.28 25.22 -22.06
CA GLY A 255 -34.60 26.64 -21.95
C GLY A 255 -34.69 27.21 -20.55
N ASP A 256 -34.58 26.39 -19.50
CA ASP A 256 -34.88 26.84 -18.14
C ASP A 256 -33.82 26.49 -17.09
N GLY A 257 -32.59 26.22 -17.53
CA GLY A 257 -31.47 26.01 -16.63
C GLY A 257 -31.28 24.59 -16.12
N ALA A 258 -30.21 24.42 -15.35
CA ALA A 258 -29.79 23.13 -14.83
C ALA A 258 -30.60 22.70 -13.62
N ARG A 259 -30.57 21.39 -13.35
CA ARG A 259 -31.26 20.80 -12.23
C ARG A 259 -30.42 19.66 -11.65
N LEU A 260 -30.39 19.56 -10.34
CA LEU A 260 -29.89 18.38 -9.67
C LEU A 260 -31.10 17.77 -8.97
N PHE A 261 -31.49 16.57 -9.40
CA PHE A 261 -32.71 15.90 -8.91
C PHE A 261 -32.35 14.99 -7.74
N LEU A 262 -33.14 15.05 -6.67
CA LEU A 262 -32.87 14.24 -5.47
C LEU A 262 -33.87 13.09 -5.35
N TYR A 263 -33.31 11.90 -5.18
CA TYR A 263 -34.04 10.68 -4.92
C TYR A 263 -33.63 10.16 -3.58
N ARG A 264 -34.53 9.43 -2.94
CA ARG A 264 -34.23 8.70 -1.73
C ARG A 264 -34.63 7.26 -1.90
N GLN A 265 -33.73 6.37 -1.49
CA GLN A 265 -33.98 4.94 -1.41
C GLN A 265 -35.26 4.74 -0.59
N HIS A 266 -36.20 4.00 -1.17
CA HIS A 266 -37.52 3.91 -0.57
C HIS A 266 -37.50 3.14 0.74
N THR A 267 -36.75 2.03 0.78
CA THR A 267 -36.67 1.19 1.96
C THR A 267 -35.24 0.75 2.20
N THR A 268 -34.78 0.89 3.44
CA THR A 268 -33.44 0.45 3.84
C THR A 268 -33.24 -1.02 3.48
N GLY A 269 -32.05 -1.35 2.98
CA GLY A 269 -31.72 -2.71 2.59
C GLY A 269 -32.31 -3.20 1.27
N GLU A 270 -33.04 -2.34 0.56
CA GLU A 270 -33.64 -2.69 -0.71
C GLU A 270 -33.22 -1.64 -1.75
N PHE A 271 -32.80 -2.09 -2.94
CA PHE A 271 -32.10 -1.20 -3.88
C PHE A 271 -32.76 -1.00 -5.23
N ILE A 272 -33.95 -1.56 -5.42
CA ILE A 272 -34.68 -1.43 -6.66
C ILE A 272 -35.44 -0.11 -6.68
N LYS A 273 -36.13 0.22 -5.58
CA LYS A 273 -37.06 1.35 -5.57
C LYS A 273 -36.43 2.62 -5.01
N TRP A 274 -36.37 3.66 -5.84
CA TRP A 274 -35.84 4.97 -5.49
C TRP A 274 -36.96 5.97 -5.75
N THR A 275 -37.25 6.80 -4.74
CA THR A 275 -38.39 7.73 -4.81
C THR A 275 -37.87 9.12 -5.11
N TYR A 276 -38.39 9.73 -6.17
CA TYR A 276 -38.06 11.10 -6.50
C TYR A 276 -38.68 12.02 -5.46
N LEU A 277 -37.86 12.84 -4.82
CA LEU A 277 -38.35 13.81 -3.83
C LEU A 277 -38.65 15.15 -4.49
N GLY A 278 -37.66 15.66 -5.21
CA GLY A 278 -37.78 16.94 -5.88
C GLY A 278 -36.41 17.45 -6.32
N PRO A 279 -36.37 18.60 -7.00
CA PRO A 279 -35.10 19.22 -7.35
C PRO A 279 -34.36 19.68 -6.10
N LEU A 280 -33.07 19.37 -6.02
CA LEU A 280 -32.21 19.81 -4.92
C LEU A 280 -31.61 21.16 -5.25
N VAL A 281 -31.04 21.27 -6.45
CA VAL A 281 -30.46 22.52 -6.93
C VAL A 281 -31.13 22.91 -8.23
N THR A 282 -31.58 24.15 -8.29
CA THR A 282 -32.22 24.72 -9.46
C THR A 282 -31.51 26.03 -9.75
N THR A 283 -30.95 26.14 -10.94
CA THR A 283 -30.29 27.37 -11.38
C THR A 283 -30.89 27.79 -12.70
N GLY A 284 -30.62 29.04 -13.08
CA GLY A 284 -31.19 29.63 -14.29
C GLY A 284 -30.37 29.37 -15.52
N TYR A 285 -31.00 29.53 -16.68
CA TYR A 285 -30.36 29.38 -17.98
C TYR A 285 -29.18 30.34 -18.14
N LYS A 286 -27.98 29.76 -18.14
CA LYS A 286 -26.71 30.48 -18.19
C LYS A 286 -26.56 31.56 -17.11
N GLU A 287 -27.17 31.31 -15.94
CA GLU A 287 -27.02 32.16 -14.77
C GLU A 287 -25.58 32.12 -14.28
N SER A 288 -25.05 33.27 -13.88
CA SER A 288 -23.74 33.33 -13.22
C SER A 288 -23.86 34.04 -11.87
N TYR A 289 -23.22 33.47 -10.85
CA TYR A 289 -23.09 34.13 -9.54
C TYR A 289 -21.93 35.16 -9.55
N GLY A 290 -21.13 35.18 -10.61
CA GLY A 290 -20.17 36.25 -10.83
C GLY A 290 -18.79 35.77 -11.22
N GLU A 291 -17.83 36.69 -11.13
CA GLU A 291 -16.45 36.50 -11.61
C GLU A 291 -15.69 35.37 -10.90
N TRP A 292 -16.09 35.06 -9.68
CA TRP A 292 -15.43 34.05 -8.86
C TRP A 292 -16.12 32.69 -8.93
N SER A 293 -17.13 32.55 -9.80
CA SER A 293 -18.06 31.44 -9.69
C SER A 293 -18.41 30.76 -11.02
N GLY A 294 -17.66 31.04 -12.08
CA GLY A 294 -17.97 30.50 -13.41
C GLY A 294 -19.39 30.84 -13.86
N ASN A 295 -20.05 29.86 -14.47
CA ASN A 295 -21.39 30.03 -15.00
C ASN A 295 -22.15 28.71 -14.87
N TYR A 296 -23.42 28.79 -14.47
CA TYR A 296 -24.22 27.58 -14.23
C TYR A 296 -24.76 26.88 -15.50
N GLY A 297 -24.53 27.47 -16.66
CA GLY A 297 -24.77 26.79 -17.93
C GLY A 297 -26.23 26.42 -18.14
N ILE A 298 -26.44 25.30 -18.84
CA ILE A 298 -27.79 24.84 -19.16
C ILE A 298 -28.12 23.44 -18.60
N ASN A 299 -27.12 22.75 -18.07
CA ASN A 299 -27.22 21.35 -17.70
C ASN A 299 -26.11 21.02 -16.74
N PHE A 300 -26.42 20.26 -15.70
CA PHE A 300 -25.41 19.77 -14.76
C PHE A 300 -24.94 18.39 -15.14
N GLU A 301 -23.70 18.10 -14.79
CA GLU A 301 -23.13 16.76 -14.93
C GLU A 301 -22.29 16.42 -13.70
N THR A 302 -22.08 15.13 -13.49
CA THR A 302 -21.22 14.58 -12.43
C THR A 302 -21.35 15.29 -11.09
N ALA A 303 -22.57 15.62 -10.69
CA ALA A 303 -22.77 16.32 -9.44
C ALA A 303 -22.73 15.38 -8.25
N GLY A 304 -22.18 15.87 -7.15
CA GLY A 304 -22.16 15.14 -5.88
C GLY A 304 -22.52 16.05 -4.72
N VAL A 305 -22.87 15.43 -3.60
CA VAL A 305 -23.30 16.10 -2.38
C VAL A 305 -22.43 15.61 -1.25
N THR A 306 -21.89 16.54 -0.46
CA THR A 306 -21.09 16.19 0.69
C THR A 306 -21.32 17.19 1.83
N ARG A 307 -20.70 16.89 2.97
CA ARG A 307 -20.79 17.75 4.15
C ARG A 307 -19.43 17.73 4.78
N LEU A 308 -18.87 18.90 5.02
CA LEU A 308 -17.49 19.02 5.45
C LEU A 308 -17.41 19.91 6.68
N ASN A 309 -16.32 19.75 7.42
CA ASN A 309 -15.99 20.67 8.50
C ASN A 309 -14.49 20.98 8.36
N PRO A 310 -13.91 21.77 9.28
CA PRO A 310 -12.51 22.14 9.04
C PRO A 310 -11.52 20.98 8.92
N ALA A 311 -11.80 19.85 9.56
CA ALA A 311 -10.91 18.69 9.52
C ALA A 311 -11.08 17.79 8.28
N GLY A 312 -12.23 17.85 7.60
CA GLY A 312 -12.53 16.94 6.49
C GLY A 312 -14.01 16.69 6.34
N ALA A 313 -14.39 15.42 6.26
CA ALA A 313 -15.80 15.03 6.12
C ALA A 313 -16.52 15.12 7.46
N ALA A 314 -17.76 15.57 7.42
CA ALA A 314 -18.60 15.69 8.60
C ALA A 314 -19.82 14.80 8.42
N TRP A 315 -20.06 13.90 9.39
CA TRP A 315 -21.20 12.98 9.33
C TRP A 315 -22.25 13.26 10.43
N ASP A 316 -22.27 14.48 10.96
CA ASP A 316 -23.26 14.88 11.96
C ASP A 316 -24.62 15.13 11.30
N ASN A 317 -25.66 15.23 12.13
CA ASN A 317 -27.03 15.46 11.66
C ASN A 317 -27.42 16.95 11.50
N GLY A 318 -26.44 17.85 11.62
CA GLY A 318 -26.70 19.28 11.67
C GLY A 318 -26.18 19.90 12.96
N SER A 319 -25.90 19.07 13.96
CA SER A 319 -25.44 19.54 15.28
C SER A 319 -24.05 20.18 15.30
N ASP A 320 -23.18 19.82 14.36
CA ASP A 320 -21.86 20.44 14.23
C ASP A 320 -22.01 21.80 13.57
N THR A 321 -21.86 22.86 14.35
CA THR A 321 -21.99 24.24 13.84
C THR A 321 -20.84 24.66 12.93
N THR A 322 -19.74 23.91 12.93
CA THR A 322 -18.60 24.18 12.04
C THR A 322 -18.73 23.48 10.68
N ALA A 323 -19.73 22.63 10.52
CA ALA A 323 -19.92 21.87 9.27
C ALA A 323 -20.70 22.66 8.24
N VAL A 324 -20.41 22.41 6.97
CA VAL A 324 -21.04 23.10 5.85
C VAL A 324 -21.44 22.06 4.80
N ASP A 325 -22.63 22.22 4.24
CA ASP A 325 -23.12 21.34 3.17
C ASP A 325 -22.64 21.89 1.83
N PHE A 326 -22.09 21.01 0.99
CA PHE A 326 -21.57 21.40 -0.31
C PHE A 326 -22.14 20.51 -1.40
N VAL A 327 -22.32 21.10 -2.58
CA VAL A 327 -22.58 20.35 -3.80
C VAL A 327 -21.42 20.66 -4.73
N THR A 328 -20.86 19.64 -5.38
CA THR A 328 -19.88 19.85 -6.46
C THR A 328 -20.55 19.40 -7.74
N PHE A 329 -20.29 20.09 -8.84
CA PHE A 329 -21.02 19.84 -10.08
C PHE A 329 -20.35 20.47 -11.29
N GLY A 330 -20.49 19.80 -12.44
CA GLY A 330 -20.07 20.34 -13.71
C GLY A 330 -21.25 21.03 -14.37
N THR A 331 -20.97 22.06 -15.16
CA THR A 331 -22.01 22.70 -15.96
C THR A 331 -21.58 22.73 -17.42
N GLU A 332 -22.57 22.74 -18.32
CA GLU A 332 -22.35 22.74 -19.75
C GLU A 332 -22.94 23.98 -20.41
N GLN A 333 -22.24 24.44 -21.45
CA GLN A 333 -22.70 25.51 -22.33
C GLN A 333 -22.79 26.88 -21.68
N GLY A 334 -22.08 27.07 -20.57
CA GLY A 334 -21.94 28.37 -19.93
C GLY A 334 -20.53 28.90 -20.03
N ARG A 335 -19.76 28.42 -21.02
CA ARG A 335 -18.36 28.79 -21.15
C ARG A 335 -17.96 28.77 -22.61
N ALA A 336 -17.20 29.77 -23.03
CA ALA A 336 -16.83 29.94 -24.42
C ALA A 336 -15.69 29.03 -24.87
N ASP A 337 -14.99 28.43 -23.92
CA ASP A 337 -13.84 27.58 -24.21
C ASP A 337 -13.79 26.49 -23.13
N HIS A 338 -12.67 25.77 -23.00
CA HIS A 338 -12.59 24.64 -22.04
C HIS A 338 -13.74 23.66 -22.25
N GLN A 339 -13.98 23.33 -23.52
CA GLN A 339 -15.00 22.37 -23.91
C GLN A 339 -16.38 22.73 -23.33
N ASN A 340 -16.64 24.03 -23.24
CA ASN A 340 -17.87 24.58 -22.67
C ASN A 340 -18.23 24.08 -21.26
N HIS A 341 -17.20 23.72 -20.48
CA HIS A 341 -17.38 23.00 -19.23
C HIS A 341 -16.76 23.72 -18.03
N TRP A 342 -17.57 23.97 -17.00
CA TRP A 342 -17.12 24.53 -15.72
C TRP A 342 -17.25 23.47 -14.64
N PRO A 343 -16.15 23.11 -13.94
CA PRO A 343 -16.29 22.31 -12.72
C PRO A 343 -16.42 23.20 -11.49
N LEU A 344 -17.61 23.22 -10.90
CA LEU A 344 -17.98 24.18 -9.87
C LEU A 344 -18.28 23.51 -8.54
N TRP A 345 -18.46 24.34 -7.52
CA TRP A 345 -18.98 23.90 -6.24
C TRP A 345 -19.79 25.02 -5.61
N ALA A 346 -20.67 24.64 -4.70
CA ALA A 346 -21.47 25.61 -3.96
C ALA A 346 -21.69 25.15 -2.55
N ALA A 347 -21.59 26.09 -1.61
CA ALA A 347 -22.05 25.86 -0.26
C ALA A 347 -23.55 26.11 -0.29
N VAL A 348 -24.31 25.25 0.40
CA VAL A 348 -25.77 25.33 0.34
C VAL A 348 -26.37 25.24 1.72
N ASP A 349 -27.54 25.85 1.88
CA ASP A 349 -28.34 25.74 3.09
C ASP A 349 -29.63 25.03 2.75
N TYR A 350 -29.88 23.90 3.40
CA TYR A 350 -31.01 23.05 3.06
C TYR A 350 -32.29 23.58 3.70
N GLU A 351 -33.37 23.62 2.93
CA GLU A 351 -34.72 23.91 3.42
C GLU A 351 -35.61 22.73 3.08
N VAL A 352 -36.50 22.37 4.00
CA VAL A 352 -37.45 21.28 3.76
C VAL A 352 -38.72 21.85 3.14
N ARG A 353 -39.12 21.30 1.99
CA ARG A 353 -40.36 21.67 1.33
C ARG A 353 -41.54 20.94 1.97
N ASP A 354 -42.74 21.48 1.77
CA ASP A 354 -43.97 20.88 2.30
C ASP A 354 -44.25 19.46 1.76
N ASN A 355 -43.82 19.18 0.53
CA ASN A 355 -44.00 17.83 -0.05
C ASN A 355 -42.94 16.79 0.35
N GLY A 356 -42.11 17.11 1.34
CA GLY A 356 -41.12 16.16 1.86
C GLY A 356 -39.89 16.06 0.97
N SER A 357 -39.49 17.18 0.38
CA SER A 357 -38.28 17.25 -0.44
C SER A 357 -37.36 18.33 0.14
N ILE A 358 -36.19 18.53 -0.48
CA ILE A 358 -35.17 19.44 0.02
C ILE A 358 -34.79 20.44 -1.06
N GLU A 359 -34.83 21.72 -0.73
CA GLU A 359 -34.24 22.76 -1.56
C GLU A 359 -32.88 23.11 -0.98
N ALA A 360 -31.84 22.96 -1.80
CA ALA A 360 -30.50 23.39 -1.45
C ALA A 360 -30.33 24.82 -1.97
N VAL A 361 -30.39 25.79 -1.08
CA VAL A 361 -30.27 27.19 -1.44
C VAL A 361 -28.80 27.56 -1.43
N ILE A 362 -28.29 28.05 -2.56
CA ILE A 362 -26.87 28.38 -2.69
C ILE A 362 -26.50 29.59 -1.82
N ALA A 363 -25.54 29.40 -0.92
CA ALA A 363 -25.06 30.46 0.00
C ALA A 363 -23.87 31.20 -0.59
N TYR A 364 -22.95 30.44 -1.18
CA TYR A 364 -21.86 31.00 -1.97
C TYR A 364 -21.37 29.91 -2.92
N SER A 365 -20.61 30.30 -3.94
CA SER A 365 -20.40 29.44 -5.11
C SER A 365 -19.05 29.72 -5.73
N GLY A 366 -18.28 28.65 -5.96
CA GLY A 366 -16.95 28.78 -6.50
C GLY A 366 -16.62 27.80 -7.62
N VAL A 367 -15.31 27.68 -7.89
CA VAL A 367 -14.77 26.88 -8.97
C VAL A 367 -13.85 25.83 -8.36
N GLN A 368 -14.01 24.57 -8.75
CA GLN A 368 -13.18 23.50 -8.20
C GLN A 368 -11.80 23.44 -8.87
N ASP A 369 -11.75 23.78 -10.16
CA ASP A 369 -10.50 23.88 -10.91
C ASP A 369 -10.74 24.81 -12.09
N TRP A 370 -9.81 25.74 -12.32
CA TRP A 370 -10.00 26.79 -13.32
C TRP A 370 -9.47 26.43 -14.72
N GLY A 371 -8.85 25.26 -14.88
CA GLY A 371 -8.22 24.89 -16.13
C GLY A 371 -8.90 23.77 -16.89
N ARG A 372 -8.09 22.99 -17.60
CA ARG A 372 -8.58 21.93 -18.49
C ARG A 372 -8.89 20.65 -17.72
N SER A 373 -9.79 20.77 -16.75
CA SER A 373 -10.27 19.61 -15.99
C SER A 373 -11.78 19.72 -15.75
N TYR A 374 -12.37 18.57 -15.46
CA TYR A 374 -13.81 18.44 -15.38
C TYR A 374 -14.14 17.09 -14.76
N ALA A 375 -15.40 16.90 -14.42
CA ALA A 375 -15.93 15.60 -13.99
C ALA A 375 -15.31 15.18 -12.67
N TYR A 376 -15.31 16.10 -11.71
CA TYR A 376 -14.85 15.79 -10.37
C TYR A 376 -15.84 14.87 -9.67
N ALA A 377 -15.31 13.81 -9.06
CA ALA A 377 -16.06 12.88 -8.22
C ALA A 377 -15.45 12.93 -6.82
N SER A 378 -16.29 12.89 -5.78
CA SER A 378 -15.79 12.80 -4.41
C SER A 378 -16.35 11.56 -3.74
N PHE A 379 -15.59 11.00 -2.81
CA PHE A 379 -15.95 9.79 -2.11
C PHE A 379 -15.39 9.78 -0.70
N PRO A 380 -16.07 9.08 0.22
CA PRO A 380 -15.60 9.05 1.61
C PRO A 380 -14.41 8.14 1.81
N VAL A 381 -13.52 8.55 2.68
CA VAL A 381 -12.32 7.78 3.01
C VAL A 381 -12.20 7.77 4.53
N GLU A 382 -11.78 6.62 5.08
CA GLU A 382 -11.69 6.43 6.54
C GLU A 382 -10.86 7.54 7.18
N GLY A 383 -11.22 7.87 8.43
CA GLY A 383 -10.60 8.99 9.14
C GLY A 383 -11.27 10.32 8.84
N TYR A 384 -12.56 10.26 8.52
CA TYR A 384 -13.37 11.45 8.32
C TYR A 384 -12.82 12.33 7.20
N ARG A 385 -12.61 11.71 6.04
CA ARG A 385 -12.14 12.41 4.86
C ARG A 385 -13.14 12.28 3.73
N GLN A 386 -13.17 13.30 2.89
CA GLN A 386 -13.86 13.25 1.60
C GLN A 386 -12.79 13.62 0.59
N VAL A 387 -12.57 12.72 -0.38
CA VAL A 387 -11.48 12.86 -1.34
C VAL A 387 -12.08 13.04 -2.72
N SER A 388 -11.53 13.99 -3.49
CA SER A 388 -12.07 14.41 -4.77
C SER A 388 -10.99 14.23 -5.83
N VAL A 389 -11.41 13.80 -7.02
CA VAL A 389 -10.51 13.64 -8.15
C VAL A 389 -11.28 13.90 -9.44
N GLY A 390 -10.60 14.48 -10.42
CA GLY A 390 -11.22 14.84 -11.69
C GLY A 390 -10.41 14.32 -12.85
N TRP A 391 -10.81 14.74 -14.04
CA TRP A 391 -10.18 14.33 -15.30
C TRP A 391 -9.59 15.55 -15.98
N ILE A 392 -8.33 15.42 -16.38
CA ILE A 392 -7.63 16.46 -17.14
C ILE A 392 -7.62 15.99 -18.59
N TYR A 393 -8.33 16.73 -19.44
CA TYR A 393 -8.31 16.45 -20.88
C TYR A 393 -7.02 17.01 -21.49
N GLU A 394 -6.74 16.59 -22.72
CA GLU A 394 -5.57 17.09 -23.45
C GLU A 394 -5.90 18.50 -23.95
N ASP A 395 -4.93 19.15 -24.59
CA ASP A 395 -5.18 20.42 -25.29
C ASP A 395 -4.88 20.23 -26.77
N ASP A 396 -5.65 19.33 -27.37
CA ASP A 396 -5.55 18.99 -28.79
C ASP A 396 -6.98 18.79 -29.30
N ASP A 397 -7.79 19.82 -29.15
CA ASP A 397 -9.22 19.73 -29.42
C ASP A 397 -9.59 19.46 -30.87
N ASN A 398 -8.69 19.76 -31.80
CA ASN A 398 -8.87 19.40 -33.21
C ASN A 398 -8.37 18.01 -33.57
N VAL A 399 -7.87 17.26 -32.58
CA VAL A 399 -7.52 15.85 -32.72
C VAL A 399 -6.44 15.66 -33.79
N ILE A 400 -5.39 16.48 -33.69
CA ILE A 400 -4.32 16.53 -34.69
C ILE A 400 -3.25 15.49 -34.41
N LEU A 401 -2.88 15.29 -33.14
CA LEU A 401 -1.83 14.35 -32.77
C LEU A 401 -2.30 13.23 -31.81
N ALA A 402 -3.63 13.09 -31.67
CA ALA A 402 -4.17 12.09 -30.73
C ALA A 402 -3.77 10.67 -31.10
N LYS A 403 -3.87 10.32 -32.39
CA LYS A 403 -3.44 9.00 -32.85
C LYS A 403 -1.96 8.74 -32.61
N GLN A 404 -1.17 9.79 -32.82
CA GLN A 404 0.26 9.71 -32.58
C GLN A 404 0.57 9.51 -31.08
N PHE A 405 -0.20 10.16 -30.21
CA PHE A 405 -0.10 9.89 -28.76
C PHE A 405 -0.43 8.41 -28.49
N GLY A 406 -1.53 7.94 -29.06
CA GLY A 406 -2.07 6.61 -28.73
C GLY A 406 -2.86 6.55 -27.42
N TYR A 407 -3.19 7.72 -26.87
CA TYR A 407 -3.99 7.84 -25.65
C TYR A 407 -4.52 9.27 -25.55
N GLN A 408 -5.54 9.46 -24.72
CA GLN A 408 -6.03 10.78 -24.35
C GLN A 408 -6.47 10.77 -22.90
N GLY A 409 -6.02 11.74 -22.11
CA GLY A 409 -6.57 12.03 -20.80
C GLY A 409 -5.76 11.48 -19.63
N ALA A 410 -5.96 12.10 -18.47
CA ALA A 410 -5.43 11.60 -17.20
C ALA A 410 -6.35 12.07 -16.08
N PHE A 411 -6.12 11.57 -14.88
CA PHE A 411 -6.76 12.16 -13.71
C PHE A 411 -5.98 13.39 -13.23
N THR A 412 -6.64 14.19 -12.41
CA THR A 412 -5.96 15.14 -11.53
C THR A 412 -5.32 14.34 -10.43
N LEU A 413 -4.65 15.03 -9.50
CA LEU A 413 -4.28 14.41 -8.25
C LEU A 413 -5.52 14.26 -7.37
N PHE A 414 -5.43 13.36 -6.39
CA PHE A 414 -6.50 13.15 -5.44
C PHE A 414 -6.41 14.24 -4.36
N ARG A 415 -7.55 14.82 -4.01
CA ARG A 415 -7.59 16.00 -3.18
C ARG A 415 -8.47 15.78 -1.97
N ASP A 416 -7.95 16.06 -0.77
CA ASP A 416 -8.80 16.13 0.42
C ASP A 416 -9.63 17.40 0.36
N LEU A 417 -10.92 17.25 0.56
CA LEU A 417 -11.81 18.40 0.74
C LEU A 417 -12.02 18.66 2.24
N PHE A 418 -12.15 19.93 2.57
CA PHE A 418 -12.37 20.38 3.94
C PHE A 418 -12.92 21.80 3.91
N VAL A 419 -13.41 22.28 5.04
CA VAL A 419 -13.80 23.69 5.16
C VAL A 419 -12.55 24.49 5.50
N LYS A 420 -12.13 25.37 4.59
CA LYS A 420 -11.01 26.26 4.84
C LYS A 420 -11.51 27.45 5.66
N VAL A 421 -10.92 27.65 6.84
CA VAL A 421 -11.26 28.76 7.72
C VAL A 421 -10.03 29.65 7.89
N VAL A 422 -10.16 30.93 7.59
CA VAL A 422 -9.09 31.90 7.79
C VAL A 422 -9.54 32.87 8.87
N GLU A 423 -8.79 32.91 9.96
CA GLU A 423 -9.12 33.76 11.10
C GLU A 423 -8.38 35.07 11.02
N ASN A 424 -8.92 36.07 11.73
CA ASN A 424 -8.27 37.37 11.88
C ASN A 424 -7.99 38.05 10.56
N VAL A 425 -8.96 37.99 9.65
CA VAL A 425 -8.85 38.64 8.37
C VAL A 425 -9.17 40.13 8.54
N SER A 426 -8.34 40.96 7.92
CA SER A 426 -8.51 42.41 7.91
C SER A 426 -9.73 42.82 7.08
N PRO A 427 -10.64 43.62 7.68
CA PRO A 427 -11.76 44.16 6.92
C PRO A 427 -11.39 45.03 5.71
N SER A 428 -10.14 45.49 5.61
CA SER A 428 -9.69 46.26 4.44
C SER A 428 -9.19 45.39 3.29
N THR A 429 -9.25 44.07 3.43
CA THR A 429 -8.98 43.17 2.30
C THR A 429 -9.89 43.57 1.14
N PRO A 430 -9.31 43.93 -0.02
CA PRO A 430 -10.15 44.40 -1.13
C PRO A 430 -11.20 43.37 -1.54
N GLY A 431 -12.44 43.82 -1.73
CA GLY A 431 -13.54 42.96 -2.20
C GLY A 431 -14.01 41.88 -1.25
N LEU A 432 -13.67 41.99 0.04
CA LEU A 432 -13.94 40.91 0.99
C LEU A 432 -15.43 40.65 1.23
N PHE A 433 -16.26 41.70 1.20
CA PHE A 433 -17.69 41.59 1.53
C PHE A 433 -18.58 41.37 0.34
N GLU A 434 -17.98 41.20 -0.83
CA GLU A 434 -18.69 40.58 -1.94
C GLU A 434 -19.16 39.15 -1.51
N GLN A 435 -18.40 38.48 -0.64
CA GLN A 435 -18.71 37.09 -0.20
C GLN A 435 -19.07 36.18 -1.41
N ALA A 436 -18.25 36.28 -2.45
CA ALA A 436 -18.50 35.55 -3.73
C ALA A 436 -18.41 34.03 -3.61
N SER A 437 -17.20 33.48 -3.44
CA SER A 437 -17.00 32.04 -3.19
C SER A 437 -16.52 31.78 -1.77
N TRP A 438 -16.93 32.66 -0.84
CA TRP A 438 -16.61 32.50 0.58
C TRP A 438 -17.67 33.20 1.40
N SER A 439 -17.65 32.93 2.70
CA SER A 439 -18.50 33.60 3.65
C SER A 439 -17.64 34.41 4.61
N THR A 440 -18.22 35.48 5.17
CA THR A 440 -17.57 36.29 6.18
C THR A 440 -18.44 36.36 7.42
N LYS A 441 -17.81 36.25 8.58
CA LYS A 441 -18.46 36.47 9.86
C LYS A 441 -17.62 37.49 10.60
N ASN A 442 -18.21 38.65 10.89
CA ASN A 442 -17.53 39.69 11.66
C ASN A 442 -17.33 39.28 13.11
N SER A 443 -16.21 39.73 13.69
CA SER A 443 -16.02 39.64 15.14
C SER A 443 -17.05 40.54 15.83
N THR A 444 -17.30 40.31 17.11
CA THR A 444 -18.21 41.16 17.89
C THR A 444 -17.86 42.65 17.77
N ASP A 445 -16.57 42.97 17.83
CA ASP A 445 -16.11 44.37 17.75
C ASP A 445 -15.95 44.94 16.33
N GLY A 446 -16.13 44.11 15.31
CA GLY A 446 -16.07 44.56 13.92
C GLY A 446 -14.70 44.84 13.34
N MET A 447 -13.64 44.51 14.10
CA MET A 447 -12.26 44.81 13.71
C MET A 447 -11.56 43.65 12.96
N SER A 448 -12.17 42.47 13.00
CA SER A 448 -11.68 41.32 12.22
C SER A 448 -12.83 40.48 11.67
N VAL A 449 -12.48 39.63 10.71
CA VAL A 449 -13.43 38.79 10.00
C VAL A 449 -12.92 37.36 9.99
N THR A 450 -13.82 36.40 10.14
CA THR A 450 -13.51 34.99 9.86
C THR A 450 -14.04 34.65 8.46
N VAL A 451 -13.16 34.13 7.61
CA VAL A 451 -13.52 33.74 6.24
C VAL A 451 -13.67 32.23 6.19
N THR A 452 -14.74 31.77 5.54
CA THR A 452 -14.98 30.35 5.33
C THR A 452 -15.14 30.09 3.84
N THR A 453 -14.47 29.06 3.33
CA THR A 453 -14.63 28.64 1.94
C THR A 453 -14.30 27.14 1.81
N LEU A 454 -14.41 26.62 0.59
CA LEU A 454 -14.03 25.22 0.32
C LEU A 454 -12.52 25.13 0.25
N GLY A 455 -11.96 24.23 1.04
CA GLY A 455 -10.53 23.93 0.99
C GLY A 455 -10.29 22.69 0.14
N GLN A 456 -9.19 22.70 -0.60
CA GLN A 456 -8.71 21.55 -1.37
C GLN A 456 -7.21 21.44 -1.19
N ARG A 457 -6.72 20.25 -0.88
CA ARG A 457 -5.28 20.01 -0.83
C ARG A 457 -4.98 18.60 -1.31
N VAL A 458 -3.79 18.42 -1.87
CA VAL A 458 -3.39 17.11 -2.39
C VAL A 458 -3.32 16.19 -1.19
N VAL A 459 -3.85 14.98 -1.35
CA VAL A 459 -3.83 14.00 -0.27
C VAL A 459 -2.39 13.81 0.26
N PRO A 460 -2.25 13.75 1.59
CA PRO A 460 -0.88 13.71 2.15
C PRO A 460 -0.05 12.48 1.74
N GLU A 461 -0.72 11.36 1.45
CA GLU A 461 -0.05 10.15 0.99
C GLU A 461 0.77 10.42 -0.28
N THR A 462 0.19 11.20 -1.19
CA THR A 462 0.83 11.53 -2.46
C THR A 462 1.98 12.50 -2.25
N LEU A 463 1.78 13.53 -1.43
CA LEU A 463 2.84 14.49 -1.14
C LEU A 463 4.05 13.80 -0.48
N ALA A 464 3.78 12.92 0.49
CA ALA A 464 4.85 12.17 1.16
C ALA A 464 5.60 11.25 0.20
N ALA A 465 4.86 10.51 -0.63
CA ALA A 465 5.47 9.59 -1.56
C ALA A 465 6.29 10.33 -2.63
N TYR A 466 5.71 11.40 -3.17
CA TYR A 466 6.41 12.27 -4.13
C TYR A 466 7.73 12.78 -3.58
N LYS A 467 7.68 13.41 -2.40
CA LYS A 467 8.88 13.98 -1.80
C LYS A 467 9.90 12.90 -1.49
N GLY A 468 9.46 11.80 -0.89
CA GLY A 468 10.37 10.72 -0.48
C GLY A 468 11.06 9.99 -1.61
N ASN A 469 10.42 9.93 -2.77
CA ASN A 469 11.01 9.28 -3.95
C ASN A 469 11.78 10.26 -4.84
N SER A 470 11.68 11.56 -4.57
CA SER A 470 12.33 12.57 -5.38
C SER A 470 13.72 12.92 -4.85
N THR A 471 14.54 13.52 -5.72
CA THR A 471 15.71 14.27 -5.27
C THR A 471 15.20 15.65 -4.87
N VAL A 472 15.26 15.94 -3.58
CA VAL A 472 14.70 17.18 -3.02
C VAL A 472 15.83 18.22 -2.90
N SER A 473 15.60 19.40 -3.47
CA SER A 473 16.50 20.54 -3.30
C SER A 473 15.76 21.63 -2.55
N THR A 474 16.21 21.93 -1.33
CA THR A 474 15.67 23.02 -0.54
C THR A 474 16.45 24.26 -0.97
N LEU A 475 15.74 25.25 -1.50
CA LEU A 475 16.38 26.42 -2.13
C LEU A 475 16.39 27.61 -1.19
N ALA A 476 17.44 28.43 -1.31
CA ALA A 476 17.58 29.64 -0.50
C ALA A 476 16.48 30.64 -0.86
N PRO A 477 15.99 31.42 0.13
CA PRO A 477 14.98 32.43 -0.21
C PRO A 477 15.54 33.50 -1.16
N VAL A 478 14.67 34.11 -1.94
CA VAL A 478 15.07 35.06 -2.99
C VAL A 478 14.20 36.31 -2.87
N MET A 479 14.85 37.47 -2.72
CA MET A 479 14.16 38.76 -2.79
C MET A 479 14.15 39.19 -4.24
N LEU A 480 12.95 39.41 -4.79
CA LEU A 480 12.80 39.91 -6.15
C LEU A 480 12.64 41.41 -6.07
N ASN A 481 13.63 42.15 -6.56
CA ASN A 481 13.66 43.62 -6.48
C ASN A 481 14.11 44.21 -7.83
N GLU A 482 14.73 45.40 -7.82
CA GLU A 482 15.21 46.03 -9.07
C GLU A 482 16.24 45.19 -9.83
N SER A 483 17.00 44.36 -9.11
CA SER A 483 18.02 43.50 -9.73
C SER A 483 17.46 42.21 -10.36
N ALA A 484 16.19 41.89 -10.11
CA ALA A 484 15.59 40.63 -10.57
C ALA A 484 15.49 40.59 -12.08
N ALA A 485 16.05 39.56 -12.70
CA ALA A 485 15.79 39.27 -14.11
C ALA A 485 14.30 38.89 -14.29
N ALA A 486 13.85 38.88 -15.54
CA ALA A 486 12.48 38.45 -15.85
C ALA A 486 12.30 36.99 -15.43
N TYR A 487 13.31 36.18 -15.73
CA TYR A 487 13.35 34.76 -15.38
C TYR A 487 14.67 34.44 -14.68
N THR A 488 14.58 33.81 -13.51
CA THR A 488 15.75 33.40 -12.74
C THR A 488 15.67 31.89 -12.46
N PRO A 489 16.44 31.07 -13.20
CA PRO A 489 16.44 29.63 -12.96
C PRO A 489 16.75 29.28 -11.51
N PHE A 490 16.12 28.24 -10.99
CA PHE A 490 16.46 27.76 -9.65
C PHE A 490 17.91 27.28 -9.63
N SER A 491 18.54 27.37 -8.46
CA SER A 491 19.93 26.91 -8.27
C SER A 491 20.11 25.41 -8.50
N SER A 492 19.04 24.62 -8.33
CA SER A 492 19.01 23.23 -8.77
C SER A 492 17.91 23.09 -9.81
N GLN A 493 18.15 22.25 -10.81
CA GLN A 493 17.25 22.11 -11.93
C GLN A 493 16.63 20.71 -11.99
N PRO A 494 15.41 20.62 -12.54
CA PRO A 494 14.85 19.29 -12.83
C PRO A 494 15.71 18.51 -13.80
N THR A 495 15.55 17.19 -13.83
CA THR A 495 16.24 16.31 -14.79
C THR A 495 15.30 15.76 -15.86
N ASP A 496 14.00 16.02 -15.76
CA ASP A 496 13.00 15.48 -16.68
C ASP A 496 11.70 16.24 -16.43
N ARG A 497 10.59 15.77 -17.03
CA ARG A 497 9.31 16.47 -16.95
C ARG A 497 8.43 15.98 -15.79
N PHE A 498 9.05 15.57 -14.69
CA PHE A 498 8.33 15.01 -13.55
C PHE A 498 8.89 15.64 -12.29
N TYR A 499 8.23 16.69 -11.84
CA TYR A 499 8.68 17.41 -10.67
C TYR A 499 7.61 18.25 -10.00
N ALA A 500 7.91 18.66 -8.77
CA ALA A 500 7.05 19.53 -8.01
C ALA A 500 7.85 20.74 -7.52
N LEU A 501 7.17 21.88 -7.45
CA LEU A 501 7.75 23.11 -6.91
C LEU A 501 6.85 23.60 -5.82
N THR A 502 7.45 24.22 -4.81
CA THR A 502 6.69 24.99 -3.86
C THR A 502 7.38 26.32 -3.58
N GLY A 503 6.58 27.32 -3.23
CA GLY A 503 7.11 28.63 -2.86
C GLY A 503 6.05 29.50 -2.21
N SER A 504 6.48 30.38 -1.32
CA SER A 504 5.62 31.37 -0.66
C SER A 504 6.07 32.73 -1.14
N PHE A 505 5.16 33.46 -1.75
CA PHE A 505 5.43 34.76 -2.36
C PHE A 505 4.81 35.82 -1.50
N GLU A 506 5.64 36.67 -0.88
CA GLU A 506 5.18 37.72 0.01
C GLU A 506 5.17 39.05 -0.76
N PHE A 507 3.98 39.64 -0.86
CA PHE A 507 3.78 40.89 -1.60
C PHE A 507 3.41 42.01 -0.64
N GLY A 508 3.83 43.24 -0.98
CA GLY A 508 3.29 44.42 -0.30
C GLY A 508 1.79 44.57 -0.55
N LEU A 509 1.09 45.14 0.42
CA LEU A 509 -0.36 45.29 0.31
C LEU A 509 -0.83 46.16 -0.86
N ASN A 510 0.04 47.02 -1.38
CA ASN A 510 -0.32 47.85 -2.54
C ASN A 510 0.59 47.58 -3.72
N THR A 511 1.08 46.35 -3.83
CA THR A 511 1.99 45.98 -4.91
C THR A 511 1.32 46.10 -6.28
N THR A 512 2.12 46.40 -7.28
CA THR A 512 1.73 46.21 -8.67
C THR A 512 2.70 45.27 -9.37
N ALA A 513 3.51 44.55 -8.60
CA ALA A 513 4.48 43.61 -9.15
C ALA A 513 3.78 42.28 -9.43
N LYS A 514 4.34 41.51 -10.35
CA LYS A 514 3.90 40.15 -10.61
C LYS A 514 5.06 39.21 -10.35
N ALA A 515 4.76 38.02 -9.86
CA ALA A 515 5.77 36.99 -9.66
C ALA A 515 5.16 35.61 -9.82
N GLY A 516 6.01 34.62 -10.04
CA GLY A 516 5.54 33.24 -10.14
C GLY A 516 6.65 32.29 -10.54
N PHE A 517 6.27 31.24 -11.25
CA PHE A 517 7.18 30.18 -11.66
C PHE A 517 7.12 29.99 -13.16
N ARG A 518 8.28 29.80 -13.78
CA ARG A 518 8.37 29.31 -15.14
C ARG A 518 8.74 27.84 -15.05
N VAL A 519 8.08 27.01 -15.87
CA VAL A 519 8.32 25.56 -15.87
C VAL A 519 8.42 25.02 -17.28
N LEU A 520 8.92 23.78 -17.40
CA LEU A 520 9.13 23.11 -18.69
C LEU A 520 9.83 24.05 -19.67
N ALA A 521 10.96 24.59 -19.19
CA ALA A 521 11.61 25.73 -19.83
C ALA A 521 12.98 25.41 -20.41
N SER A 522 13.14 25.80 -21.67
CA SER A 522 14.44 25.99 -22.29
C SER A 522 14.43 27.43 -22.81
N GLU A 523 15.43 27.82 -23.58
CA GLU A 523 15.46 29.15 -24.18
C GLU A 523 14.25 29.39 -25.08
N GLU A 524 13.86 28.38 -25.85
CA GLU A 524 12.82 28.53 -26.89
C GLU A 524 11.40 28.12 -26.50
N GLU A 525 11.27 27.27 -25.48
CA GLU A 525 9.96 26.82 -25.01
C GLU A 525 9.89 26.96 -23.51
N TYR A 526 8.76 27.43 -23.02
CA TYR A 526 8.54 27.59 -21.58
C TYR A 526 7.10 27.91 -21.31
N THR A 527 6.68 27.67 -20.07
CA THR A 527 5.33 27.94 -19.61
C THR A 527 5.43 28.79 -18.36
N ASP A 528 4.75 29.93 -18.36
CA ASP A 528 4.87 30.92 -17.29
C ASP A 528 3.62 30.96 -16.44
N ILE A 529 3.81 30.76 -15.14
CA ILE A 529 2.74 30.83 -14.16
C ILE A 529 2.93 32.11 -13.35
N TRP A 530 2.02 33.06 -13.52
CA TRP A 530 2.14 34.40 -12.92
C TRP A 530 1.03 34.60 -11.92
N PHE A 531 1.32 35.25 -10.80
CA PHE A 531 0.28 35.86 -10.01
C PHE A 531 0.46 37.38 -10.00
N ASP A 532 -0.66 38.09 -10.13
CA ASP A 532 -0.71 39.54 -10.25
C ASP A 532 -1.70 40.00 -9.18
N PRO A 533 -1.19 40.26 -7.96
CA PRO A 533 -2.09 40.62 -6.86
C PRO A 533 -3.01 41.82 -7.10
N ALA A 534 -2.56 42.79 -7.91
CA ALA A 534 -3.38 43.99 -8.21
C ALA A 534 -4.70 43.63 -8.91
N SER A 535 -4.65 42.65 -9.82
CA SER A 535 -5.85 42.16 -10.52
C SER A 535 -6.49 40.93 -9.88
N GLU A 536 -5.77 40.29 -8.94
CA GLU A 536 -6.18 39.03 -8.28
C GLU A 536 -6.19 37.83 -9.23
N ASN A 537 -5.40 37.90 -10.29
CA ASN A 537 -5.41 36.89 -11.34
C ASN A 537 -4.15 36.04 -11.30
N LEU A 538 -4.36 34.73 -11.25
CA LEU A 538 -3.32 33.74 -11.45
C LEU A 538 -3.45 33.28 -12.90
N THR A 539 -2.39 33.46 -13.70
CA THR A 539 -2.44 33.11 -15.11
C THR A 539 -1.37 32.11 -15.48
N VAL A 540 -1.65 31.32 -16.51
CA VAL A 540 -0.67 30.44 -17.13
C VAL A 540 -0.59 30.86 -18.58
N VAL A 541 0.53 31.49 -18.92
CA VAL A 541 0.78 31.99 -20.26
C VAL A 541 1.50 30.90 -21.03
N ARG A 542 0.90 30.49 -22.14
CA ARG A 542 1.33 29.35 -22.91
C ARG A 542 1.67 29.67 -24.36
N THR A 543 1.87 30.96 -24.66
CA THR A 543 2.23 31.39 -26.01
C THR A 543 3.54 30.79 -26.49
N ALA A 544 4.46 30.49 -25.57
CA ALA A 544 5.72 29.81 -25.89
C ALA A 544 5.83 28.38 -25.34
N SER A 545 4.73 27.79 -24.85
CA SER A 545 4.78 26.44 -24.24
C SER A 545 5.39 25.39 -25.17
N SER A 546 5.11 25.49 -26.47
CA SER A 546 5.61 24.52 -27.43
C SER A 546 5.86 25.09 -28.82
N LEU A 547 6.89 24.56 -29.47
CA LEU A 547 7.14 24.79 -30.90
C LEU A 547 6.10 24.09 -31.78
N ILE A 548 5.43 23.06 -31.25
CA ILE A 548 4.38 22.36 -31.99
C ILE A 548 3.13 23.24 -31.93
N LYS A 549 2.71 23.77 -33.08
CA LYS A 549 1.69 24.82 -33.11
C LYS A 549 0.23 24.34 -33.01
N SER A 550 0.00 23.04 -33.16
CA SER A 550 -1.37 22.50 -33.15
C SER A 550 -1.99 22.38 -31.75
N PHE A 551 -1.17 22.41 -30.69
CA PHE A 551 -1.69 22.37 -29.31
C PHE A 551 -2.24 23.71 -28.88
N GLY A 552 -3.17 23.70 -27.93
CA GLY A 552 -3.74 24.94 -27.41
C GLY A 552 -2.68 25.82 -26.77
N ASN A 553 -2.85 27.13 -26.94
CA ASN A 553 -1.91 28.10 -26.37
C ASN A 553 -2.58 29.27 -25.66
N ASP A 554 -3.86 29.14 -25.37
CA ASP A 554 -4.59 30.18 -24.67
C ASP A 554 -4.12 30.32 -23.23
N THR A 555 -4.27 31.52 -22.70
CA THR A 555 -3.84 31.82 -21.34
C THR A 555 -4.89 31.32 -20.35
N GLU A 556 -4.46 30.50 -19.39
CA GLU A 556 -5.36 30.04 -18.33
C GLU A 556 -5.46 31.15 -17.30
N LEU A 557 -6.59 31.20 -16.58
CA LEU A 557 -6.81 32.23 -15.58
C LEU A 557 -7.65 31.71 -14.41
N ALA A 558 -7.15 31.96 -13.20
CA ALA A 558 -7.91 31.76 -11.98
C ALA A 558 -7.91 33.04 -11.15
N LYS A 559 -9.00 33.27 -10.42
CA LYS A 559 -9.05 34.32 -9.40
C LYS A 559 -8.55 33.74 -8.09
N VAL A 560 -7.71 34.49 -7.37
CA VAL A 560 -7.24 34.11 -6.04
C VAL A 560 -7.35 35.30 -5.09
N LYS A 561 -8.11 35.14 -4.02
CA LYS A 561 -8.28 36.16 -2.99
C LYS A 561 -7.21 35.96 -1.91
N LEU A 562 -6.27 36.90 -1.82
CA LEU A 562 -5.32 36.90 -0.70
C LEU A 562 -6.01 37.58 0.47
N TYR A 563 -6.48 36.77 1.42
CA TYR A 563 -7.14 37.29 2.60
C TYR A 563 -6.05 37.91 3.47
N GLU A 564 -6.11 39.22 3.64
CA GLU A 564 -5.08 39.95 4.37
C GLU A 564 -5.33 39.77 5.87
N ILE A 565 -4.28 39.53 6.63
CA ILE A 565 -4.42 39.23 8.06
C ILE A 565 -4.22 40.52 8.87
N VAL A 566 -5.01 40.67 9.94
CA VAL A 566 -4.98 41.87 10.79
C VAL A 566 -3.55 42.05 11.32
N GLY A 567 -3.01 43.25 11.14
CA GLY A 567 -1.66 43.57 11.61
C GLY A 567 -0.55 43.27 10.61
N ALA A 568 -0.84 42.55 9.53
CA ALA A 568 0.18 42.21 8.56
C ALA A 568 0.41 43.41 7.66
N GLU A 569 1.66 43.59 7.23
CA GLU A 569 2.01 44.63 6.26
C GLU A 569 2.36 44.01 4.92
N SER A 570 1.84 42.80 4.69
CA SER A 570 2.10 42.07 3.46
C SER A 570 0.99 41.04 3.27
N LYS A 571 0.95 40.45 2.09
CA LYS A 571 0.00 39.39 1.76
C LYS A 571 0.75 38.29 1.00
N THR A 572 0.41 37.04 1.29
CA THR A 572 1.20 35.89 0.86
C THR A 572 0.42 34.89 -0.01
N LEU A 573 1.06 34.47 -1.09
CA LEU A 573 0.57 33.42 -1.97
C LEU A 573 1.47 32.21 -1.78
N ASN A 574 0.90 31.12 -1.32
CA ASN A 574 1.57 29.82 -1.29
C ASN A 574 1.20 29.01 -2.53
N LEU A 575 2.18 28.80 -3.40
CA LEU A 575 1.98 28.18 -4.69
C LEU A 575 2.70 26.83 -4.70
N THR A 576 1.97 25.78 -5.07
CA THR A 576 2.55 24.46 -5.32
C THR A 576 2.23 24.06 -6.76
N VAL A 577 3.24 23.58 -7.49
CA VAL A 577 3.09 23.23 -8.91
C VAL A 577 3.63 21.82 -9.16
N PHE A 578 2.80 21.00 -9.81
CA PHE A 578 3.19 19.66 -10.22
C PHE A 578 3.31 19.65 -11.73
N VAL A 579 4.45 19.18 -12.20
CA VAL A 579 4.74 19.03 -13.60
C VAL A 579 4.90 17.53 -13.82
N ASP A 580 4.09 16.98 -14.72
CA ASP A 580 3.99 15.54 -14.88
C ASP A 580 3.70 15.21 -16.35
N GLY A 581 4.77 15.09 -17.12
CA GLY A 581 4.69 14.90 -18.56
C GLY A 581 4.25 16.20 -19.17
N SER A 582 2.99 16.25 -19.59
CA SER A 582 2.35 17.44 -20.12
C SER A 582 1.42 18.12 -19.13
N VAL A 583 1.11 17.48 -18.00
CA VAL A 583 0.24 18.09 -17.02
C VAL A 583 1.01 19.13 -16.21
N ILE A 584 0.40 20.30 -16.06
CA ILE A 584 0.83 21.30 -15.08
C ILE A 584 -0.37 21.51 -14.17
N GLU A 585 -0.22 21.17 -12.89
CA GLU A 585 -1.30 21.24 -11.94
C GLU A 585 -0.89 22.14 -10.80
N ILE A 586 -1.63 23.23 -10.61
CA ILE A 586 -1.25 24.32 -9.73
C ILE A 586 -2.22 24.39 -8.58
N TYR A 587 -1.68 24.52 -7.37
CA TYR A 587 -2.48 24.72 -6.16
C TYR A 587 -2.05 26.01 -5.47
N ALA A 588 -3.02 26.83 -5.09
CA ALA A 588 -2.74 28.05 -4.33
C ALA A 588 -3.48 28.05 -3.01
N ASN A 589 -2.73 28.21 -1.90
CA ASN A 589 -3.29 28.41 -0.58
C ASN A 589 -4.30 27.33 -0.15
N ASP A 590 -4.07 26.10 -0.59
CA ASP A 590 -5.00 24.98 -0.30
C ASP A 590 -6.46 25.33 -0.62
N GLU A 591 -6.66 25.99 -1.75
CA GLU A 591 -7.95 26.58 -2.10
C GLU A 591 -8.19 26.58 -3.60
N VAL A 592 -7.29 27.22 -4.33
CA VAL A 592 -7.45 27.43 -5.77
C VAL A 592 -6.62 26.39 -6.53
N ALA A 593 -7.26 25.71 -7.49
CA ALA A 593 -6.60 24.70 -8.31
C ALA A 593 -6.76 25.06 -9.78
N LEU A 594 -5.71 24.83 -10.55
CA LEU A 594 -5.73 25.09 -11.97
C LEU A 594 -4.89 24.03 -12.64
N SER A 595 -5.53 23.17 -13.46
CA SER A 595 -4.86 22.12 -14.21
C SER A 595 -4.77 22.51 -15.67
N THR A 596 -3.62 22.34 -16.29
CA THR A 596 -3.49 22.65 -17.71
C THR A 596 -2.45 21.74 -18.36
N ARG A 597 -2.17 22.00 -19.64
CA ARG A 597 -1.31 21.16 -20.45
C ARG A 597 -0.25 21.96 -21.19
N ALA A 598 0.96 21.41 -21.27
CA ALA A 598 2.02 21.99 -22.10
C ALA A 598 2.79 20.86 -22.74
N TYR A 599 3.06 21.01 -24.04
CA TYR A 599 3.71 19.95 -24.83
C TYR A 599 4.97 20.42 -25.57
N PRO A 600 5.96 20.96 -24.83
CA PRO A 600 7.21 21.34 -25.51
C PRO A 600 7.88 20.15 -26.19
N TRP A 601 8.41 20.39 -27.38
CA TRP A 601 9.08 19.35 -28.15
C TRP A 601 10.49 19.07 -27.67
N LEU A 602 11.26 20.10 -27.34
CA LEU A 602 12.69 19.92 -27.12
C LEU A 602 12.95 19.14 -25.84
N ALA A 603 13.90 18.22 -25.91
CA ALA A 603 14.27 17.38 -24.76
C ALA A 603 14.71 18.20 -23.55
N ASN A 604 15.33 19.35 -23.80
CA ASN A 604 15.81 20.19 -22.71
C ASN A 604 14.81 21.25 -22.22
N SER A 605 13.55 21.21 -22.68
CA SER A 605 12.52 22.10 -22.15
C SER A 605 11.94 21.52 -20.85
N THR A 606 12.80 21.40 -19.84
CA THR A 606 12.46 20.84 -18.54
C THR A 606 12.77 21.79 -17.37
N GLY A 607 13.43 22.91 -17.66
CA GLY A 607 13.91 23.80 -16.60
C GLY A 607 12.83 24.54 -15.87
N ALA A 608 13.19 25.12 -14.73
CA ALA A 608 12.26 25.88 -13.92
C ALA A 608 12.95 26.96 -13.10
N GLY A 609 12.17 27.98 -12.74
CA GLY A 609 12.68 29.06 -11.90
C GLY A 609 11.64 30.12 -11.62
N LEU A 610 12.12 31.26 -11.15
CA LEU A 610 11.26 32.35 -10.69
C LEU A 610 10.99 33.37 -11.77
N LEU A 611 9.77 33.88 -11.77
CA LEU A 611 9.36 34.95 -12.66
C LEU A 611 9.16 36.20 -11.84
N ALA A 612 9.55 37.34 -12.41
CA ALA A 612 9.40 38.64 -11.77
C ALA A 612 9.08 39.69 -12.82
N ASP A 613 8.07 40.52 -12.54
CA ASP A 613 7.70 41.63 -13.43
C ASP A 613 7.33 42.83 -12.59
N GLY A 614 7.98 43.96 -12.88
CA GLY A 614 7.73 45.21 -12.14
C GLY A 614 8.16 45.16 -10.69
N THR A 615 9.12 44.30 -10.35
CA THR A 615 9.73 44.32 -9.03
C THR A 615 10.83 45.38 -9.04
N THR A 616 10.83 46.20 -8.00
CA THR A 616 11.75 47.35 -7.89
C THR A 616 12.36 47.37 -6.50
N ALA A 617 13.20 48.38 -6.24
CA ALA A 617 13.74 48.61 -4.90
C ALA A 617 12.64 48.83 -3.86
N GLY A 618 11.55 49.49 -4.28
CA GLY A 618 10.41 49.80 -3.41
C GLY A 618 9.28 48.77 -3.43
N ASP A 619 9.08 48.10 -4.57
CA ASP A 619 8.01 47.10 -4.71
C ASP A 619 8.68 45.74 -4.85
N VAL A 620 8.88 45.09 -3.72
CA VAL A 620 9.71 43.90 -3.62
C VAL A 620 8.82 42.67 -3.36
N VAL A 621 9.18 41.54 -3.97
CA VAL A 621 8.48 40.27 -3.71
C VAL A 621 9.47 39.33 -3.05
N GLY A 622 9.15 38.92 -1.82
CA GLY A 622 9.99 38.03 -1.04
C GLY A 622 9.51 36.60 -1.24
N VAL A 623 10.38 35.76 -1.80
CA VAL A 623 10.06 34.37 -2.03
C VAL A 623 10.84 33.52 -1.03
N SER A 624 10.10 32.66 -0.32
CA SER A 624 10.67 31.77 0.68
C SER A 624 9.97 30.42 0.62
N GLY A 625 10.42 29.48 1.44
CA GLY A 625 9.89 28.12 1.46
C GLY A 625 10.03 27.42 0.10
N LEU A 626 11.09 27.75 -0.63
CA LEU A 626 11.30 27.25 -1.98
C LEU A 626 11.86 25.84 -1.95
N GLU A 627 11.24 24.95 -2.72
CA GLU A 627 11.69 23.57 -2.77
C GLU A 627 11.34 22.95 -4.12
N LEU A 628 12.30 22.19 -4.66
CA LEU A 628 12.12 21.41 -5.87
C LEU A 628 12.16 19.94 -5.51
N TRP A 629 11.14 19.18 -5.93
CA TRP A 629 11.16 17.72 -5.84
C TRP A 629 11.32 17.16 -7.26
N ASP A 630 12.49 16.63 -7.57
CA ASP A 630 12.76 16.07 -8.90
C ASP A 630 12.52 14.56 -8.95
N GLY A 631 11.56 14.14 -9.78
CA GLY A 631 11.33 12.72 -10.08
C GLY A 631 9.94 12.22 -9.74
N LEU A 632 9.39 12.67 -8.63
CA LEU A 632 8.08 12.22 -8.13
C LEU A 632 8.10 10.69 -7.98
N VAL A 633 6.99 10.02 -8.29
CA VAL A 633 6.83 8.58 -8.10
C VAL A 633 6.44 7.97 -9.44
N ASP A 634 6.95 6.78 -9.70
CA ASP A 634 6.46 5.93 -10.77
C ASP A 634 5.08 5.36 -10.34
N ALA A 635 4.00 5.98 -10.79
CA ALA A 635 2.65 5.64 -10.31
C ALA A 635 2.14 4.27 -10.76
N TRP A 636 2.72 3.71 -11.83
CA TRP A 636 2.29 2.42 -12.39
C TRP A 636 3.49 1.48 -12.51
N PRO A 637 4.00 1.00 -11.37
CA PRO A 637 5.28 0.27 -11.40
C PRO A 637 5.26 -1.01 -12.20
N ALA A 638 4.10 -1.68 -12.31
CA ALA A 638 4.03 -2.91 -13.09
C ALA A 638 3.93 -2.67 -14.59
N ARG A 639 3.59 -1.45 -15.02
CA ARG A 639 3.43 -1.18 -16.45
C ARG A 639 4.80 -0.93 -17.09
N PRO A 640 5.05 -1.51 -18.27
CA PRO A 640 6.21 -1.02 -19.04
C PRO A 640 6.01 0.41 -19.53
N ALA A 641 7.07 1.01 -20.09
CA ALA A 641 7.02 2.39 -20.56
C ALA A 641 5.95 2.60 -21.63
N ASN A 642 5.84 1.64 -22.55
CA ASN A 642 4.88 1.70 -23.63
C ASN A 642 3.82 0.61 -23.44
N THR A 643 2.64 1.03 -22.99
CA THR A 643 1.50 0.12 -22.83
C THR A 643 0.47 0.27 -23.96
N SER A 644 0.86 0.90 -25.07
CA SER A 644 0.01 0.89 -26.26
C SER A 644 -0.24 -0.54 -26.72
N GLN A 645 -1.46 -0.81 -27.17
CA GLN A 645 -1.77 -2.05 -27.87
C GLN A 645 -2.19 -1.78 -29.30
N GLY A 646 -1.80 -0.61 -29.83
CA GLY A 646 -2.23 -0.17 -31.15
C GLY A 646 -3.61 0.44 -31.11
N LEU A 647 -4.01 1.02 -32.22
CA LEU A 647 -5.32 1.65 -32.37
C LEU A 647 -6.09 0.95 -33.46
N VAL A 648 -7.42 0.97 -33.34
CA VAL A 648 -8.30 0.32 -34.30
C VAL A 648 -9.40 1.25 -34.75
N TRP A 649 -9.97 0.93 -35.91
CA TRP A 649 -11.08 1.66 -36.48
C TRP A 649 -12.30 0.75 -36.44
N ASP A 650 -13.43 1.33 -36.04
CA ASP A 650 -14.70 0.59 -36.00
C ASP A 650 -15.25 0.23 -37.40
N GLY A 651 -14.76 0.91 -38.42
CA GLY A 651 -15.18 0.65 -39.79
C GLY A 651 -16.36 1.52 -40.18
N PRO A 652 -16.90 1.31 -41.39
CA PRO A 652 -17.97 2.16 -41.91
C PRO A 652 -19.26 2.17 -41.10
N THR A 653 -19.52 1.12 -40.30
CA THR A 653 -20.74 1.11 -39.48
C THR A 653 -20.76 2.18 -38.39
N ALA A 654 -19.60 2.70 -37.99
CA ALA A 654 -19.59 3.73 -36.94
C ALA A 654 -20.44 4.92 -37.35
N ALA A 655 -20.27 5.37 -38.58
CA ALA A 655 -21.07 6.48 -39.13
C ALA A 655 -22.52 6.09 -39.33
N MET A 656 -22.77 4.83 -39.69
CA MET A 656 -24.15 4.35 -39.85
C MET A 656 -24.91 4.39 -38.51
N TYR A 657 -24.29 3.90 -37.45
CA TYR A 657 -24.93 3.90 -36.13
C TYR A 657 -24.98 5.30 -35.55
N GLY A 658 -23.96 6.12 -35.83
CA GLY A 658 -23.94 7.52 -35.43
C GLY A 658 -23.70 7.78 -33.94
N LEU A 659 -23.28 6.78 -33.21
CA LEU A 659 -23.12 6.88 -31.75
C LEU A 659 -21.72 7.22 -31.32
N PHE A 660 -20.74 6.65 -32.01
CA PHE A 660 -19.32 6.79 -31.66
C PHE A 660 -18.56 7.26 -32.90
N ALA A 661 -17.54 8.10 -32.70
CA ALA A 661 -16.72 8.56 -33.81
C ALA A 661 -16.13 7.39 -34.60
N GLY A 662 -15.70 6.34 -33.90
CA GLY A 662 -15.22 5.11 -34.51
C GLY A 662 -13.72 4.89 -34.45
N TYR A 663 -12.99 5.86 -33.91
CA TYR A 663 -11.54 5.77 -33.80
C TYR A 663 -11.10 6.40 -32.47
N CYS B 40 -18.97 -24.88 29.10
CA CYS B 40 -17.86 -23.94 28.76
C CYS B 40 -18.22 -22.49 29.04
N SER B 41 -17.58 -21.93 30.06
CA SER B 41 -17.71 -20.51 30.37
C SER B 41 -16.54 -19.77 29.72
N LEU B 42 -16.85 -18.63 29.11
CA LEU B 42 -15.83 -17.74 28.54
C LEU B 42 -15.69 -16.48 29.39
N ASP B 43 -15.99 -16.60 30.69
CA ASP B 43 -15.86 -15.48 31.62
C ASP B 43 -14.37 -15.30 31.95
N GLN B 44 -13.76 -14.27 31.37
CA GLN B 44 -12.36 -13.95 31.63
C GLN B 44 -12.16 -13.01 32.83
N THR B 45 -13.20 -12.78 33.64
CA THR B 45 -13.07 -12.07 34.92
C THR B 45 -12.90 -13.03 36.10
N VAL B 46 -13.00 -14.33 35.85
CA VAL B 46 -12.80 -15.35 36.87
C VAL B 46 -11.81 -16.40 36.37
N ALA B 47 -11.41 -17.31 37.25
CA ALA B 47 -10.49 -18.38 36.89
C ALA B 47 -11.04 -19.21 35.73
N PRO B 48 -10.15 -19.74 34.87
CA PRO B 48 -10.63 -20.55 33.75
C PRO B 48 -11.17 -21.89 34.23
N GLY B 49 -12.24 -22.36 33.63
CA GLY B 49 -12.75 -23.69 33.90
C GLY B 49 -11.97 -24.74 33.14
N ASN B 50 -12.66 -25.83 32.85
CA ASN B 50 -12.14 -26.86 31.97
C ASN B 50 -12.44 -26.42 30.54
N LEU B 51 -11.46 -25.80 29.90
CA LEU B 51 -11.66 -25.26 28.55
C LEU B 51 -11.70 -26.34 27.45
N THR B 52 -11.27 -27.57 27.76
CA THR B 52 -11.44 -28.70 26.83
C THR B 52 -12.91 -29.08 26.56
N LEU B 53 -13.83 -28.61 27.41
CA LEU B 53 -15.26 -28.77 27.17
C LEU B 53 -15.82 -27.78 26.16
N CYS B 54 -15.06 -26.74 25.84
CA CYS B 54 -15.50 -25.72 24.88
C CYS B 54 -15.54 -26.27 23.45
N GLY B 55 -16.44 -25.73 22.66
CA GLY B 55 -16.63 -26.16 21.27
C GLY B 55 -15.52 -25.68 20.35
N ASN B 56 -15.58 -26.15 19.11
CA ASN B 56 -14.60 -25.79 18.09
C ASN B 56 -14.61 -24.28 17.85
N ALA B 57 -13.42 -23.67 17.86
CA ALA B 57 -13.28 -22.24 17.54
C ALA B 57 -14.02 -21.30 18.51
N THR B 58 -14.40 -21.80 19.70
CA THR B 58 -15.00 -20.93 20.73
C THR B 58 -13.96 -20.01 21.36
N LEU B 59 -12.69 -20.40 21.31
CA LEU B 59 -11.59 -19.53 21.75
C LEU B 59 -10.86 -18.87 20.56
N PHE B 60 -11.56 -18.62 19.46
CA PHE B 60 -10.89 -18.14 18.23
C PHE B 60 -10.21 -16.79 18.44
N THR B 61 -10.92 -15.83 19.02
CA THR B 61 -10.37 -14.47 19.21
C THR B 61 -9.57 -14.30 20.50
N THR B 62 -9.69 -15.23 21.44
CA THR B 62 -9.18 -15.03 22.81
C THR B 62 -7.70 -14.71 22.89
N PHE B 63 -6.90 -15.46 22.15
CA PHE B 63 -5.45 -15.34 22.18
C PHE B 63 -4.85 -14.95 20.80
N ARG B 64 -5.70 -14.51 19.88
CA ARG B 64 -5.32 -14.46 18.47
C ARG B 64 -4.55 -13.19 18.12
N PRO B 65 -3.38 -13.32 17.46
CA PRO B 65 -2.72 -12.12 16.94
C PRO B 65 -3.60 -11.33 15.97
N LYS B 66 -3.49 -10.00 16.03
CA LYS B 66 -4.22 -9.09 15.16
C LYS B 66 -3.30 -8.24 14.24
N ALA B 67 -2.01 -8.14 14.57
CA ALA B 67 -1.11 -7.16 13.94
C ALA B 67 -0.05 -7.77 13.03
N ARG B 68 -0.23 -9.04 12.68
CA ARG B 68 0.77 -9.77 11.89
C ARG B 68 0.13 -10.73 10.88
N PHE B 69 0.97 -11.31 10.05
CA PHE B 69 0.53 -12.28 9.07
C PHE B 69 0.09 -13.56 9.78
N ILE B 70 -1.14 -13.98 9.46
CA ILE B 70 -1.70 -15.22 9.96
C ILE B 70 -2.77 -15.68 8.95
N ALA B 71 -2.95 -16.98 8.82
CA ALA B 71 -4.00 -17.54 7.97
C ALA B 71 -5.39 -17.11 8.48
N PRO B 72 -6.41 -17.12 7.62
CA PRO B 72 -7.76 -16.82 8.11
C PRO B 72 -8.26 -17.78 9.19
N GLU B 73 -7.86 -19.04 9.09
CA GLU B 73 -8.25 -20.06 10.07
C GLU B 73 -7.43 -21.31 9.83
N GLY B 74 -7.51 -22.24 10.77
CA GLY B 74 -6.91 -23.55 10.60
C GLY B 74 -5.41 -23.57 10.76
N TRP B 75 -4.81 -24.61 10.23
CA TRP B 75 -3.40 -24.89 10.38
C TRP B 75 -2.56 -24.10 9.39
N MET B 76 -1.49 -23.47 9.87
CA MET B 76 -0.43 -22.97 9.00
C MET B 76 0.93 -23.34 9.56
N ASN B 77 1.91 -23.45 8.67
CA ASN B 77 3.29 -23.51 9.10
C ASN B 77 4.21 -22.62 8.23
N ALA B 78 5.17 -23.20 7.52
CA ALA B 78 6.26 -22.45 6.91
C ALA B 78 5.80 -21.41 5.90
N PRO B 79 6.38 -20.19 5.94
CA PRO B 79 6.28 -19.31 4.78
C PRO B 79 6.83 -19.98 3.52
N MET B 80 6.29 -19.58 2.37
CA MET B 80 6.73 -20.11 1.09
C MET B 80 6.36 -19.15 -0.03
N GLY B 81 6.97 -19.34 -1.19
CA GLY B 81 6.63 -18.59 -2.41
C GLY B 81 6.69 -17.08 -2.27
N LEU B 82 7.64 -16.60 -1.48
CA LEU B 82 7.77 -15.17 -1.22
C LEU B 82 8.41 -14.45 -2.39
N TYR B 83 7.76 -13.38 -2.85
CA TYR B 83 8.37 -12.51 -3.86
C TYR B 83 7.71 -11.16 -3.92
N GLN B 84 8.50 -10.18 -4.35
CA GLN B 84 7.97 -8.85 -4.63
C GLN B 84 7.46 -8.85 -6.05
N ARG B 85 6.18 -8.53 -6.21
CA ARG B 85 5.53 -8.57 -7.51
C ARG B 85 5.91 -7.32 -8.30
N ALA B 86 5.57 -7.33 -9.58
CA ALA B 86 5.92 -6.24 -10.51
C ALA B 86 5.41 -4.86 -10.05
N ASP B 87 4.26 -4.84 -9.38
CA ASP B 87 3.70 -3.58 -8.86
C ASP B 87 4.30 -3.12 -7.54
N GLY B 88 5.31 -3.84 -7.04
CA GLY B 88 5.97 -3.49 -5.80
C GLY B 88 5.38 -4.14 -4.57
N SER B 89 4.20 -4.75 -4.68
CA SER B 89 3.57 -5.41 -3.54
C SER B 89 4.29 -6.72 -3.22
N ILE B 90 4.04 -7.22 -2.02
CA ILE B 90 4.65 -8.45 -1.53
C ILE B 90 3.65 -9.58 -1.59
N HIS B 91 4.00 -10.66 -2.29
CA HIS B 91 3.23 -11.91 -2.28
C HIS B 91 3.85 -12.83 -1.24
N ALA B 92 3.03 -13.28 -0.29
CA ALA B 92 3.47 -14.25 0.70
C ALA B 92 2.58 -15.48 0.62
N GLY B 93 3.21 -16.63 0.46
CA GLY B 93 2.56 -17.91 0.59
C GLY B 93 2.86 -18.54 1.95
N TYR B 94 2.10 -19.57 2.27
CA TYR B 94 2.35 -20.34 3.50
C TYR B 94 1.77 -21.73 3.39
N GLN B 95 2.45 -22.66 4.03
CA GLN B 95 1.96 -24.02 4.21
C GLN B 95 0.65 -23.94 4.99
N SER B 96 -0.41 -24.52 4.43
CA SER B 96 -1.78 -24.31 4.88
C SER B 96 -2.61 -25.58 4.85
N HIS B 97 -3.38 -25.80 5.92
CA HIS B 97 -4.42 -26.85 5.96
C HIS B 97 -5.67 -26.27 6.58
N PRO B 98 -6.54 -25.66 5.73
CA PRO B 98 -7.77 -25.05 6.23
C PRO B 98 -8.70 -26.04 6.91
N LYS B 99 -9.45 -25.55 7.88
CA LYS B 99 -10.51 -26.30 8.57
C LYS B 99 -9.99 -27.53 9.33
N HIS B 100 -8.70 -27.52 9.65
CA HIS B 100 -8.03 -28.54 10.44
C HIS B 100 -7.10 -27.80 11.38
N ILE B 101 -6.69 -28.46 12.47
CA ILE B 101 -5.70 -27.87 13.39
C ILE B 101 -4.42 -28.70 13.53
N GLN B 102 -4.27 -29.71 12.69
CA GLN B 102 -3.00 -30.40 12.46
C GLN B 102 -2.69 -30.41 10.98
N TRP B 103 -1.42 -30.62 10.68
CA TRP B 103 -0.89 -30.63 9.31
C TRP B 103 -1.53 -31.72 8.44
N GLY B 104 -1.68 -31.41 7.16
CA GLY B 104 -2.17 -32.39 6.19
C GLY B 104 -2.56 -31.71 4.89
N ASN B 105 -2.70 -32.51 3.84
CA ASN B 105 -3.02 -32.03 2.49
C ASN B 105 -2.37 -30.69 2.18
N ILE B 106 -1.08 -30.62 2.49
CA ILE B 106 -0.50 -29.31 2.72
C ILE B 106 -0.44 -28.55 1.40
N SER B 107 -0.86 -27.28 1.47
CA SER B 107 -1.14 -26.45 0.31
C SER B 107 -0.51 -25.08 0.51
N GLN B 108 -0.43 -24.29 -0.55
CA GLN B 108 -0.04 -22.89 -0.43
C GLN B 108 -1.29 -22.04 -0.25
N GLY B 109 -1.43 -21.47 0.94
CA GLY B 109 -2.31 -20.31 1.16
C GLY B 109 -1.54 -19.06 0.79
N ALA B 110 -2.23 -17.99 0.41
CA ALA B 110 -1.52 -16.80 -0.03
C ALA B 110 -2.27 -15.50 0.24
N ALA B 111 -1.50 -14.44 0.30
CA ALA B 111 -2.01 -13.09 0.51
C ALA B 111 -0.99 -12.09 -0.01
N TYR B 112 -1.40 -10.83 -0.12
CA TYR B 112 -0.51 -9.78 -0.58
C TYR B 112 -0.62 -8.50 0.25
N SER B 113 0.43 -7.69 0.19
CA SER B 113 0.53 -6.45 0.94
C SER B 113 1.41 -5.46 0.21
N SER B 114 1.09 -4.18 0.29
CA SER B 114 1.97 -3.15 -0.24
C SER B 114 3.04 -2.69 0.76
N ASP B 115 2.95 -3.10 2.03
CA ASP B 115 3.86 -2.56 3.08
C ASP B 115 4.32 -3.57 4.14
N PHE B 116 4.25 -4.85 3.83
CA PHE B 116 4.53 -5.96 4.76
C PHE B 116 3.58 -6.07 5.96
N THR B 117 2.61 -5.16 6.07
CA THR B 117 1.96 -4.90 7.35
C THR B 117 0.44 -5.07 7.29
N SER B 118 -0.20 -4.44 6.30
CA SER B 118 -1.61 -4.60 6.05
C SER B 118 -1.77 -5.54 4.86
N TRP B 119 -2.52 -6.63 5.06
CA TRP B 119 -2.60 -7.73 4.08
C TRP B 119 -4.01 -7.96 3.57
N THR B 120 -4.09 -8.57 2.40
CA THR B 120 -5.34 -8.98 1.77
C THR B 120 -5.20 -10.41 1.28
N ASP B 121 -6.19 -11.24 1.62
CA ASP B 121 -6.22 -12.64 1.17
C ASP B 121 -6.52 -12.73 -0.30
N PHE B 122 -5.90 -13.69 -0.99
CA PHE B 122 -6.42 -14.11 -2.30
C PHE B 122 -7.72 -14.85 -2.05
N ASN B 123 -8.64 -14.78 -3.01
CA ASN B 123 -9.90 -15.52 -2.96
C ASN B 123 -10.18 -16.08 -4.35
N GLY B 124 -10.11 -17.39 -4.50
CA GLY B 124 -10.33 -18.08 -5.75
C GLY B 124 -11.24 -19.27 -5.53
N SER B 125 -11.19 -20.21 -6.47
CA SER B 125 -12.07 -21.38 -6.40
C SER B 125 -11.78 -22.24 -5.17
N GLU B 126 -10.54 -22.20 -4.66
CA GLU B 126 -10.18 -22.91 -3.42
C GLU B 126 -9.95 -21.96 -2.25
N GLY B 127 -10.78 -20.92 -2.16
CA GLY B 127 -10.69 -19.96 -1.06
C GLY B 127 -9.37 -19.20 -1.12
N TYR B 128 -8.60 -19.26 -0.04
CA TYR B 128 -7.33 -18.56 0.02
C TYR B 128 -6.14 -19.42 -0.40
N LYS B 129 -6.39 -20.68 -0.77
CA LYS B 129 -5.36 -21.52 -1.36
C LYS B 129 -5.12 -21.14 -2.82
N THR B 130 -3.86 -21.27 -3.25
CA THR B 130 -3.49 -21.06 -4.66
C THR B 130 -2.71 -22.22 -5.27
N ILE B 131 -2.15 -23.11 -4.46
CA ILE B 131 -1.59 -24.39 -4.94
C ILE B 131 -1.98 -25.46 -3.92
N TRP B 132 -2.36 -26.63 -4.43
CA TRP B 132 -2.81 -27.74 -3.60
C TRP B 132 -2.40 -29.07 -4.24
N PRO B 133 -2.32 -30.12 -3.43
CA PRO B 133 -2.08 -31.46 -3.99
C PRO B 133 -3.11 -31.82 -5.06
N SER B 134 -2.63 -32.22 -6.24
CA SER B 134 -3.54 -32.56 -7.35
C SER B 134 -3.05 -33.62 -8.35
N GLN B 135 -1.81 -34.09 -8.20
CA GLN B 135 -1.16 -34.96 -9.17
C GLN B 135 -0.46 -36.05 -8.40
N ILE B 136 -0.22 -37.19 -9.03
CA ILE B 136 0.47 -38.30 -8.35
C ILE B 136 1.79 -37.85 -7.69
N TYR B 137 2.49 -36.92 -8.34
CA TYR B 137 3.78 -36.45 -7.86
C TYR B 137 3.74 -35.50 -6.66
N ASP B 138 2.60 -34.82 -6.43
CA ASP B 138 2.45 -33.93 -5.27
C ASP B 138 1.23 -34.21 -4.38
N ILE B 139 0.57 -35.35 -4.57
CA ILE B 139 -0.70 -35.63 -3.88
C ILE B 139 -0.56 -35.73 -2.36
N ARG B 140 0.64 -36.05 -1.89
CA ARG B 140 0.90 -36.18 -0.46
C ARG B 140 1.19 -34.83 0.21
N GLY B 141 1.35 -33.76 -0.58
CA GLY B 141 1.60 -32.43 -0.04
C GLY B 141 2.41 -31.58 -1.01
N VAL B 142 1.98 -30.32 -1.13
CA VAL B 142 2.74 -29.27 -1.80
C VAL B 142 3.55 -28.60 -0.70
N PHE B 143 4.80 -29.05 -0.57
CA PHE B 143 5.72 -28.58 0.48
C PHE B 143 6.30 -27.21 0.08
N ASP B 144 7.26 -26.73 0.87
CA ASP B 144 7.90 -25.44 0.66
C ASP B 144 8.47 -25.30 -0.75
N GLY B 145 8.46 -24.07 -1.25
CA GLY B 145 9.05 -23.72 -2.53
C GLY B 145 9.38 -22.24 -2.58
N SER B 146 10.12 -21.86 -3.61
CA SER B 146 10.60 -20.49 -3.78
C SER B 146 10.43 -20.05 -5.22
N ILE B 147 10.61 -18.75 -5.45
CA ILE B 147 10.18 -18.10 -6.68
C ILE B 147 11.34 -17.75 -7.62
N ILE B 148 11.18 -18.16 -8.87
CA ILE B 148 11.94 -17.66 -10.01
C ILE B 148 11.11 -16.52 -10.59
N LYS B 149 11.59 -15.28 -10.46
CA LYS B 149 10.76 -14.13 -10.82
C LYS B 149 10.51 -14.05 -12.33
N GLU B 150 11.52 -14.37 -13.13
CA GLU B 150 11.37 -14.46 -14.58
C GLU B 150 11.56 -15.89 -15.04
N GLY B 151 10.49 -16.65 -14.99
CA GLY B 151 10.53 -18.08 -15.21
C GLY B 151 9.87 -18.50 -16.50
N ILE B 152 9.00 -19.50 -16.41
CA ILE B 152 8.37 -20.11 -17.57
C ILE B 152 7.60 -19.04 -18.34
N ASP B 153 7.90 -18.89 -19.63
CA ASP B 153 7.29 -17.87 -20.49
C ASP B 153 7.38 -16.45 -19.94
N GLY B 154 8.42 -16.18 -19.15
CA GLY B 154 8.62 -14.90 -18.51
C GLY B 154 7.82 -14.64 -17.23
N TYR B 155 7.02 -15.61 -16.78
CA TYR B 155 6.14 -15.42 -15.63
C TYR B 155 6.80 -15.84 -14.32
N PRO B 156 6.35 -15.24 -13.20
CA PRO B 156 6.82 -15.77 -11.93
C PRO B 156 6.53 -17.25 -11.81
N THR B 157 7.51 -17.99 -11.33
CA THR B 157 7.50 -19.44 -11.36
C THR B 157 7.97 -19.95 -9.99
N ILE B 158 7.24 -20.93 -9.45
CA ILE B 158 7.61 -21.52 -8.17
C ILE B 158 8.25 -22.89 -8.45
N LEU B 159 9.38 -23.14 -7.81
CA LEU B 159 9.97 -24.46 -7.71
C LEU B 159 9.69 -24.94 -6.29
N TYR B 160 8.95 -26.05 -6.16
CA TYR B 160 8.47 -26.52 -4.85
C TYR B 160 8.69 -28.01 -4.69
N THR B 161 8.69 -28.45 -3.45
CA THR B 161 8.81 -29.88 -3.16
C THR B 161 7.44 -30.55 -3.31
N SER B 162 7.35 -31.38 -4.33
CA SER B 162 6.17 -32.18 -4.62
C SER B 162 6.37 -33.52 -3.95
N THR B 163 5.45 -33.88 -3.06
CA THR B 163 5.59 -35.13 -2.31
C THR B 163 4.54 -36.17 -2.72
N SER B 164 4.96 -37.43 -2.72
CA SER B 164 4.09 -38.54 -2.99
C SER B 164 4.16 -39.53 -1.82
N PHE B 165 3.77 -40.77 -2.07
N PHE B 165 3.73 -40.78 -2.05
CA PHE B 165 3.62 -41.77 -1.02
CA PHE B 165 3.59 -41.78 -1.00
C PHE B 165 4.97 -42.27 -0.49
C PHE B 165 4.94 -42.27 -0.49
N GLY B 166 4.92 -42.85 0.72
CA GLY B 166 6.07 -43.54 1.31
C GLY B 166 6.54 -42.87 2.58
N PRO B 167 7.34 -43.58 3.39
CA PRO B 167 7.90 -42.96 4.59
C PRO B 167 8.65 -41.67 4.23
N LEU B 168 8.41 -40.62 5.01
CA LEU B 168 9.00 -39.32 4.76
C LEU B 168 9.46 -38.75 6.08
N GLY B 169 10.77 -38.55 6.22
CA GLY B 169 11.32 -37.99 7.44
C GLY B 169 12.76 -38.35 7.68
N ALA B 170 13.45 -37.49 8.41
CA ALA B 170 14.87 -37.66 8.73
C ALA B 170 15.13 -38.87 9.62
N THR B 171 14.15 -39.28 10.42
CA THR B 171 14.27 -40.45 11.29
C THR B 171 13.64 -41.73 10.71
N LEU B 172 13.15 -41.65 9.48
CA LEU B 172 12.52 -42.79 8.81
C LEU B 172 13.40 -43.24 7.66
N ASN B 173 13.01 -44.33 7.00
CA ASN B 173 13.73 -44.85 5.87
C ASN B 173 13.07 -44.37 4.57
N GLU B 174 13.29 -43.11 4.24
CA GLU B 174 12.71 -42.52 3.02
C GLU B 174 13.39 -43.08 1.79
N ALA B 175 12.63 -43.14 0.70
CA ALA B 175 13.13 -43.57 -0.59
C ALA B 175 12.93 -42.49 -1.62
N GLU B 176 13.74 -42.61 -2.66
CA GLU B 176 13.74 -41.72 -3.80
C GLU B 176 12.34 -41.70 -4.43
N GLY B 177 11.89 -40.50 -4.82
CA GLY B 177 10.56 -40.31 -5.42
C GLY B 177 9.53 -39.75 -4.46
N THR B 178 9.66 -40.07 -3.18
CA THR B 178 8.73 -39.56 -2.18
C THR B 178 8.76 -38.03 -2.11
N GLU B 179 9.96 -37.44 -2.24
CA GLU B 179 10.12 -36.00 -2.34
C GLU B 179 10.82 -35.67 -3.63
N THR B 180 10.12 -34.94 -4.50
CA THR B 180 10.69 -34.46 -5.76
C THR B 180 10.48 -32.95 -5.83
N GLN B 181 11.01 -32.30 -6.88
CA GLN B 181 10.86 -30.87 -7.03
C GLN B 181 10.19 -30.57 -8.37
N SER B 182 9.16 -29.72 -8.31
CA SER B 182 8.29 -29.45 -9.45
C SER B 182 8.10 -27.96 -9.66
N LEU B 183 7.68 -27.60 -10.86
CA LEU B 183 7.45 -26.22 -11.25
C LEU B 183 5.97 -25.89 -11.49
N ALA B 184 5.60 -24.67 -11.15
CA ALA B 184 4.34 -24.07 -11.59
C ALA B 184 4.57 -22.60 -11.81
N TYR B 185 3.75 -21.99 -12.66
CA TYR B 185 3.90 -20.55 -12.95
C TYR B 185 2.55 -19.85 -12.86
N THR B 186 2.60 -18.54 -12.67
CA THR B 186 1.38 -17.74 -12.55
C THR B 186 1.30 -16.67 -13.65
N THR B 187 0.14 -16.61 -14.30
CA THR B 187 -0.14 -15.57 -15.29
C THR B 187 -0.99 -14.44 -14.73
N ASP B 188 -1.34 -14.53 -13.44
CA ASP B 188 -2.21 -13.55 -12.80
C ASP B 188 -1.68 -13.07 -11.45
N ASP B 189 -0.36 -12.94 -11.37
CA ASP B 189 0.31 -12.37 -10.21
C ASP B 189 0.00 -13.10 -8.89
N GLY B 190 -0.13 -14.42 -8.96
CA GLY B 190 -0.31 -15.24 -7.76
C GLY B 190 -1.74 -15.61 -7.40
N ALA B 191 -2.73 -15.14 -8.17
CA ALA B 191 -4.12 -15.56 -7.93
C ALA B 191 -4.27 -17.06 -8.21
N SER B 192 -3.53 -17.57 -9.19
CA SER B 192 -3.52 -18.99 -9.51
C SER B 192 -2.16 -19.41 -10.04
N TRP B 193 -1.91 -20.71 -10.02
CA TRP B 193 -0.67 -21.28 -10.57
C TRP B 193 -1.01 -22.45 -11.48
N ILE B 194 -0.25 -22.56 -12.56
CA ILE B 194 -0.38 -23.64 -13.52
C ILE B 194 0.87 -24.51 -13.41
N LYS B 195 0.68 -25.78 -13.07
CA LYS B 195 1.78 -26.73 -12.98
C LYS B 195 2.16 -27.17 -14.36
N LEU B 196 3.46 -27.42 -14.59
CA LEU B 196 3.85 -28.16 -15.78
C LEU B 196 3.21 -29.55 -15.74
N GLY B 197 3.06 -30.16 -16.92
CA GLY B 197 2.49 -31.50 -16.99
C GLY B 197 3.34 -32.55 -16.29
N TYR B 198 2.71 -33.67 -15.93
CA TYR B 198 3.44 -34.80 -15.38
C TYR B 198 4.09 -35.57 -16.51
N GLY B 199 5.40 -35.82 -16.41
CA GLY B 199 6.04 -36.76 -17.33
C GLY B 199 7.48 -36.48 -17.66
N ALA B 200 8.00 -37.25 -18.61
CA ALA B 200 9.40 -37.13 -19.03
C ALA B 200 9.63 -35.75 -19.62
N GLY B 201 10.66 -35.06 -19.12
CA GLY B 201 10.98 -33.72 -19.58
C GLY B 201 10.04 -32.63 -19.04
N GLN B 202 9.18 -32.99 -18.10
CA GLN B 202 8.26 -32.04 -17.48
C GLN B 202 8.32 -32.29 -15.97
N ASN B 203 7.21 -32.15 -15.23
CA ASN B 203 7.24 -32.37 -13.79
C ASN B 203 7.29 -33.85 -13.42
N PRO B 204 7.95 -34.20 -12.32
CA PRO B 204 8.82 -33.29 -11.54
C PRO B 204 10.15 -33.10 -12.27
N VAL B 205 10.76 -31.95 -12.08
CA VAL B 205 11.98 -31.59 -12.79
C VAL B 205 13.26 -32.04 -12.07
N ILE B 206 13.21 -32.21 -10.75
CA ILE B 206 14.33 -32.79 -10.01
C ILE B 206 13.77 -33.94 -9.17
N TYR B 207 14.27 -35.15 -9.43
CA TYR B 207 13.78 -36.36 -8.76
C TYR B 207 14.88 -37.33 -8.32
N GLU B 208 16.02 -37.33 -9.01
CA GLU B 208 17.14 -38.20 -8.61
C GLU B 208 17.83 -37.67 -7.37
N TRP B 209 18.01 -38.54 -6.40
CA TRP B 209 18.78 -38.20 -5.21
C TRP B 209 20.26 -38.04 -5.59
N PRO B 210 20.89 -36.92 -5.16
CA PRO B 210 22.31 -36.73 -5.46
C PRO B 210 23.25 -37.69 -4.71
N GLU B 211 22.84 -38.19 -3.55
CA GLU B 211 23.60 -39.22 -2.82
C GLU B 211 22.58 -40.20 -2.25
N THR B 212 23.03 -41.38 -1.84
CA THR B 212 22.10 -42.38 -1.28
C THR B 212 21.77 -42.09 0.17
N ASN B 213 20.72 -42.73 0.68
CA ASN B 213 20.36 -42.71 2.09
C ASN B 213 20.15 -41.31 2.67
N LEU B 214 19.47 -40.47 1.90
CA LEU B 214 19.15 -39.12 2.36
C LEU B 214 18.17 -39.12 3.51
N THR B 215 18.37 -38.19 4.44
CA THR B 215 17.44 -37.94 5.52
C THR B 215 16.31 -37.02 5.05
N GLY B 216 16.52 -36.32 3.94
CA GLY B 216 15.51 -35.38 3.42
C GLY B 216 15.97 -34.84 2.10
N PHE B 217 15.03 -34.29 1.33
CA PHE B 217 15.33 -33.79 -0.01
C PHE B 217 14.23 -32.82 -0.41
N ARG B 218 14.29 -31.62 0.15
CA ARG B 218 13.18 -30.67 0.03
C ARG B 218 13.57 -29.22 0.20
N ASP B 219 12.57 -28.36 -0.02
CA ASP B 219 12.65 -26.93 0.25
C ASP B 219 13.63 -26.23 -0.71
N PRO B 220 13.39 -26.38 -2.03
CA PRO B 220 14.29 -25.78 -3.02
C PRO B 220 14.29 -24.26 -2.91
N TYR B 221 15.48 -23.68 -2.84
CA TYR B 221 15.65 -22.25 -2.74
C TYR B 221 16.38 -21.77 -3.98
N VAL B 222 15.64 -21.06 -4.85
CA VAL B 222 16.19 -20.59 -6.10
C VAL B 222 16.68 -19.16 -5.92
N PHE B 223 17.87 -18.86 -6.43
CA PHE B 223 18.46 -17.53 -6.27
C PHE B 223 19.47 -17.25 -7.39
N GLN B 224 19.62 -15.98 -7.72
CA GLN B 224 20.66 -15.52 -8.64
C GLN B 224 21.83 -15.09 -7.78
N SER B 225 23.03 -15.22 -8.33
CA SER B 225 24.25 -14.95 -7.57
C SER B 225 25.40 -14.61 -8.51
N PRO B 226 25.59 -13.31 -8.80
CA PRO B 226 26.82 -12.87 -9.47
C PRO B 226 28.10 -13.42 -8.81
N ARG B 227 28.09 -13.50 -7.47
CA ARG B 227 29.18 -14.09 -6.70
C ARG B 227 29.51 -15.52 -7.13
N LEU B 228 28.50 -16.40 -7.08
CA LEU B 228 28.71 -17.79 -7.45
C LEU B 228 29.04 -17.94 -8.94
N GLU B 229 28.42 -17.13 -9.79
CA GLU B 229 28.73 -17.17 -11.23
C GLU B 229 30.22 -16.84 -11.50
N ALA B 230 30.70 -15.78 -10.86
CA ALA B 230 32.12 -15.38 -10.99
C ALA B 230 33.06 -16.49 -10.52
N LEU B 231 32.74 -17.11 -9.38
CA LEU B 231 33.55 -18.21 -8.83
C LEU B 231 33.59 -19.45 -9.72
N LEU B 232 32.47 -19.75 -10.38
CA LEU B 232 32.36 -20.95 -11.20
C LEU B 232 32.72 -20.74 -12.66
N ALA B 233 32.92 -19.49 -13.08
CA ALA B 233 33.11 -19.15 -14.51
C ALA B 233 34.24 -19.93 -15.20
N ASN B 234 35.34 -20.16 -14.49
CA ASN B 234 36.47 -20.90 -15.05
C ASN B 234 36.29 -22.43 -15.06
N THR B 235 35.18 -22.94 -14.51
CA THR B 235 34.89 -24.38 -14.45
C THR B 235 33.67 -24.83 -15.27
N THR B 236 33.03 -23.94 -16.01
CA THR B 236 31.77 -24.29 -16.69
C THR B 236 31.94 -25.34 -17.79
N SER B 237 33.15 -25.47 -18.36
CA SER B 237 33.47 -26.59 -19.26
C SER B 237 33.42 -27.96 -18.57
N ILE B 238 33.64 -28.04 -17.26
CA ILE B 238 33.58 -29.32 -16.53
C ILE B 238 32.14 -29.85 -16.38
N THR B 239 31.21 -28.95 -16.05
CA THR B 239 29.81 -29.30 -15.76
C THR B 239 28.82 -28.96 -16.88
N ASN B 240 29.18 -28.02 -17.75
CA ASN B 240 28.28 -27.43 -18.76
C ASN B 240 27.08 -26.65 -18.21
N ALA B 241 27.05 -26.37 -16.91
CA ALA B 241 25.95 -25.64 -16.28
C ALA B 241 26.32 -24.16 -16.29
N THR B 242 25.57 -23.38 -17.07
CA THR B 242 25.88 -21.96 -17.30
C THR B 242 24.72 -21.01 -17.01
N GLY B 243 23.63 -21.51 -16.43
CA GLY B 243 22.46 -20.68 -16.17
C GLY B 243 22.69 -19.65 -15.08
N ASP B 244 21.80 -18.66 -15.04
CA ASP B 244 21.89 -17.57 -14.07
C ASP B 244 21.09 -17.80 -12.78
N HIS B 245 20.47 -18.96 -12.62
CA HIS B 245 19.82 -19.34 -11.36
C HIS B 245 20.51 -20.52 -10.73
N PHE B 246 20.69 -20.45 -9.42
CA PHE B 246 21.13 -21.56 -8.60
C PHE B 246 19.95 -22.03 -7.76
N ALA B 247 20.00 -23.27 -7.30
CA ALA B 247 19.01 -23.78 -6.35
C ALA B 247 19.68 -24.67 -5.33
N THR B 248 19.39 -24.44 -4.05
CA THR B 248 19.77 -25.40 -3.03
C THR B 248 18.59 -26.28 -2.68
N ILE B 249 18.89 -27.52 -2.31
CA ILE B 249 17.90 -28.45 -1.75
C ILE B 249 18.42 -28.92 -0.40
N SER B 250 17.53 -28.88 0.61
CA SER B 250 17.88 -29.14 1.99
C SER B 250 17.71 -30.62 2.33
N GLY B 251 18.70 -31.18 3.01
CA GLY B 251 18.61 -32.55 3.42
C GLY B 251 19.75 -32.97 4.34
N GLY B 252 20.28 -34.16 4.07
CA GLY B 252 21.32 -34.76 4.91
C GLY B 252 21.49 -36.20 4.54
N VAL B 253 22.38 -36.90 5.25
CA VAL B 253 22.68 -38.30 4.97
C VAL B 253 22.58 -39.07 6.28
N HIS B 254 21.88 -40.21 6.26
CA HIS B 254 21.62 -40.99 7.46
C HIS B 254 22.92 -41.31 8.19
N GLY B 255 22.94 -41.01 9.48
CA GLY B 255 24.11 -41.24 10.32
C GLY B 255 25.28 -40.30 10.14
N ASP B 256 25.25 -39.39 9.15
CA ASP B 256 26.43 -38.61 8.77
C ASP B 256 26.20 -37.09 8.66
N GLY B 257 25.13 -36.59 9.29
CA GLY B 257 24.86 -35.16 9.35
C GLY B 257 24.10 -34.56 8.18
N ALA B 258 23.84 -33.26 8.30
CA ALA B 258 23.02 -32.52 7.35
C ALA B 258 23.81 -32.13 6.12
N ARG B 259 23.08 -31.82 5.05
CA ARG B 259 23.64 -31.41 3.77
C ARG B 259 22.74 -30.35 3.15
N LEU B 260 23.36 -29.34 2.54
CA LEU B 260 22.66 -28.44 1.65
C LEU B 260 23.27 -28.68 0.27
N PHE B 261 22.44 -29.19 -0.65
CA PHE B 261 22.89 -29.57 -1.99
C PHE B 261 22.73 -28.42 -2.95
N LEU B 262 23.75 -28.14 -3.76
CA LEU B 262 23.71 -27.03 -4.71
C LEU B 262 23.54 -27.52 -6.13
N TYR B 263 22.54 -26.94 -6.79
CA TYR B 263 22.25 -27.16 -8.20
C TYR B 263 22.42 -25.86 -8.92
N ARG B 264 22.73 -25.94 -10.21
CA ARG B 264 22.74 -24.79 -11.07
C ARG B 264 21.89 -25.08 -12.30
N GLN B 265 21.05 -24.12 -12.63
CA GLN B 265 20.27 -24.13 -13.87
C GLN B 265 21.24 -24.38 -15.01
N HIS B 266 20.95 -25.37 -15.83
CA HIS B 266 21.89 -25.80 -16.86
C HIS B 266 22.06 -24.74 -17.94
N THR B 267 20.94 -24.15 -18.38
CA THR B 267 20.95 -23.16 -19.45
C THR B 267 20.03 -22.00 -19.13
N THR B 268 20.55 -20.77 -19.29
CA THR B 268 19.76 -19.56 -19.06
C THR B 268 18.49 -19.58 -19.90
N GLY B 269 17.38 -19.15 -19.29
CA GLY B 269 16.09 -19.14 -19.99
C GLY B 269 15.39 -20.48 -20.13
N GLU B 270 15.96 -21.55 -19.58
CA GLU B 270 15.37 -22.89 -19.63
C GLU B 270 15.29 -23.45 -18.21
N PHE B 271 14.15 -24.02 -17.83
CA PHE B 271 13.87 -24.31 -16.41
C PHE B 271 13.63 -25.77 -16.06
N ILE B 272 13.78 -26.66 -17.03
CA ILE B 272 13.59 -28.08 -16.81
C ILE B 272 14.85 -28.71 -16.24
N LYS B 273 16.01 -28.37 -16.81
CA LYS B 273 17.26 -29.04 -16.48
C LYS B 273 18.09 -28.29 -15.42
N TRP B 274 18.30 -28.94 -14.28
CA TRP B 274 19.08 -28.41 -13.17
C TRP B 274 20.22 -29.41 -12.93
N THR B 275 21.45 -28.92 -12.88
CA THR B 275 22.62 -29.78 -12.77
C THR B 275 23.14 -29.75 -11.33
N TYR B 276 23.23 -30.92 -10.72
CA TYR B 276 23.79 -31.04 -9.39
C TYR B 276 25.29 -30.75 -9.46
N LEU B 277 25.74 -29.78 -8.68
CA LEU B 277 27.18 -29.44 -8.62
C LEU B 277 27.86 -30.22 -7.50
N GLY B 278 27.30 -30.12 -6.30
CA GLY B 278 27.85 -30.79 -5.13
C GLY B 278 27.25 -30.23 -3.86
N PRO B 279 27.65 -30.78 -2.69
CA PRO B 279 27.20 -30.24 -1.41
C PRO B 279 27.79 -28.86 -1.18
N LEU B 280 26.95 -27.92 -0.75
CA LEU B 280 27.37 -26.56 -0.44
C LEU B 280 27.77 -26.48 1.01
N VAL B 281 26.91 -27.00 1.89
CA VAL B 281 27.18 -27.04 3.32
C VAL B 281 27.09 -28.48 3.79
N THR B 282 28.11 -28.89 4.53
CA THR B 282 28.21 -30.23 5.08
C THR B 282 28.55 -30.05 6.55
N THR B 283 27.69 -30.56 7.42
CA THR B 283 27.93 -30.55 8.86
C THR B 283 27.83 -31.96 9.39
N GLY B 284 28.31 -32.15 10.61
CA GLY B 284 28.38 -33.48 11.23
C GLY B 284 27.13 -33.83 11.99
N TYR B 285 26.95 -35.13 12.22
CA TYR B 285 25.81 -35.66 12.98
C TYR B 285 25.75 -35.05 14.38
N LYS B 286 24.73 -34.22 14.59
CA LYS B 286 24.53 -33.47 15.82
C LYS B 286 25.74 -32.63 16.27
N GLU B 287 26.51 -32.15 15.29
CA GLU B 287 27.62 -31.24 15.52
C GLU B 287 27.09 -29.93 16.07
N SER B 288 27.78 -29.35 17.05
CA SER B 288 27.48 -27.99 17.49
C SER B 288 28.73 -27.12 17.36
N TYR B 289 28.52 -25.92 16.83
CA TYR B 289 29.57 -24.90 16.81
C TYR B 289 29.75 -24.27 18.19
N GLY B 290 28.78 -24.44 19.08
CA GLY B 290 28.90 -23.98 20.46
C GLY B 290 27.65 -23.35 21.03
N GLU B 291 27.80 -22.75 22.20
CA GLU B 291 26.69 -22.19 23.00
C GLU B 291 25.91 -21.07 22.29
N TRP B 292 26.55 -20.38 21.36
CA TRP B 292 25.97 -19.25 20.63
C TRP B 292 25.36 -19.67 19.29
N SER B 293 25.35 -20.97 19.00
CA SER B 293 25.14 -21.43 17.63
C SER B 293 24.18 -22.62 17.48
N GLY B 294 23.41 -22.93 18.51
CA GLY B 294 22.51 -24.07 18.51
C GLY B 294 23.22 -25.37 18.21
N ASN B 295 22.59 -26.20 17.37
CA ASN B 295 23.13 -27.51 17.00
C ASN B 295 22.71 -27.84 15.56
N TYR B 296 23.65 -28.39 14.78
CA TYR B 296 23.39 -28.66 13.36
C TYR B 296 22.53 -29.89 13.08
N GLY B 297 22.17 -30.64 14.12
CA GLY B 297 21.19 -31.72 14.00
C GLY B 297 21.60 -32.81 13.03
N ILE B 298 20.60 -33.41 12.37
CA ILE B 298 20.82 -34.52 11.43
C ILE B 298 20.36 -34.23 10.00
N ASN B 299 19.64 -33.12 9.81
CA ASN B 299 18.96 -32.84 8.55
C ASN B 299 18.69 -31.34 8.52
N PHE B 300 18.90 -30.72 7.36
CA PHE B 300 18.54 -29.32 7.14
C PHE B 300 17.16 -29.20 6.51
N GLU B 301 16.50 -28.09 6.80
CA GLU B 301 15.23 -27.73 6.19
C GLU B 301 15.21 -26.23 5.90
N THR B 302 14.36 -25.85 4.96
CA THR B 302 14.11 -24.46 4.57
C THR B 302 15.37 -23.59 4.48
N ALA B 303 16.43 -24.13 3.89
CA ALA B 303 17.68 -23.40 3.81
C ALA B 303 17.67 -22.42 2.64
N GLY B 304 18.31 -21.28 2.84
CA GLY B 304 18.49 -20.27 1.80
C GLY B 304 19.91 -19.72 1.80
N VAL B 305 20.26 -19.07 0.70
CA VAL B 305 21.58 -18.49 0.47
C VAL B 305 21.38 -17.03 0.12
N THR B 306 22.15 -16.15 0.76
CA THR B 306 22.11 -14.74 0.45
C THR B 306 23.49 -14.11 0.59
N ARG B 307 23.59 -12.84 0.23
CA ARG B 307 24.83 -12.08 0.33
C ARG B 307 24.44 -10.69 0.77
N LEU B 308 25.06 -10.21 1.85
CA LEU B 308 24.65 -8.98 2.49
C LEU B 308 25.85 -8.07 2.65
N ASN B 309 25.58 -6.78 2.81
CA ASN B 309 26.59 -5.82 3.24
C ASN B 309 25.94 -4.95 4.32
N PRO B 310 26.66 -3.93 4.84
CA PRO B 310 26.06 -3.20 5.96
C PRO B 310 24.69 -2.54 5.67
N ALA B 311 24.42 -2.18 4.42
CA ALA B 311 23.17 -1.53 4.04
C ALA B 311 21.99 -2.50 3.77
N GLY B 312 22.28 -3.77 3.52
CA GLY B 312 21.22 -4.73 3.15
C GLY B 312 21.75 -5.83 2.24
N ALA B 313 21.06 -6.07 1.12
CA ALA B 313 21.46 -7.09 0.16
C ALA B 313 22.59 -6.59 -0.72
N ALA B 314 23.52 -7.49 -1.04
CA ALA B 314 24.67 -7.18 -1.88
C ALA B 314 24.62 -8.06 -3.10
N TRP B 315 24.66 -7.46 -4.29
CA TRP B 315 24.62 -8.19 -5.56
C TRP B 315 25.93 -8.11 -6.36
N ASP B 316 27.03 -7.80 -5.68
CA ASP B 316 28.35 -7.75 -6.31
C ASP B 316 28.87 -9.16 -6.58
N ASN B 317 29.91 -9.24 -7.40
CA ASN B 317 30.56 -10.52 -7.75
C ASN B 317 31.66 -10.99 -6.78
N GLY B 318 31.81 -10.32 -5.65
CA GLY B 318 32.94 -10.53 -4.75
C GLY B 318 33.76 -9.27 -4.54
N SER B 319 33.61 -8.29 -5.44
CA SER B 319 34.37 -7.04 -5.39
C SER B 319 34.08 -6.14 -4.17
N ASP B 320 32.89 -6.24 -3.60
CA ASP B 320 32.55 -5.48 -2.39
C ASP B 320 33.17 -6.17 -1.18
N THR B 321 34.23 -5.57 -0.63
CA THR B 321 34.94 -6.13 0.52
C THR B 321 34.13 -6.05 1.81
N THR B 322 33.06 -5.25 1.84
CA THR B 322 32.18 -5.17 3.00
C THR B 322 31.06 -6.23 2.98
N ALA B 323 30.93 -6.96 1.88
CA ALA B 323 29.86 -7.95 1.73
C ALA B 323 30.24 -9.30 2.33
N VAL B 324 29.25 -10.02 2.83
CA VAL B 324 29.44 -11.32 3.47
C VAL B 324 28.40 -12.29 2.91
N ASP B 325 28.83 -13.51 2.62
CA ASP B 325 27.94 -14.58 2.17
C ASP B 325 27.34 -15.30 3.37
N PHE B 326 26.02 -15.49 3.34
CA PHE B 326 25.31 -16.14 4.45
C PHE B 326 24.44 -17.28 3.93
N VAL B 327 24.29 -18.31 4.76
CA VAL B 327 23.28 -19.35 4.58
C VAL B 327 22.40 -19.33 5.81
N THR B 328 21.07 -19.39 5.61
CA THR B 328 20.13 -19.53 6.73
C THR B 328 19.52 -20.90 6.56
N PHE B 329 19.24 -21.59 7.67
CA PHE B 329 18.79 -22.98 7.60
C PHE B 329 18.22 -23.46 8.92
N GLY B 330 17.22 -24.34 8.81
CA GLY B 330 16.68 -25.04 9.97
C GLY B 330 17.40 -26.35 10.12
N THR B 331 17.52 -26.83 11.36
CA THR B 331 18.07 -28.16 11.63
C THR B 331 17.09 -28.95 12.47
N GLU B 332 17.13 -30.27 12.30
CA GLU B 332 16.26 -31.19 13.00
C GLU B 332 17.04 -32.15 13.90
N GLN B 333 16.43 -32.50 15.03
CA GLN B 333 16.92 -33.54 15.95
C GLN B 333 18.23 -33.20 16.64
N GLY B 334 18.57 -31.90 16.71
CA GLY B 334 19.71 -31.42 17.49
C GLY B 334 19.26 -30.60 18.69
N ARG B 335 18.03 -30.79 19.15
CA ARG B 335 17.48 -29.98 20.21
C ARG B 335 16.49 -30.80 21.01
N ALA B 336 16.53 -30.67 22.32
CA ALA B 336 15.71 -31.46 23.23
C ALA B 336 14.27 -30.96 23.34
N ASP B 337 14.01 -29.75 22.89
CA ASP B 337 12.68 -29.14 22.97
C ASP B 337 12.51 -28.24 21.74
N HIS B 338 11.51 -27.34 21.74
CA HIS B 338 11.22 -26.50 20.56
C HIS B 338 11.05 -27.35 19.31
N GLN B 339 10.28 -28.43 19.46
CA GLN B 339 9.96 -29.36 18.37
C GLN B 339 11.23 -29.88 17.67
N ASN B 340 12.29 -30.06 18.46
CA ASN B 340 13.61 -30.49 17.97
C ASN B 340 14.21 -29.65 16.84
N HIS B 341 13.83 -28.37 16.81
CA HIS B 341 14.12 -27.51 15.66
C HIS B 341 14.92 -26.25 16.02
N TRP B 342 16.05 -26.04 15.34
CA TRP B 342 16.86 -24.82 15.47
C TRP B 342 16.79 -24.05 14.15
N PRO B 343 16.35 -22.77 14.19
CA PRO B 343 16.53 -21.90 13.02
C PRO B 343 17.87 -21.14 13.11
N LEU B 344 18.80 -21.51 12.25
CA LEU B 344 20.18 -21.05 12.33
C LEU B 344 20.59 -20.23 11.13
N TRP B 345 21.78 -19.64 11.23
CA TRP B 345 22.44 -19.00 10.10
C TRP B 345 23.94 -19.16 10.24
N ALA B 346 24.65 -19.05 9.12
CA ALA B 346 26.10 -19.08 9.14
C ALA B 346 26.67 -18.13 8.09
N ALA B 347 27.73 -17.43 8.46
CA ALA B 347 28.54 -16.72 7.50
C ALA B 347 29.47 -17.75 6.90
N VAL B 348 29.68 -17.69 5.59
CA VAL B 348 30.47 -18.71 4.91
C VAL B 348 31.47 -18.08 3.95
N ASP B 349 32.58 -18.78 3.74
CA ASP B 349 33.59 -18.41 2.75
C ASP B 349 33.60 -19.48 1.68
N TYR B 350 33.31 -19.09 0.44
CA TYR B 350 33.16 -20.05 -0.65
C TYR B 350 34.52 -20.47 -1.19
N GLU B 351 34.70 -21.78 -1.41
CA GLU B 351 35.85 -22.34 -2.11
C GLU B 351 35.35 -23.11 -3.32
N VAL B 352 36.07 -23.00 -4.44
CA VAL B 352 35.72 -23.71 -5.66
C VAL B 352 36.42 -25.07 -5.67
N ARG B 353 35.65 -26.14 -5.82
CA ARG B 353 36.20 -27.50 -5.93
C ARG B 353 36.65 -27.77 -7.36
N ASP B 354 37.53 -28.76 -7.50
CA ASP B 354 38.08 -29.13 -8.83
C ASP B 354 37.01 -29.60 -9.81
N ASN B 355 35.94 -30.23 -9.31
CA ASN B 355 34.83 -30.67 -10.17
C ASN B 355 33.80 -29.59 -10.55
N GLY B 356 34.10 -28.32 -10.26
CA GLY B 356 33.22 -27.22 -10.64
C GLY B 356 32.02 -27.05 -9.71
N SER B 357 32.24 -27.30 -8.41
CA SER B 357 31.23 -27.11 -7.37
C SER B 357 31.78 -26.14 -6.32
N ILE B 358 30.97 -25.84 -5.31
CA ILE B 358 31.31 -24.85 -4.29
C ILE B 358 31.20 -25.46 -2.90
N GLU B 359 32.26 -25.32 -2.10
CA GLU B 359 32.19 -25.61 -0.68
C GLU B 359 32.03 -24.31 0.08
N ALA B 360 30.95 -24.21 0.85
CA ALA B 360 30.72 -23.07 1.73
C ALA B 360 31.28 -23.43 3.09
N VAL B 361 32.44 -22.87 3.41
CA VAL B 361 33.13 -23.16 4.67
C VAL B 361 32.63 -22.19 5.73
N ILE B 362 32.08 -22.72 6.81
CA ILE B 362 31.47 -21.91 7.85
C ILE B 362 32.54 -21.07 8.58
N ALA B 363 32.38 -19.74 8.58
CA ALA B 363 33.31 -18.80 9.24
C ALA B 363 32.85 -18.46 10.65
N TYR B 364 31.55 -18.25 10.81
CA TYR B 364 30.91 -18.16 12.12
C TYR B 364 29.43 -18.49 11.96
N SER B 365 28.76 -18.75 13.07
CA SER B 365 27.46 -19.44 13.01
C SER B 365 26.60 -19.01 14.18
N GLY B 366 25.37 -18.61 13.88
CA GLY B 366 24.45 -18.13 14.90
C GLY B 366 23.04 -18.67 14.77
N VAL B 367 22.15 -18.01 15.50
CA VAL B 367 20.76 -18.40 15.65
C VAL B 367 19.90 -17.26 15.12
N GLN B 368 18.95 -17.59 14.25
CA GLN B 368 18.09 -16.55 13.67
C GLN B 368 16.99 -16.12 14.65
N ASP B 369 16.49 -17.06 15.45
CA ASP B 369 15.53 -16.78 16.51
C ASP B 369 15.66 -17.88 17.57
N TRP B 370 15.66 -17.50 18.84
CA TRP B 370 15.93 -18.44 19.93
C TRP B 370 14.68 -19.10 20.53
N GLY B 371 13.50 -18.72 20.05
CA GLY B 371 12.25 -19.20 20.64
C GLY B 371 11.45 -20.15 19.75
N ARG B 372 10.13 -20.09 19.90
CA ARG B 372 9.20 -21.00 19.22
C ARG B 372 8.93 -20.57 17.79
N SER B 373 9.99 -20.46 17.00
CA SER B 373 9.86 -20.15 15.58
C SER B 373 10.84 -20.98 14.77
N TYR B 374 10.54 -21.09 13.47
CA TYR B 374 11.26 -21.98 12.58
C TYR B 374 10.84 -21.65 11.15
N ALA B 375 11.56 -22.23 10.20
CA ALA B 375 11.21 -22.19 8.78
C ALA B 375 11.33 -20.77 8.23
N TYR B 376 12.47 -20.13 8.51
CA TYR B 376 12.72 -18.79 8.00
C TYR B 376 13.00 -18.86 6.52
N ALA B 377 12.34 -17.96 5.76
CA ALA B 377 12.57 -17.77 4.34
C ALA B 377 13.04 -16.33 4.15
N SER B 378 13.98 -16.11 3.24
CA SER B 378 14.38 -14.76 2.85
C SER B 378 14.21 -14.55 1.36
N PHE B 379 13.94 -13.31 0.98
CA PHE B 379 13.68 -12.96 -0.42
C PHE B 379 14.14 -11.52 -0.71
N PRO B 380 14.53 -11.26 -1.96
CA PRO B 380 14.99 -9.92 -2.32
C PRO B 380 13.86 -8.91 -2.44
N VAL B 381 14.12 -7.69 -1.99
CA VAL B 381 13.15 -6.59 -2.06
C VAL B 381 13.89 -5.39 -2.65
N GLU B 382 13.19 -4.61 -3.48
CA GLU B 382 13.79 -3.45 -4.15
C GLU B 382 14.44 -2.50 -3.17
N GLY B 383 15.48 -1.81 -3.64
CA GLY B 383 16.29 -0.95 -2.77
C GLY B 383 17.38 -1.72 -2.04
N TYR B 384 17.85 -2.82 -2.65
CA TYR B 384 18.96 -3.61 -2.12
C TYR B 384 18.68 -4.14 -0.72
N ARG B 385 17.54 -4.83 -0.58
CA ARG B 385 17.12 -5.41 0.69
C ARG B 385 16.94 -6.91 0.53
N GLN B 386 17.18 -7.63 1.62
CA GLN B 386 16.84 -9.03 1.75
C GLN B 386 16.00 -9.12 3.00
N VAL B 387 14.78 -9.63 2.86
CA VAL B 387 13.80 -9.62 3.94
C VAL B 387 13.51 -11.07 4.32
N SER B 388 13.45 -11.31 5.62
CA SER B 388 13.32 -12.66 6.18
C SER B 388 12.09 -12.71 7.06
N VAL B 389 11.39 -13.85 7.01
CA VAL B 389 10.21 -14.07 7.83
C VAL B 389 10.12 -15.56 8.15
N GLY B 390 9.62 -15.86 9.34
CA GLY B 390 9.48 -17.24 9.78
C GLY B 390 8.10 -17.53 10.30
N TRP B 391 7.95 -18.71 10.88
CA TRP B 391 6.69 -19.19 11.42
C TRP B 391 6.83 -19.38 12.92
N ILE B 392 5.87 -18.83 13.66
CA ILE B 392 5.78 -19.00 15.11
C ILE B 392 4.69 -20.04 15.38
N TYR B 393 5.10 -21.18 15.91
CA TYR B 393 4.14 -22.22 16.31
C TYR B 393 3.52 -21.86 17.65
N GLU B 394 2.44 -22.55 18.01
CA GLU B 394 1.78 -22.35 19.30
C GLU B 394 2.62 -23.04 20.38
N ASP B 395 2.21 -22.91 21.64
CA ASP B 395 2.83 -23.67 22.72
C ASP B 395 1.77 -24.55 23.36
N ASP B 396 1.24 -25.47 22.53
CA ASP B 396 0.22 -26.42 22.92
C ASP B 396 0.55 -27.74 22.22
N ASP B 397 1.76 -28.24 22.48
CA ASP B 397 2.31 -29.37 21.74
C ASP B 397 1.55 -30.69 21.95
N ASN B 398 0.79 -30.80 23.04
CA ASN B 398 -0.11 -31.95 23.25
C ASN B 398 -1.49 -31.78 22.63
N VAL B 399 -1.72 -30.67 21.94
CA VAL B 399 -2.93 -30.44 21.13
C VAL B 399 -4.19 -30.49 22.01
N ILE B 400 -4.14 -29.78 23.13
CA ILE B 400 -5.19 -29.81 24.14
C ILE B 400 -6.29 -28.82 23.84
N LEU B 401 -5.94 -27.62 23.37
CA LEU B 401 -6.93 -26.57 23.07
C LEU B 401 -6.92 -26.12 21.59
N ALA B 402 -6.25 -26.87 20.72
CA ALA B 402 -6.14 -26.48 19.30
C ALA B 402 -7.50 -26.39 18.62
N LYS B 403 -8.36 -27.39 18.85
CA LYS B 403 -9.71 -27.35 18.27
C LYS B 403 -10.52 -26.18 18.77
N GLN B 404 -10.35 -25.87 20.06
CA GLN B 404 -11.03 -24.73 20.67
C GLN B 404 -10.53 -23.41 20.05
N PHE B 405 -9.23 -23.31 19.77
CA PHE B 405 -8.68 -22.16 19.01
C PHE B 405 -9.35 -22.08 17.64
N GLY B 406 -9.39 -23.20 16.92
CA GLY B 406 -9.83 -23.23 15.53
C GLY B 406 -8.75 -22.79 14.52
N TYR B 407 -7.51 -22.67 14.99
CA TYR B 407 -6.37 -22.31 14.15
C TYR B 407 -5.09 -22.67 14.90
N GLN B 408 -3.99 -22.76 14.16
CA GLN B 408 -2.65 -22.91 14.72
C GLN B 408 -1.66 -22.12 13.86
N GLY B 409 -0.85 -21.30 14.52
CA GLY B 409 0.34 -20.71 13.90
C GLY B 409 0.17 -19.28 13.43
N ALA B 410 1.30 -18.59 13.32
CA ALA B 410 1.37 -17.26 12.72
C ALA B 410 2.75 -17.08 12.13
N PHE B 411 2.96 -15.98 11.39
CA PHE B 411 4.30 -15.59 11.00
C PHE B 411 4.96 -14.80 12.13
N THR B 412 6.27 -14.68 12.05
CA THR B 412 7.01 -13.64 12.74
C THR B 412 6.73 -12.32 12.03
N LEU B 413 7.33 -11.25 12.51
CA LEU B 413 7.40 -10.01 11.74
C LEU B 413 8.41 -10.19 10.60
N PHE B 414 8.29 -9.34 9.59
CA PHE B 414 9.23 -9.35 8.48
C PHE B 414 10.46 -8.55 8.89
N ARG B 415 11.63 -9.08 8.55
CA ARG B 415 12.89 -8.56 9.06
C ARG B 415 13.84 -8.24 7.93
N ASP B 416 14.39 -7.03 7.92
CA ASP B 416 15.51 -6.72 7.03
C ASP B 416 16.77 -7.38 7.57
N LEU B 417 17.46 -8.09 6.68
CA LEU B 417 18.78 -8.63 6.98
C LEU B 417 19.83 -7.67 6.46
N PHE B 418 20.95 -7.60 7.19
CA PHE B 418 22.09 -6.75 6.82
C PHE B 418 23.30 -7.22 7.62
N VAL B 419 24.48 -6.73 7.24
CA VAL B 419 25.69 -7.02 8.02
C VAL B 419 25.77 -5.99 9.13
N LYS B 420 25.65 -6.44 10.38
CA LYS B 420 25.80 -5.57 11.53
C LYS B 420 27.30 -5.39 11.80
N VAL B 421 27.76 -4.14 11.79
CA VAL B 421 29.16 -3.81 12.07
C VAL B 421 29.22 -2.93 13.32
N VAL B 422 29.99 -3.35 14.32
CA VAL B 422 30.19 -2.57 15.53
C VAL B 422 31.67 -2.17 15.57
N GLU B 423 31.92 -0.86 15.55
CA GLU B 423 33.28 -0.34 15.55
C GLU B 423 33.74 0.00 16.95
N ASN B 424 35.06 0.08 17.12
CA ASN B 424 35.68 0.51 18.38
C ASN B 424 35.26 -0.33 19.57
N VAL B 425 35.22 -1.65 19.38
CA VAL B 425 34.87 -2.57 20.44
C VAL B 425 36.10 -2.80 21.32
N SER B 426 35.90 -2.75 22.63
CA SER B 426 36.93 -3.00 23.63
C SER B 426 37.37 -4.47 23.65
N PRO B 427 38.69 -4.72 23.52
CA PRO B 427 39.20 -6.09 23.64
C PRO B 427 38.94 -6.78 24.96
N SER B 428 38.57 -6.04 26.00
CA SER B 428 38.23 -6.63 27.28
C SER B 428 36.75 -7.05 27.38
N THR B 429 35.97 -6.89 26.30
CA THR B 429 34.63 -7.45 26.24
C THR B 429 34.74 -8.94 26.55
N PRO B 430 34.06 -9.42 27.62
CA PRO B 430 34.18 -10.84 27.97
C PRO B 430 33.78 -11.77 26.82
N GLY B 431 34.60 -12.80 26.59
CA GLY B 431 34.31 -13.82 25.58
C GLY B 431 34.32 -13.38 24.12
N LEU B 432 34.92 -12.23 23.83
CA LEU B 432 34.86 -11.65 22.48
C LEU B 432 35.53 -12.52 21.40
N PHE B 433 36.59 -13.24 21.79
CA PHE B 433 37.41 -14.00 20.84
C PHE B 433 37.08 -15.50 20.81
N GLU B 434 36.05 -15.91 21.56
CA GLU B 434 35.47 -17.26 21.48
C GLU B 434 34.76 -17.58 20.18
N GLN B 435 34.65 -18.88 19.87
CA GLN B 435 34.00 -19.34 18.65
C GLN B 435 32.50 -19.24 18.81
N ALA B 436 31.87 -18.36 18.03
CA ALA B 436 30.51 -17.98 18.27
C ALA B 436 29.95 -17.40 16.96
N SER B 437 29.17 -16.34 17.06
CA SER B 437 28.33 -15.89 15.95
C SER B 437 28.71 -14.52 15.42
N TRP B 438 30.00 -14.20 15.48
CA TRP B 438 30.52 -12.93 14.94
C TRP B 438 31.97 -13.12 14.54
N SER B 439 32.51 -12.17 13.77
CA SER B 439 33.94 -12.14 13.48
C SER B 439 34.52 -10.88 14.13
N THR B 440 35.82 -10.96 14.39
CA THR B 440 36.57 -9.85 14.97
C THR B 440 37.74 -9.54 14.06
N LYS B 441 37.99 -8.25 13.85
CA LYS B 441 39.19 -7.78 13.17
C LYS B 441 39.85 -6.75 14.10
N ASN B 442 41.06 -7.08 14.56
CA ASN B 442 41.83 -6.19 15.42
C ASN B 442 42.30 -4.97 14.66
N SER B 443 42.36 -3.83 15.37
CA SER B 443 43.03 -2.64 14.85
C SER B 443 44.54 -2.93 14.75
N THR B 444 45.25 -2.15 13.96
CA THR B 444 46.71 -2.30 13.86
C THR B 444 47.41 -2.27 15.23
N ASP B 445 46.96 -1.36 16.10
CA ASP B 445 47.57 -1.21 17.44
C ASP B 445 47.04 -2.17 18.51
N GLY B 446 46.03 -2.98 18.16
CA GLY B 446 45.50 -3.99 19.06
C GLY B 446 44.64 -3.48 20.19
N MET B 447 44.31 -2.19 20.19
CA MET B 447 43.56 -1.55 21.28
C MET B 447 42.05 -1.53 21.02
N SER B 448 41.63 -1.81 19.79
CA SER B 448 40.21 -1.93 19.46
C SER B 448 39.95 -3.05 18.45
N VAL B 449 38.67 -3.42 18.36
CA VAL B 449 38.21 -4.51 17.50
C VAL B 449 37.00 -4.03 16.71
N THR B 450 36.91 -4.44 15.45
CA THR B 450 35.67 -4.31 14.66
C THR B 450 34.94 -5.66 14.69
N VAL B 451 33.67 -5.64 15.12
CA VAL B 451 32.85 -6.83 15.19
C VAL B 451 31.90 -6.85 14.00
N THR B 452 31.79 -8.00 13.34
CA THR B 452 30.85 -8.19 12.24
C THR B 452 29.94 -9.38 12.57
N THR B 453 28.64 -9.22 12.36
CA THR B 453 27.69 -10.32 12.54
C THR B 453 26.45 -10.10 11.65
N LEU B 454 25.51 -11.03 11.72
CA LEU B 454 24.24 -10.88 11.00
C LEU B 454 23.36 -9.90 11.77
N GLY B 455 22.89 -8.87 11.08
CA GLY B 455 21.92 -7.95 11.64
C GLY B 455 20.52 -8.35 11.21
N GLN B 456 19.56 -8.17 12.11
CA GLN B 456 18.13 -8.34 11.83
C GLN B 456 17.38 -7.20 12.48
N ARG B 457 16.48 -6.57 11.73
CA ARG B 457 15.59 -5.56 12.29
C ARG B 457 14.24 -5.62 11.62
N VAL B 458 13.20 -5.24 12.35
CA VAL B 458 11.85 -5.27 11.81
C VAL B 458 11.82 -4.26 10.67
N VAL B 459 11.20 -4.64 9.56
CA VAL B 459 11.12 -3.76 8.40
C VAL B 459 10.52 -2.40 8.78
N PRO B 460 11.13 -1.31 8.29
CA PRO B 460 10.68 0.02 8.75
C PRO B 460 9.22 0.34 8.44
N GLU B 461 8.66 -0.25 7.39
CA GLU B 461 7.26 -0.07 7.03
C GLU B 461 6.34 -0.48 8.18
N THR B 462 6.67 -1.59 8.83
CA THR B 462 5.89 -2.13 9.94
C THR B 462 6.05 -1.26 11.19
N LEU B 463 7.28 -0.87 11.51
CA LEU B 463 7.53 0.00 12.67
C LEU B 463 6.79 1.34 12.52
N ALA B 464 6.85 1.93 11.32
CA ALA B 464 6.13 3.19 11.06
C ALA B 464 4.62 3.04 11.18
N ALA B 465 4.07 1.99 10.57
CA ALA B 465 2.64 1.77 10.59
C ALA B 465 2.16 1.48 12.02
N TYR B 466 2.88 0.64 12.74
CA TYR B 466 2.58 0.32 14.14
C TYR B 466 2.53 1.58 15.00
N LYS B 467 3.60 2.36 14.96
CA LYS B 467 3.69 3.58 15.77
C LYS B 467 2.59 4.57 15.38
N GLY B 468 2.41 4.80 14.08
CA GLY B 468 1.43 5.76 13.60
C GLY B 468 -0.02 5.45 13.89
N ASN B 469 -0.35 4.16 13.98
CA ASN B 469 -1.70 3.72 14.31
C ASN B 469 -1.93 3.51 15.81
N SER B 470 -0.86 3.54 16.60
CA SER B 470 -0.96 3.33 18.04
C SER B 470 -1.16 4.64 18.82
N THR B 471 -1.65 4.50 20.05
CA THR B 471 -1.52 5.55 21.05
C THR B 471 -0.12 5.41 21.64
N VAL B 472 0.73 6.38 21.34
CA VAL B 472 2.12 6.35 21.74
C VAL B 472 2.30 7.11 23.05
N SER B 473 2.91 6.46 24.05
CA SER B 473 3.30 7.11 25.29
C SER B 473 4.82 7.09 25.37
N THR B 474 5.43 8.28 25.33
CA THR B 474 6.86 8.43 25.52
C THR B 474 7.07 8.57 27.03
N LEU B 475 7.81 7.63 27.61
CA LEU B 475 7.93 7.52 29.06
C LEU B 475 9.21 8.13 29.56
N ALA B 476 9.17 8.69 30.77
CA ALA B 476 10.34 9.31 31.38
C ALA B 476 11.40 8.25 31.67
N PRO B 477 12.69 8.60 31.56
CA PRO B 477 13.72 7.62 31.92
C PRO B 477 13.66 7.24 33.40
N VAL B 478 14.11 6.03 33.72
CA VAL B 478 13.99 5.48 35.06
C VAL B 478 15.34 4.91 35.47
N MET B 479 15.87 5.38 36.60
CA MET B 479 17.06 4.79 37.22
C MET B 479 16.58 3.69 38.15
N LEU B 480 17.05 2.47 37.91
CA LEU B 480 16.73 1.33 38.75
C LEU B 480 17.87 1.16 39.75
N ASN B 481 17.58 1.45 41.01
CA ASN B 481 18.58 1.44 42.08
C ASN B 481 18.01 0.73 43.32
N GLU B 482 18.48 1.09 44.52
CA GLU B 482 17.97 0.47 45.76
C GLU B 482 16.48 0.68 46.00
N SER B 483 15.93 1.77 45.46
CA SER B 483 14.49 2.06 45.60
C SER B 483 13.59 1.30 44.62
N ALA B 484 14.18 0.63 43.62
CA ALA B 484 13.39 -0.07 42.58
C ALA B 484 12.63 -1.25 43.13
N ALA B 485 11.31 -1.28 42.91
CA ALA B 485 10.52 -2.49 43.17
C ALA B 485 10.93 -3.61 42.19
N ALA B 486 10.50 -4.84 42.46
CA ALA B 486 10.75 -5.96 41.55
C ALA B 486 10.08 -5.70 40.20
N TYR B 487 8.84 -5.22 40.26
CA TYR B 487 8.05 -4.85 39.10
C TYR B 487 7.53 -3.43 39.26
N THR B 488 7.78 -2.59 38.26
CA THR B 488 7.30 -1.21 38.26
C THR B 488 6.47 -0.97 36.99
N PRO B 489 5.12 -0.96 37.10
CA PRO B 489 4.28 -0.68 35.94
C PRO B 489 4.65 0.63 35.26
N PHE B 490 4.56 0.67 33.94
CA PHE B 490 4.78 1.93 33.21
C PHE B 490 3.72 2.93 33.62
N SER B 491 4.09 4.22 33.55
CA SER B 491 3.16 5.32 33.86
C SER B 491 1.93 5.37 32.95
N SER B 492 2.06 4.84 31.74
CA SER B 492 0.90 4.57 30.87
C SER B 492 0.82 3.08 30.61
N GLN B 493 -0.40 2.56 30.52
CA GLN B 493 -0.62 1.12 30.39
C GLN B 493 -1.26 0.76 29.05
N PRO B 494 -0.97 -0.45 28.54
CA PRO B 494 -1.73 -0.97 27.40
C PRO B 494 -3.23 -1.06 27.69
N THR B 495 -4.05 -1.10 26.63
CA THR B 495 -5.49 -1.28 26.75
C THR B 495 -5.95 -2.66 26.28
N ASP B 496 -5.04 -3.46 25.74
CA ASP B 496 -5.37 -4.79 25.18
C ASP B 496 -4.05 -5.54 24.95
N ARG B 497 -4.10 -6.68 24.26
CA ARG B 497 -2.92 -7.53 24.06
C ARG B 497 -2.17 -7.24 22.76
N PHE B 498 -2.18 -5.97 22.33
CA PHE B 498 -1.59 -5.58 21.06
C PHE B 498 -0.80 -4.30 21.32
N TYR B 499 0.50 -4.48 21.56
CA TYR B 499 1.36 -3.36 21.85
C TYR B 499 2.83 -3.64 21.64
N ALA B 500 3.61 -2.55 21.59
CA ALA B 500 5.05 -2.61 21.46
C ALA B 500 5.70 -1.80 22.56
N LEU B 501 6.86 -2.27 23.02
CA LEU B 501 7.66 -1.59 24.01
C LEU B 501 9.05 -1.42 23.46
N THR B 502 9.68 -0.31 23.80
CA THR B 502 11.09 -0.15 23.57
C THR B 502 11.78 0.43 24.79
N GLY B 503 13.05 0.10 24.96
CA GLY B 503 13.85 0.63 26.06
C GLY B 503 15.32 0.34 25.85
N SER B 504 16.16 1.25 26.34
CA SER B 504 17.62 1.09 26.34
C SER B 504 18.03 0.94 27.80
N PHE B 505 18.67 -0.19 28.12
CA PHE B 505 19.08 -0.52 29.48
C PHE B 505 20.59 -0.37 29.56
N GLU B 506 21.05 0.58 30.38
CA GLU B 506 22.48 0.85 30.54
C GLU B 506 22.96 0.21 31.84
N PHE B 507 23.93 -0.71 31.69
CA PHE B 507 24.47 -1.48 32.81
C PHE B 507 25.92 -1.10 33.06
N GLY B 508 26.35 -1.15 34.32
CA GLY B 508 27.77 -1.09 34.64
C GLY B 508 28.50 -2.29 34.06
N LEU B 509 29.77 -2.10 33.71
CA LEU B 509 30.56 -3.17 33.11
C LEU B 509 30.76 -4.41 34.00
N ASN B 510 30.62 -4.28 35.31
CA ASN B 510 30.75 -5.43 36.20
C ASN B 510 29.46 -5.65 36.99
N THR B 511 28.33 -5.31 36.37
CA THR B 511 27.03 -5.45 37.03
C THR B 511 26.73 -6.92 37.35
N THR B 512 25.96 -7.12 38.40
CA THR B 512 25.30 -8.41 38.64
C THR B 512 23.80 -8.19 38.75
N ALA B 513 23.31 -7.03 38.33
CA ALA B 513 21.89 -6.73 38.36
C ALA B 513 21.22 -7.32 37.12
N LYS B 514 19.92 -7.56 37.22
CA LYS B 514 19.10 -7.98 36.07
C LYS B 514 18.02 -6.93 35.89
N ALA B 515 17.64 -6.71 34.63
CA ALA B 515 16.52 -5.83 34.33
C ALA B 515 15.83 -6.27 33.05
N GLY B 516 14.60 -5.80 32.87
CA GLY B 516 13.86 -6.10 31.65
C GLY B 516 12.44 -5.59 31.69
N PHE B 517 11.54 -6.31 31.00
CA PHE B 517 10.15 -5.95 30.90
C PHE B 517 9.25 -7.08 31.35
N ARG B 518 8.21 -6.75 32.09
CA ARG B 518 7.09 -7.67 32.33
C ARG B 518 5.96 -7.26 31.40
N VAL B 519 5.30 -8.24 30.79
CA VAL B 519 4.21 -8.00 29.83
C VAL B 519 3.04 -8.95 30.08
N LEU B 520 1.90 -8.63 29.48
CA LEU B 520 0.66 -9.39 29.63
C LEU B 520 0.39 -9.70 31.09
N ALA B 521 0.41 -8.63 31.90
CA ALA B 521 0.50 -8.74 33.34
C ALA B 521 -0.74 -8.24 34.07
N SER B 522 -1.25 -9.08 34.95
CA SER B 522 -2.14 -8.69 36.02
C SER B 522 -1.45 -9.19 37.31
N GLU B 523 -2.13 -9.11 38.45
CA GLU B 523 -1.59 -9.64 39.71
C GLU B 523 -1.28 -11.13 39.61
N GLU B 524 -2.16 -11.89 38.96
CA GLU B 524 -2.08 -13.35 38.94
C GLU B 524 -1.39 -13.98 37.72
N GLU B 525 -1.33 -13.25 36.61
CA GLU B 525 -0.68 -13.76 35.39
C GLU B 525 0.27 -12.69 34.85
N TYR B 526 1.44 -13.12 34.42
CA TYR B 526 2.41 -12.20 33.84
C TYR B 526 3.54 -12.98 33.19
N THR B 527 4.25 -12.33 32.27
CA THR B 527 5.39 -12.92 31.57
C THR B 527 6.57 -11.99 31.73
N ASP B 528 7.69 -12.52 32.20
CA ASP B 528 8.85 -11.71 32.56
C ASP B 528 9.98 -11.91 31.58
N ILE B 529 10.43 -10.81 30.98
CA ILE B 529 11.55 -10.81 30.04
C ILE B 529 12.74 -10.16 30.76
N TRP B 530 13.76 -10.97 31.06
CA TRP B 530 14.91 -10.53 31.85
C TRP B 530 16.14 -10.54 30.98
N PHE B 531 17.03 -9.55 31.16
CA PHE B 531 18.41 -9.72 30.73
C PHE B 531 19.33 -9.68 31.95
N ASP B 532 20.31 -10.58 31.94
CA ASP B 532 21.25 -10.80 33.05
C ASP B 532 22.63 -10.71 32.44
N PRO B 533 23.20 -9.48 32.40
CA PRO B 533 24.50 -9.30 31.72
C PRO B 533 25.64 -10.19 32.24
N ALA B 534 25.63 -10.54 33.52
CA ALA B 534 26.67 -11.40 34.11
C ALA B 534 26.74 -12.78 33.45
N SER B 535 25.57 -13.36 33.13
CA SER B 535 25.48 -14.66 32.41
C SER B 535 25.33 -14.54 30.88
N GLU B 536 25.03 -13.32 30.40
CA GLU B 536 24.76 -13.01 28.98
C GLU B 536 23.47 -13.64 28.48
N ASN B 537 22.53 -13.89 29.39
CA ASN B 537 21.31 -14.59 29.06
C ASN B 537 20.12 -13.66 29.06
N LEU B 538 19.38 -13.68 27.95
CA LEU B 538 18.07 -13.06 27.84
C LEU B 538 17.06 -14.17 28.02
N THR B 539 16.20 -14.05 29.02
CA THR B 539 15.24 -15.11 29.32
C THR B 539 13.82 -14.60 29.29
N VAL B 540 12.90 -15.51 28.99
CA VAL B 540 11.48 -15.25 29.15
C VAL B 540 10.94 -16.30 30.11
N VAL B 541 10.61 -15.85 31.30
CA VAL B 541 10.11 -16.71 32.36
C VAL B 541 8.60 -16.74 32.27
N ARG B 542 8.07 -17.94 32.11
CA ARG B 542 6.66 -18.13 31.81
C ARG B 542 5.94 -19.00 32.83
N THR B 543 6.53 -19.16 34.02
CA THR B 543 5.92 -19.95 35.09
C THR B 543 4.58 -19.39 35.55
N ALA B 544 4.38 -18.07 35.41
CA ALA B 544 3.08 -17.45 35.71
C ALA B 544 2.36 -16.86 34.48
N SER B 545 2.79 -17.21 33.27
CA SER B 545 2.20 -16.62 32.05
C SER B 545 0.69 -16.84 31.95
N SER B 546 0.22 -17.99 32.41
CA SER B 546 -1.20 -18.30 32.35
C SER B 546 -1.68 -19.20 33.48
N LEU B 547 -2.91 -18.96 33.92
CA LEU B 547 -3.65 -19.87 34.80
C LEU B 547 -4.05 -21.17 34.10
N ILE B 548 -4.10 -21.16 32.77
CA ILE B 548 -4.41 -22.35 31.99
C ILE B 548 -3.14 -23.21 31.93
N LYS B 549 -3.19 -24.38 32.57
CA LYS B 549 -1.96 -25.15 32.81
C LYS B 549 -1.48 -26.03 31.67
N SER B 550 -2.30 -26.21 30.65
CA SER B 550 -1.93 -27.08 29.52
C SER B 550 -0.93 -26.45 28.53
N PHE B 551 -0.80 -25.11 28.55
CA PHE B 551 0.17 -24.44 27.68
C PHE B 551 1.59 -24.58 28.21
N GLY B 552 2.57 -24.49 27.32
CA GLY B 552 3.97 -24.57 27.71
C GLY B 552 4.34 -23.45 28.67
N ASN B 553 5.21 -23.77 29.63
CA ASN B 553 5.68 -22.79 30.61
C ASN B 553 7.19 -22.77 30.82
N ASP B 554 7.93 -23.41 29.92
CA ASP B 554 9.39 -23.46 30.01
C ASP B 554 9.99 -22.08 29.75
N THR B 555 11.17 -21.87 30.32
CA THR B 555 11.85 -20.60 30.23
C THR B 555 12.58 -20.51 28.90
N GLU B 556 12.32 -19.47 28.13
CA GLU B 556 13.04 -19.26 26.87
C GLU B 556 14.37 -18.64 27.20
N LEU B 557 15.36 -18.87 26.36
CA LEU B 557 16.70 -18.35 26.58
C LEU B 557 17.41 -18.01 25.27
N ALA B 558 17.96 -16.81 25.22
CA ALA B 558 18.87 -16.40 24.18
C ALA B 558 20.16 -15.88 24.79
N LYS B 559 21.27 -16.08 24.09
CA LYS B 559 22.52 -15.44 24.43
C LYS B 559 22.58 -14.09 23.71
N VAL B 560 23.02 -13.05 24.43
CA VAL B 560 23.24 -11.74 23.84
C VAL B 560 24.60 -11.21 24.28
N LYS B 561 25.45 -10.90 23.31
CA LYS B 561 26.74 -10.29 23.56
C LYS B 561 26.62 -8.78 23.53
N LEU B 562 26.83 -8.14 24.68
CA LEU B 562 26.96 -6.69 24.71
C LEU B 562 28.40 -6.34 24.37
N TYR B 563 28.62 -5.90 23.14
CA TYR B 563 29.95 -5.51 22.67
C TYR B 563 30.28 -4.17 23.35
N GLU B 564 31.28 -4.19 24.23
CA GLU B 564 31.63 -3.01 25.02
C GLU B 564 32.46 -2.09 24.15
N ILE B 565 32.18 -0.79 24.22
CA ILE B 565 32.84 0.19 23.35
C ILE B 565 34.04 0.79 24.09
N VAL B 566 35.13 1.01 23.35
CA VAL B 566 36.36 1.55 23.92
C VAL B 566 36.05 2.91 24.57
N GLY B 567 36.45 3.07 25.83
CA GLY B 567 36.22 4.31 26.58
C GLY B 567 34.91 4.37 27.33
N ALA B 568 33.99 3.44 27.08
CA ALA B 568 32.71 3.45 27.76
C ALA B 568 32.89 2.86 29.14
N GLU B 569 32.13 3.38 30.10
CA GLU B 569 32.10 2.83 31.45
C GLU B 569 30.77 2.13 31.71
N SER B 570 30.11 1.70 30.63
CA SER B 570 28.82 1.02 30.71
C SER B 570 28.61 0.20 29.45
N LYS B 571 27.60 -0.66 29.48
CA LYS B 571 27.21 -1.47 28.33
C LYS B 571 25.70 -1.44 28.22
N THR B 572 25.19 -1.38 26.98
CA THR B 572 23.77 -1.09 26.73
C THR B 572 23.04 -2.18 25.96
N LEU B 573 21.84 -2.51 26.44
CA LEU B 573 20.92 -3.43 25.77
C LEU B 573 19.75 -2.60 25.27
N ASN B 574 19.56 -2.57 23.95
CA ASN B 574 18.36 -2.00 23.34
C ASN B 574 17.36 -3.11 23.07
N LEU B 575 16.25 -3.09 23.79
CA LEU B 575 15.24 -4.13 23.77
C LEU B 575 13.96 -3.57 23.15
N THR B 576 13.43 -4.26 22.14
CA THR B 576 12.10 -3.97 21.58
C THR B 576 11.24 -5.23 21.72
N VAL B 577 10.01 -5.06 22.21
CA VAL B 577 9.10 -6.18 22.44
C VAL B 577 7.76 -5.90 21.77
N PHE B 578 7.29 -6.89 21.01
CA PHE B 578 5.96 -6.85 20.40
C PHE B 578 5.09 -7.89 21.09
N VAL B 579 3.94 -7.44 21.56
CA VAL B 579 2.93 -8.28 22.17
C VAL B 579 1.74 -8.23 21.23
N ASP B 580 1.34 -9.41 20.76
CA ASP B 580 0.33 -9.51 19.70
C ASP B 580 -0.52 -10.75 19.91
N GLY B 581 -1.58 -10.60 20.69
CA GLY B 581 -2.42 -11.71 21.10
C GLY B 581 -1.64 -12.55 22.09
N SER B 582 -1.20 -13.71 21.62
CA SER B 582 -0.35 -14.60 22.38
C SER B 582 1.12 -14.53 22.00
N VAL B 583 1.44 -13.86 20.89
CA VAL B 583 2.84 -13.75 20.48
C VAL B 583 3.56 -12.71 21.31
N ILE B 584 4.74 -13.08 21.78
CA ILE B 584 5.69 -12.13 22.35
C ILE B 584 6.94 -12.28 21.49
N GLU B 585 7.31 -11.20 20.80
CA GLU B 585 8.44 -11.23 19.87
C GLU B 585 9.45 -10.15 20.28
N ILE B 586 10.66 -10.60 20.62
CA ILE B 586 11.65 -9.77 21.28
C ILE B 586 12.83 -9.57 20.35
N TYR B 587 13.29 -8.32 20.22
CA TYR B 587 14.47 -7.98 19.45
C TYR B 587 15.47 -7.25 20.34
N ALA B 588 16.73 -7.67 20.27
CA ALA B 588 17.80 -7.00 21.02
C ALA B 588 18.91 -6.53 20.08
N ASN B 589 19.20 -5.23 20.15
CA ASN B 589 20.34 -4.64 19.44
C ASN B 589 20.36 -4.90 17.94
N ASP B 590 19.19 -5.00 17.32
CA ASP B 590 19.08 -5.32 15.89
C ASP B 590 19.90 -6.55 15.51
N GLU B 591 19.85 -7.57 16.35
CA GLU B 591 20.74 -8.73 16.23
C GLU B 591 20.06 -10.01 16.74
N VAL B 592 19.62 -10.00 17.99
CA VAL B 592 19.06 -11.18 18.63
C VAL B 592 17.54 -11.12 18.60
N ALA B 593 16.89 -12.20 18.17
CA ALA B 593 15.44 -12.31 18.12
C ALA B 593 14.99 -13.52 18.92
N LEU B 594 13.88 -13.38 19.63
CA LEU B 594 13.29 -14.48 20.39
C LEU B 594 11.78 -14.34 20.34
N SER B 595 11.12 -15.31 19.70
CA SER B 595 9.67 -15.35 19.58
C SER B 595 9.12 -16.40 20.52
N THR B 596 8.07 -16.08 21.26
CA THR B 596 7.45 -17.07 22.14
C THR B 596 5.96 -16.81 22.28
N ARG B 597 5.31 -17.58 23.16
CA ARG B 597 3.87 -17.56 23.33
C ARG B 597 3.46 -17.45 24.80
N ALA B 598 2.43 -16.66 25.06
CA ALA B 598 1.82 -16.58 26.39
C ALA B 598 0.31 -16.48 26.24
N TYR B 599 -0.42 -17.27 27.01
CA TYR B 599 -1.87 -17.36 26.90
C TYR B 599 -2.60 -17.09 28.22
N PRO B 600 -2.38 -15.92 28.84
CA PRO B 600 -3.14 -15.61 30.06
C PRO B 600 -4.65 -15.61 29.81
N TRP B 601 -5.39 -16.14 30.76
CA TRP B 601 -6.84 -16.18 30.67
C TRP B 601 -7.52 -14.86 31.00
N LEU B 602 -7.06 -14.16 32.04
CA LEU B 602 -7.81 -13.02 32.57
C LEU B 602 -7.78 -11.85 31.59
N ALA B 603 -8.92 -11.19 31.44
CA ALA B 603 -9.06 -10.06 30.53
C ALA B 603 -8.11 -8.91 30.89
N ASN B 604 -7.81 -8.75 32.17
CA ASN B 604 -6.91 -7.68 32.61
C ASN B 604 -5.43 -8.06 32.66
N SER B 605 -5.05 -9.23 32.15
CA SER B 605 -3.63 -9.59 32.06
C SER B 605 -3.01 -9.00 30.78
N THR B 606 -3.01 -7.66 30.75
CA THR B 606 -2.49 -6.88 29.62
C THR B 606 -1.42 -5.88 30.02
N GLY B 607 -1.17 -5.71 31.32
CA GLY B 607 -0.26 -4.67 31.80
C GLY B 607 1.19 -4.92 31.48
N ALA B 608 2.00 -3.87 31.64
CA ALA B 608 3.43 -3.94 31.36
C ALA B 608 4.24 -2.94 32.18
N GLY B 609 5.51 -3.25 32.36
CA GLY B 609 6.41 -2.38 33.10
C GLY B 609 7.80 -2.93 33.21
N LEU B 610 8.60 -2.31 34.10
CA LEU B 610 10.00 -2.61 34.24
C LEU B 610 10.26 -3.67 35.31
N LEU B 611 11.23 -4.52 35.04
CA LEU B 611 11.68 -5.53 35.97
C LEU B 611 13.08 -5.13 36.45
N ALA B 612 13.33 -5.35 37.74
CA ALA B 612 14.63 -5.04 38.35
C ALA B 612 14.93 -6.10 39.38
N ASP B 613 16.15 -6.63 39.35
CA ASP B 613 16.61 -7.58 40.36
C ASP B 613 18.06 -7.29 40.71
N GLY B 614 18.34 -7.17 42.01
CA GLY B 614 19.68 -6.86 42.48
C GLY B 614 20.19 -5.49 42.08
N THR B 615 19.30 -4.53 41.84
CA THR B 615 19.71 -3.14 41.62
C THR B 615 19.83 -2.47 42.99
N THR B 616 20.94 -1.75 43.17
CA THR B 616 21.28 -1.12 44.43
C THR B 616 21.71 0.33 44.19
N ALA B 617 22.08 1.03 45.27
CA ALA B 617 22.69 2.35 45.16
C ALA B 617 23.99 2.32 44.33
N GLY B 618 24.75 1.23 44.44
CA GLY B 618 26.03 1.06 43.73
C GLY B 618 25.94 0.33 42.39
N ASP B 619 24.97 -0.58 42.25
CA ASP B 619 24.78 -1.33 41.00
C ASP B 619 23.45 -0.87 40.39
N VAL B 620 23.52 0.14 39.53
CA VAL B 620 22.35 0.85 39.03
C VAL B 620 22.12 0.50 37.54
N VAL B 621 20.86 0.37 37.15
CA VAL B 621 20.51 0.19 35.74
C VAL B 621 19.72 1.39 35.28
N GLY B 622 20.27 2.10 34.30
CA GLY B 622 19.64 3.30 33.75
C GLY B 622 18.82 2.92 32.53
N VAL B 623 17.52 3.15 32.60
CA VAL B 623 16.62 2.85 31.51
C VAL B 623 16.17 4.17 30.87
N SER B 624 16.36 4.26 29.55
CA SER B 624 16.00 5.44 28.78
C SER B 624 15.40 5.00 27.43
N GLY B 625 14.96 5.98 26.64
CA GLY B 625 14.33 5.71 25.35
C GLY B 625 13.09 4.85 25.48
N LEU B 626 12.36 5.00 26.59
CA LEU B 626 11.21 4.16 26.90
C LEU B 626 9.98 4.65 26.16
N GLU B 627 9.31 3.73 25.48
CA GLU B 627 8.13 4.09 24.73
C GLU B 627 7.18 2.91 24.65
N LEU B 628 5.89 3.18 24.84
CA LEU B 628 4.80 2.22 24.68
C LEU B 628 3.97 2.62 23.45
N TRP B 629 3.79 1.69 22.52
CA TRP B 629 2.84 1.86 21.42
C TRP B 629 1.64 0.96 21.67
N ASP B 630 0.50 1.54 22.04
CA ASP B 630 -0.71 0.77 22.30
C ASP B 630 -1.62 0.68 21.08
N GLY B 631 -1.84 -0.55 20.60
CA GLY B 631 -2.84 -0.83 19.55
C GLY B 631 -2.26 -1.49 18.31
N LEU B 632 -1.07 -1.06 17.90
CA LEU B 632 -0.43 -1.52 16.66
C LEU B 632 -1.38 -1.29 15.46
N VAL B 633 -1.42 -2.23 14.51
CA VAL B 633 -2.20 -2.11 13.28
C VAL B 633 -3.12 -3.32 13.18
N ASP B 634 -4.31 -3.09 12.67
CA ASP B 634 -5.19 -4.17 12.21
C ASP B 634 -4.61 -4.72 10.89
N ALA B 635 -3.86 -5.82 10.96
CA ALA B 635 -3.13 -6.34 9.79
C ALA B 635 -4.04 -6.92 8.68
N TRP B 636 -5.28 -7.28 9.00
CA TRP B 636 -6.22 -7.89 8.05
C TRP B 636 -7.53 -7.12 8.05
N PRO B 637 -7.50 -5.88 7.53
CA PRO B 637 -8.68 -5.02 7.66
C PRO B 637 -9.95 -5.56 7.02
N ALA B 638 -9.86 -6.35 5.97
CA ALA B 638 -11.04 -6.89 5.31
C ALA B 638 -11.62 -8.11 6.04
N ARG B 639 -10.87 -8.73 6.94
CA ARG B 639 -11.36 -9.91 7.65
C ARG B 639 -12.24 -9.50 8.83
N PRO B 640 -13.39 -10.17 9.02
CA PRO B 640 -14.09 -9.99 10.31
C PRO B 640 -13.29 -10.58 11.47
N ALA B 641 -13.74 -10.33 12.70
CA ALA B 641 -13.05 -10.82 13.90
C ALA B 641 -12.93 -12.34 13.92
N ASN B 642 -14.00 -13.02 13.52
CA ASN B 642 -14.03 -14.48 13.48
C ASN B 642 -14.10 -14.97 12.04
N THR B 643 -12.96 -15.45 11.54
CA THR B 643 -12.87 -16.02 10.19
C THR B 643 -12.85 -17.56 10.21
N SER B 644 -13.23 -18.17 11.35
CA SER B 644 -13.41 -19.62 11.38
C SER B 644 -14.48 -20.03 10.37
N GLN B 645 -14.25 -21.16 9.71
CA GLN B 645 -15.29 -21.81 8.90
C GLN B 645 -15.65 -23.16 9.49
N GLY B 646 -15.37 -23.37 10.78
CA GLY B 646 -15.55 -24.67 11.41
C GLY B 646 -14.40 -25.60 11.11
N LEU B 647 -14.40 -26.75 11.78
CA LEU B 647 -13.37 -27.75 11.61
C LEU B 647 -14.02 -29.03 11.13
N VAL B 648 -13.26 -29.83 10.39
CA VAL B 648 -13.74 -31.08 9.83
C VAL B 648 -12.78 -32.22 10.12
N TRP B 649 -13.31 -33.44 10.05
CA TRP B 649 -12.55 -34.65 10.22
C TRP B 649 -12.49 -35.38 8.88
N ASP B 650 -11.31 -35.88 8.52
CA ASP B 650 -11.12 -36.64 7.28
C ASP B 650 -11.81 -38.02 7.30
N GLY B 651 -12.16 -38.50 8.48
CA GLY B 651 -12.85 -39.78 8.62
C GLY B 651 -11.87 -40.92 8.80
N PRO B 652 -12.39 -42.17 8.84
CA PRO B 652 -11.55 -43.33 9.09
C PRO B 652 -10.45 -43.59 8.08
N THR B 653 -10.59 -43.09 6.84
CA THR B 653 -9.53 -43.28 5.85
C THR B 653 -8.22 -42.57 6.18
N ALA B 654 -8.24 -41.53 7.02
CA ALA B 654 -7.00 -40.83 7.37
C ALA B 654 -5.98 -41.79 7.97
N ALA B 655 -6.42 -42.62 8.91
CA ALA B 655 -5.57 -43.66 9.50
C ALA B 655 -5.19 -44.76 8.51
N MET B 656 -6.08 -45.09 7.57
CA MET B 656 -5.78 -46.07 6.54
C MET B 656 -4.66 -45.61 5.61
N TYR B 657 -4.75 -44.36 5.15
CA TYR B 657 -3.70 -43.82 4.27
C TYR B 657 -2.43 -43.53 5.07
N GLY B 658 -2.57 -43.12 6.33
CA GLY B 658 -1.42 -42.92 7.22
C GLY B 658 -0.58 -41.68 6.96
N LEU B 659 -1.08 -40.76 6.13
CA LEU B 659 -0.30 -39.59 5.70
C LEU B 659 -0.57 -38.35 6.54
N PHE B 660 -1.83 -38.17 6.94
CA PHE B 660 -2.27 -36.97 7.65
C PHE B 660 -3.00 -37.41 8.91
N ALA B 661 -2.87 -36.63 9.98
CA ALA B 661 -3.59 -36.93 11.22
C ALA B 661 -5.10 -37.06 10.98
N GLY B 662 -5.64 -36.15 10.15
CA GLY B 662 -7.04 -36.20 9.75
C GLY B 662 -7.92 -35.14 10.35
N TYR B 663 -7.37 -34.32 11.25
CA TYR B 663 -8.13 -33.25 11.92
C TYR B 663 -7.23 -32.03 12.09
C1 NAG C . -3.60 3.42 -36.82
C2 NAG C . -3.57 2.05 -37.47
C3 NAG C . -4.71 1.94 -38.46
C4 NAG C . -6.04 2.17 -37.72
C5 NAG C . -6.01 3.50 -36.97
C6 NAG C . -7.23 3.65 -36.05
C7 NAG C . -1.53 0.74 -37.92
C8 NAG C . -0.29 0.60 -38.76
N2 NAG C . -2.32 1.78 -38.18
O3 NAG C . -4.71 0.66 -39.07
O4 NAG C . -7.16 2.05 -38.60
O5 NAG C . -4.86 3.54 -36.14
O6 NAG C . -7.44 5.03 -35.75
O7 NAG C . -1.77 -0.07 -37.03
C1 NAG C . -7.40 3.11 -39.51
C2 NAG C . -8.14 2.57 -40.74
C3 NAG C . -8.47 3.70 -41.69
C4 NAG C . -9.21 4.81 -40.94
C5 NAG C . -8.45 5.25 -39.67
C6 NAG C . -9.23 6.22 -38.79
C7 NAG C . -7.46 0.22 -41.24
C8 NAG C . -8.62 -0.34 -40.49
N2 NAG C . -7.31 1.55 -41.34
O3 NAG C . -9.27 3.16 -42.76
O4 NAG C . -9.34 5.99 -41.72
O5 NAG C . -8.16 4.12 -38.89
O6 NAG C . -8.38 6.71 -37.74
O7 NAG C . -6.69 -0.58 -41.78
C1 BMA C . -10.62 6.13 -42.35
C2 BMA C . -10.85 7.61 -42.58
C3 BMA C . -12.13 7.87 -43.36
C4 BMA C . -12.14 7.00 -44.62
C5 BMA C . -11.84 5.54 -44.34
C6 BMA C . -11.71 4.79 -45.67
O2 BMA C . -9.71 8.10 -43.29
O3 BMA C . -12.22 9.23 -43.80
O4 BMA C . -13.42 7.10 -45.22
O5 BMA C . -10.64 5.40 -43.57
O6 BMA C . -11.16 3.50 -45.38
C1 MAN C . -10.89 2.71 -46.56
C2 MAN C . -10.91 1.22 -46.17
C3 MAN C . -9.64 0.80 -45.42
C4 MAN C . -8.40 1.24 -46.18
C5 MAN C . -8.45 2.74 -46.48
C6 MAN C . -7.20 3.26 -47.21
O2 MAN C . -11.07 0.39 -47.33
O3 MAN C . -9.58 -0.63 -45.23
O4 MAN C . -7.23 0.91 -45.40
O5 MAN C . -9.65 3.06 -47.21
O6 MAN C . -6.81 2.43 -48.32
C1 MAN C . -9.88 -1.03 -43.87
C2 MAN C . -9.38 -2.47 -43.63
C3 MAN C . -10.23 -3.46 -44.43
C4 MAN C . -11.71 -3.26 -44.09
C5 MAN C . -12.12 -1.81 -44.31
C6 MAN C . -13.57 -1.51 -43.92
O2 MAN C . -9.45 -2.78 -42.23
O3 MAN C . -9.80 -4.79 -44.15
O4 MAN C . -12.51 -4.17 -44.86
O5 MAN C . -11.27 -0.94 -43.54
O6 MAN C . -14.03 -0.39 -44.70
C1 MAN C . -12.72 10.18 -42.83
C2 MAN C . -13.40 11.33 -43.57
C3 MAN C . -12.36 12.05 -44.44
C4 MAN C . -11.12 12.46 -43.65
C5 MAN C . -10.60 11.35 -42.71
C6 MAN C . -9.53 11.85 -41.72
O2 MAN C . -13.97 12.26 -42.63
O3 MAN C . -12.97 13.19 -45.06
O4 MAN C . -10.08 12.78 -44.58
O5 MAN C . -11.69 10.72 -42.00
O6 MAN C . -10.11 12.63 -40.66
C1 NAG D . -17.44 -2.75 -26.18
C2 NAG D . -17.20 -3.30 -27.63
C3 NAG D . -17.34 -4.80 -27.67
C4 NAG D . -16.47 -5.42 -26.60
C5 NAG D . -16.83 -4.81 -25.25
C6 NAG D . -16.06 -5.41 -24.09
C7 NAG D . -17.78 -1.71 -29.43
C8 NAG D . -18.92 -1.16 -30.22
N2 NAG D . -18.12 -2.67 -28.56
O3 NAG D . -16.96 -5.30 -28.97
O4 NAG D . -16.74 -6.83 -26.60
O5 NAG D . -16.56 -3.40 -25.30
O6 NAG D . -14.68 -5.09 -24.26
O7 NAG D . -16.63 -1.29 -29.57
C1 NAG D . -15.55 -7.63 -26.59
C2 NAG D . -15.91 -9.07 -26.30
C3 NAG D . -14.68 -9.96 -26.39
C4 NAG D . -13.88 -9.68 -27.67
C5 NAG D . -13.60 -8.19 -27.83
C6 NAG D . -12.81 -7.87 -29.11
C7 NAG D . -17.85 -9.10 -24.72
C8 NAG D . -18.24 -9.32 -23.29
N2 NAG D . -16.54 -9.25 -24.97
O3 NAG D . -15.10 -11.32 -26.36
O4 NAG D . -12.62 -10.34 -27.56
O5 NAG D . -14.86 -7.52 -27.85
O6 NAG D . -13.57 -8.30 -30.25
O7 NAG D . -18.66 -8.77 -25.59
C1 BMA D . -12.51 -11.51 -28.34
C2 BMA D . -11.07 -11.63 -28.84
C3 BMA D . -10.86 -12.93 -29.59
C4 BMA D . -11.37 -14.13 -28.81
C5 BMA D . -12.79 -13.87 -28.32
C6 BMA D . -13.22 -14.98 -27.41
O2 BMA D . -10.22 -11.61 -27.69
O3 BMA D . -9.48 -13.23 -29.67
O4 BMA D . -11.30 -15.28 -29.64
O5 BMA D . -12.83 -12.66 -27.56
O6 BMA D . -14.60 -14.73 -27.07
C1 MAN D . -8.92 -13.06 -30.97
C2 MAN D . -7.55 -13.69 -31.20
C3 MAN D . -6.52 -12.59 -30.93
C4 MAN D . -6.78 -11.39 -31.84
C5 MAN D . -8.26 -10.96 -31.96
C6 MAN D . -8.46 -10.16 -33.25
O2 MAN D . -7.50 -14.14 -32.57
O3 MAN D . -5.22 -13.15 -31.12
O4 MAN D . -6.06 -10.28 -31.30
O5 MAN D . -9.22 -12.04 -31.95
O6 MAN D . -9.65 -9.36 -33.10
C1 MAN D . -6.75 -15.36 -32.74
C2 MAN D . -6.27 -15.42 -34.18
C3 MAN D . -7.41 -15.73 -35.14
C4 MAN D . -8.14 -17.01 -34.72
C5 MAN D . -8.53 -16.99 -33.23
C6 MAN D . -9.02 -18.38 -32.82
O2 MAN D . -5.26 -16.44 -34.31
O3 MAN D . -6.89 -15.85 -36.46
O4 MAN D . -9.31 -17.16 -35.52
O5 MAN D . -7.46 -16.57 -32.38
O6 MAN D . -9.05 -18.50 -31.40
C1 MAN D . -3.90 -15.93 -34.17
C2 MAN D . -3.12 -16.41 -35.39
C3 MAN D . -2.90 -17.92 -35.33
C4 MAN D . -2.39 -18.39 -33.97
C5 MAN D . -3.16 -17.76 -32.80
C6 MAN D . -2.46 -18.06 -31.48
O2 MAN D . -1.87 -15.70 -35.46
O3 MAN D . -1.97 -18.32 -36.36
O4 MAN D . -2.51 -19.82 -33.88
O5 MAN D . -3.27 -16.35 -32.96
O6 MAN D . -2.72 -19.42 -31.09
C1 MAN D . -15.13 -15.80 -26.29
C2 MAN D . -16.59 -15.46 -26.01
C3 MAN D . -16.73 -14.28 -25.05
C4 MAN D . -15.86 -14.52 -23.82
C5 MAN D . -14.42 -14.72 -24.30
C6 MAN D . -13.41 -14.81 -23.18
O2 MAN D . -17.22 -16.60 -25.43
O3 MAN D . -18.09 -14.09 -24.64
O4 MAN D . -15.95 -13.40 -22.93
O5 MAN D . -14.42 -15.94 -25.07
O6 MAN D . -13.49 -16.15 -22.70
C1 MAN D . -13.42 -16.30 -21.28
C2 MAN D . -13.43 -17.73 -20.72
C3 MAN D . -14.87 -18.09 -20.39
C4 MAN D . -15.51 -17.00 -19.50
C5 MAN D . -15.22 -15.53 -19.89
C6 MAN D . -15.59 -14.50 -18.83
O2 MAN D . -12.71 -17.75 -19.47
O3 MAN D . -14.93 -19.36 -19.76
O4 MAN D . -16.93 -17.20 -19.60
O5 MAN D . -13.83 -15.34 -20.27
O6 MAN D . -14.86 -14.74 -17.63
C1 MAN D . -11.36 -18.22 -19.53
C2 MAN D . -11.01 -18.66 -18.10
C3 MAN D . -10.92 -17.44 -17.16
C4 MAN D . -10.08 -16.30 -17.74
C5 MAN D . -10.42 -16.01 -19.20
C6 MAN D . -9.44 -15.01 -19.83
O2 MAN D . -9.81 -19.44 -18.13
O3 MAN D . -10.39 -17.83 -15.89
O4 MAN D . -10.29 -15.12 -16.95
O5 MAN D . -10.42 -17.23 -19.97
O6 MAN D . -9.94 -14.55 -21.09
C1 MAN D . -18.67 -12.91 -25.19
C2 MAN D . -19.97 -12.62 -24.45
C3 MAN D . -21.02 -13.70 -24.77
C4 MAN D . -21.21 -13.85 -26.28
C5 MAN D . -19.84 -14.07 -26.96
C6 MAN D . -19.93 -14.07 -28.48
O2 MAN D . -20.46 -11.32 -24.86
O3 MAN D . -22.25 -13.37 -24.10
O4 MAN D . -22.11 -14.93 -26.57
O5 MAN D . -18.93 -13.04 -26.60
O6 MAN D . -18.62 -14.32 -29.02
C1 NAG E . 1.57 29.65 3.65
C2 NAG E . 0.30 29.93 4.45
C3 NAG E . 0.58 30.08 5.94
C4 NAG E . 1.50 28.98 6.47
C5 NAG E . 2.73 28.80 5.57
C6 NAG E . 3.62 27.62 5.97
C7 NAG E . -1.42 31.17 3.17
C8 NAG E . -1.89 32.53 2.75
N2 NAG E . -0.33 31.14 3.94
O3 NAG E . -0.65 30.03 6.65
O4 NAG E . 1.87 29.38 7.79
O5 NAG E . 2.29 28.56 4.23
O6 NAG E . 2.91 26.39 5.80
O7 NAG E . -2.02 30.16 2.82
C1 NAG E . 1.74 28.34 8.77
C2 NAG E . 2.61 28.69 9.96
C3 NAG E . 2.42 27.66 11.09
C4 NAG E . 0.94 27.37 11.36
C5 NAG E . 0.24 26.99 10.05
C6 NAG E . -1.23 26.63 10.23
C7 NAG E . 4.71 29.82 9.13
C8 NAG E . 4.12 31.20 9.19
N2 NAG E . 4.00 28.73 9.50
O3 NAG E . 3.03 28.14 12.30
O4 NAG E . 0.84 26.33 12.33
O5 NAG E . 0.38 28.09 9.14
O6 NAG E . -1.97 27.76 10.68
O7 NAG E . 5.85 29.67 8.75
C1 FRU F . -19.11 14.37 -18.42
C2 FRU F . -19.83 13.17 -19.03
C3 FRU F . -20.75 12.57 -17.96
C4 FRU F . -21.03 11.18 -18.54
C5 FRU F . -19.66 10.83 -19.13
C6 FRU F . -19.74 10.01 -20.42
O1 FRU F . -18.20 15.02 -19.32
O2 FRU F . -20.59 13.53 -20.19
O3 FRU F . -21.91 13.37 -17.73
O4 FRU F . -21.44 10.21 -17.55
O5 FRU F . -18.98 12.07 -19.35
O6 FRU F . -18.47 9.43 -20.75
C1 GLC F . -19.89 13.82 -21.41
C2 GLC F . -20.27 15.21 -21.94
C3 GLC F . -21.72 15.26 -22.41
C4 GLC F . -21.92 14.18 -23.46
C5 GLC F . -21.51 12.80 -22.91
C6 GLC F . -21.52 11.76 -24.02
O2 GLC F . -20.02 16.21 -20.94
O3 GLC F . -22.00 16.56 -22.94
O4 GLC F . -23.29 14.11 -23.86
O5 GLC F . -20.18 12.83 -22.38
O6 GLC F . -20.73 12.29 -25.09
C1 GLA F . -20.60 11.47 -26.24
C2 GLA F . -19.58 12.06 -27.21
C3 GLA F . -20.08 13.40 -27.73
C4 GLA F . -21.47 13.24 -28.36
C5 GLA F . -22.43 12.53 -27.38
C6 GLA F . -23.79 12.16 -27.97
O2 GLA F . -18.33 12.21 -26.56
O3 GLA F . -19.11 13.92 -28.67
O4 GLA F . -21.33 12.51 -29.60
O5 GLA F . -21.84 11.30 -26.89
O6 GLA F . -24.47 13.36 -28.32
C1 NAG G . -15.43 -30.05 15.65
C2 NAG G . -16.72 -30.45 14.95
C3 NAG G . -16.72 -31.92 14.62
C4 NAG G . -15.47 -32.24 13.80
C5 NAG G . -14.20 -31.74 14.48
C6 NAG G . -12.99 -31.89 13.57
C7 NAG G . -18.88 -29.33 15.38
C8 NAG G . -20.00 -29.16 16.36
N2 NAG G . -17.88 -30.13 15.75
O3 NAG G . -17.88 -32.24 13.85
O4 NAG G . -15.45 -33.63 13.42
O5 NAG G . -14.35 -30.35 14.78
O6 NAG G . -11.80 -31.97 14.35
O7 NAG G . -18.91 -28.77 14.28
C1 NAG G . -15.07 -34.56 14.45
C2 NAG G . -15.70 -35.91 14.17
C3 NAG G . -15.27 -36.94 15.21
C4 NAG G . -13.75 -36.93 15.35
C5 NAG G . -13.19 -35.51 15.55
C6 NAG G . -11.67 -35.45 15.53
C7 NAG G . -17.88 -35.69 13.00
C8 NAG G . -19.35 -35.50 13.18
N2 NAG G . -17.15 -35.76 14.13
O3 NAG G . -15.73 -38.24 14.80
O4 NAG G . -13.33 -37.68 16.51
O5 NAG G . -13.66 -34.69 14.50
O6 NAG G . -11.25 -34.11 15.87
O7 NAG G . -17.38 -35.80 11.89
C1 BMA G . -12.88 -39.01 16.21
C2 BMA G . -11.95 -39.40 17.34
C3 BMA G . -11.44 -40.82 17.10
C4 BMA G . -12.61 -41.79 16.95
C5 BMA G . -13.71 -41.30 16.01
C6 BMA G . -15.01 -42.04 16.35
O2 BMA G . -12.65 -39.30 18.59
O3 BMA G . -10.66 -41.32 18.19
O4 BMA G . -12.08 -43.01 16.45
O5 BMA G . -13.99 -39.89 16.10
O6 BMA G . -15.78 -42.18 15.15
C1 MAN G . -17.18 -41.84 15.25
C2 MAN G . -17.93 -41.53 13.94
C3 MAN G . -18.66 -40.18 14.04
C4 MAN G . -19.56 -40.16 15.28
C5 MAN G . -18.95 -40.71 16.60
C6 MAN G . -20.02 -41.33 17.51
O2 MAN G . -18.90 -42.56 13.66
O3 MAN G . -19.45 -39.93 12.86
O4 MAN G . -19.94 -38.79 15.47
O5 MAN G . -17.93 -41.71 16.48
O6 MAN G . -20.76 -40.33 18.23
C1 MAN G . -18.76 -39.14 11.85
C2 MAN G . -19.81 -38.46 10.97
C3 MAN G . -20.59 -39.50 10.15
C4 MAN G . -19.60 -40.37 9.36
C5 MAN G . -18.49 -40.93 10.24
C6 MAN G . -17.39 -41.59 9.41
O2 MAN G . -19.15 -37.52 10.10
O3 MAN G . -21.52 -38.86 9.27
O4 MAN G . -20.34 -41.43 8.71
O5 MAN G . -17.88 -39.90 11.02
O6 MAN G . -16.66 -42.50 10.24
C1 MAN G . -9.32 -40.81 18.26
C2 MAN G . -8.44 -41.89 18.89
C3 MAN G . -8.89 -42.13 20.33
C4 MAN G . -9.07 -40.83 21.15
C5 MAN G . -9.80 -39.74 20.37
C6 MAN G . -9.77 -38.38 21.08
O2 MAN G . -7.06 -41.50 18.84
O3 MAN G . -7.96 -42.99 20.99
O4 MAN G . -9.83 -41.14 22.32
O5 MAN G . -9.24 -39.62 19.04
O6 MAN G . -8.55 -37.67 20.84
C1 NAG H . -6.70 -30.99 -0.64
C2 NAG H . -7.94 -31.86 -0.32
C3 NAG H . -8.91 -31.90 -1.49
C4 NAG H . -9.21 -30.46 -1.92
C5 NAG H . -7.90 -29.71 -2.21
C6 NAG H . -8.07 -28.28 -2.65
C7 NAG H . -7.53 -33.70 1.28
C8 NAG H . -7.00 -35.10 1.44
N2 NAG H . -7.51 -33.22 0.04
O3 NAG H . -10.12 -32.59 -1.16
O4 NAG H . -10.03 -30.55 -3.10
O5 NAG H . -7.13 -29.68 -1.00
O6 NAG H . -8.65 -27.52 -1.60
O7 NAG H . -7.94 -33.06 2.23
C1 NAG H . -11.15 -29.68 -3.05
C2 NAG H . -11.78 -29.62 -4.44
C3 NAG H . -13.08 -28.80 -4.42
C4 NAG H . -13.97 -29.21 -3.26
C5 NAG H . -13.21 -29.24 -1.94
C6 NAG H . -14.08 -29.67 -0.75
C7 NAG H . -9.96 -29.69 -6.14
C8 NAG H . -9.13 -28.86 -7.08
N2 NAG H . -10.85 -29.02 -5.40
O3 NAG H . -13.78 -28.93 -5.66
O4 NAG H . -14.99 -28.23 -3.07
O5 NAG H . -12.11 -30.12 -2.07
O6 NAG H . -14.60 -30.97 -1.03
O7 NAG H . -9.79 -30.90 -6.04
C1 BMA H . -16.28 -28.62 -3.57
C2 BMA H . -17.34 -27.95 -2.70
C3 BMA H . -18.72 -28.26 -3.23
C4 BMA H . -18.87 -27.93 -4.70
C5 BMA H . -17.71 -28.54 -5.48
C6 BMA H . -17.74 -27.99 -6.89
O2 BMA H . -17.13 -26.54 -2.73
O3 BMA H . -19.68 -27.45 -2.52
O4 BMA H . -20.11 -28.43 -5.24
O5 BMA H . -16.43 -28.20 -4.92
O6 BMA H . -16.98 -28.94 -7.63
C1 MAN H . -20.73 -28.26 -1.97
C2 MAN H . -21.83 -27.32 -1.50
C3 MAN H . -21.36 -26.50 -0.33
C4 MAN H . -20.89 -27.40 0.80
C5 MAN H . -19.85 -28.41 0.30
C6 MAN H . -19.59 -29.48 1.38
O2 MAN H . -22.95 -28.12 -1.12
O3 MAN H . -22.44 -25.66 0.09
O4 MAN H . -20.31 -26.60 1.85
O5 MAN H . -20.30 -29.09 -0.89
O6 MAN H . -18.82 -30.57 0.86
C1 MAN H . -24.18 -27.62 -1.69
C2 MAN H . -25.36 -28.24 -0.95
C3 MAN H . -25.42 -29.74 -1.25
C4 MAN H . -25.46 -29.99 -2.77
C5 MAN H . -24.34 -29.24 -3.48
C6 MAN H . -24.47 -29.31 -5.01
O2 MAN H . -26.54 -27.57 -1.39
O3 MAN H . -26.56 -30.33 -0.63
O4 MAN H . -25.36 -31.40 -3.01
O5 MAN H . -24.30 -27.85 -3.10
O6 MAN H . -25.39 -28.34 -5.50
C1 MAN H . -27.43 -27.18 -0.32
C2 MAN H . -28.79 -26.84 -0.95
C3 MAN H . -29.14 -25.35 -0.95
C4 MAN H . -27.93 -24.42 -1.02
C5 MAN H . -26.75 -24.85 -0.13
C6 MAN H . -26.47 -23.78 0.94
O2 MAN H . -29.80 -27.61 -0.28
O3 MAN H . -29.93 -25.02 0.21
O4 MAN H . -27.49 -24.29 -2.38
O5 MAN H . -26.97 -26.11 0.52
O6 MAN H . -25.38 -24.16 1.78
C1 MAN H . -16.53 -28.48 -8.89
C2 MAN H . -15.48 -29.30 -9.66
C3 MAN H . -14.10 -28.75 -9.28
C4 MAN H . -14.06 -27.23 -9.50
C5 MAN H . -15.17 -26.56 -8.67
C6 MAN H . -15.13 -25.05 -8.63
O2 MAN H . -15.69 -29.21 -11.08
O3 MAN H . -13.05 -29.36 -10.02
O4 MAN H . -12.76 -26.73 -9.11
O5 MAN H . -16.43 -27.07 -9.19
O6 MAN H . -15.85 -24.61 -9.77
C1 MAN H . -15.19 -23.59 -10.53
C2 MAN H . -15.84 -23.00 -11.78
C3 MAN H . -15.21 -23.71 -12.98
C4 MAN H . -13.66 -23.69 -12.89
C5 MAN H . -13.04 -23.97 -11.50
C6 MAN H . -11.54 -23.67 -11.37
O2 MAN H . -15.55 -21.61 -11.95
O3 MAN H . -15.69 -23.12 -14.18
O4 MAN H . -13.18 -24.71 -13.75
O5 MAN H . -13.77 -23.29 -10.47
O6 MAN H . -11.25 -22.32 -11.69
C1 MAN H . -16.60 -20.72 -11.52
C2 MAN H . -16.35 -19.39 -12.21
C3 MAN H . -15.03 -18.78 -11.70
C4 MAN H . -14.97 -18.73 -10.17
C5 MAN H . -15.40 -20.05 -9.53
C6 MAN H . -15.53 -19.92 -8.01
O2 MAN H . -17.47 -18.53 -11.97
O3 MAN H . -14.84 -17.46 -12.24
O4 MAN H . -13.63 -18.42 -9.77
O5 MAN H . -16.65 -20.51 -10.10
O6 MAN H . -15.85 -21.19 -7.44
C1 MAN H . -12.29 -30.27 -9.22
C2 MAN H . -11.05 -30.64 -10.00
C3 MAN H . -11.41 -31.47 -11.24
C4 MAN H . -12.19 -32.72 -10.81
C5 MAN H . -13.41 -32.26 -10.00
C6 MAN H . -14.25 -33.43 -9.48
O2 MAN H . -10.17 -31.35 -9.11
O3 MAN H . -10.22 -31.79 -11.96
O4 MAN H . -12.60 -33.52 -11.94
O5 MAN H . -13.01 -31.46 -8.88
O6 MAN H . -15.35 -32.95 -8.72
C1 NAG I . 20.91 1.65 21.17
C2 NAG I . 22.19 1.42 20.37
C3 NAG I . 22.89 2.73 20.02
C4 NAG I . 21.93 3.80 19.51
C5 NAG I . 20.68 3.90 20.39
C6 NAG I . 19.62 4.84 19.81
C7 NAG I . 23.29 -0.73 20.93
C8 NAG I . 24.23 -1.40 21.90
N2 NAG I . 23.06 0.57 21.18
O3 NAG I . 23.84 2.45 19.00
O4 NAG I . 22.59 5.08 19.51
O5 NAG I . 20.08 2.62 20.53
O6 NAG I . 19.18 4.32 18.56
O7 NAG I . 22.80 -1.36 20.00
C1 NAG I . 22.61 5.69 18.20
C2 NAG I . 22.90 7.19 18.35
C3 NAG I . 23.23 7.85 17.01
C4 NAG I . 24.22 7.03 16.19
C5 NAG I . 23.67 5.61 16.04
C6 NAG I . 24.51 4.71 15.14
C7 NAG I . 21.58 8.11 20.24
C8 NAG I . 20.28 8.79 20.60
N2 NAG I . 21.73 7.85 18.94
O3 NAG I . 23.76 9.17 17.22
O4 NAG I . 24.43 7.66 14.92
O5 NAG I . 23.56 5.04 17.35
O6 NAG I . 25.80 4.46 15.72
O7 NAG I . 22.40 7.83 21.09
C1 FRU J . 9.74 -27.47 7.95
C2 FRU J . 8.96 -28.33 6.96
C3 FRU J . 9.58 -28.15 5.59
C4 FRU J . 8.49 -28.67 4.68
C5 FRU J . 7.25 -28.12 5.36
C6 FRU J . 6.07 -29.05 5.19
O1 FRU J . 9.21 -27.54 9.26
O2 FRU J . 8.99 -29.74 7.29
O3 FRU J . 10.83 -28.81 5.47
O4 FRU J . 8.58 -28.19 3.33
O5 FRU J . 7.61 -27.91 6.76
O6 FRU J . 4.88 -28.47 5.71
C1 GLC J . 8.16 -30.20 8.36
C2 GLC J . 9.00 -30.93 9.41
C3 GLC J . 9.54 -32.24 8.84
C4 GLC J . 8.40 -33.13 8.40
C5 GLC J . 7.54 -32.37 7.39
C6 GLC J . 6.27 -33.16 7.12
O2 GLC J . 10.05 -30.08 9.88
O3 GLC J . 10.32 -32.94 9.81
O4 GLC J . 8.89 -34.30 7.75
O5 GLC J . 7.14 -31.07 7.86
O6 GLC J . 5.61 -33.37 8.36
C1 GLA J . 4.39 -34.07 8.27
C2 GLA J . 3.74 -34.15 9.64
C3 GLA J . 4.63 -34.99 10.56
C4 GLA J . 4.88 -36.36 9.93
C5 GLA J . 5.44 -36.22 8.51
C6 GLA J . 5.59 -37.53 7.75
O2 GLA J . 3.50 -32.82 10.14
O3 GLA J . 3.98 -35.10 11.82
O4 GLA J . 3.67 -37.14 9.93
O5 GLA J . 4.57 -35.39 7.75
O6 GLA J . 6.62 -38.35 8.31
C1 NAG K . 1.75 17.50 -42.84
C2 NAG K . 1.63 18.52 -43.96
C3 NAG K . 0.22 18.50 -44.55
C4 NAG K . -0.11 17.07 -45.01
C5 NAG K . 0.09 16.11 -43.85
C6 NAG K . -0.18 14.65 -44.16
C7 NAG K . 3.02 20.59 -43.87
C8 NAG K . 3.92 20.12 -44.98
N2 NAG K . 2.00 19.83 -43.44
O3 NAG K . 0.13 19.42 -45.62
O4 NAG K . -1.45 17.01 -45.49
O5 NAG K . 1.44 16.21 -43.38
O6 NAG K . -0.21 13.93 -42.91
O7 NAG K . 3.22 21.67 -43.35
C1 NAG L . -3.48 -10.00 -18.59
C2 NAG L . -2.14 -9.69 -19.26
C3 NAG L . -2.01 -10.41 -20.61
C4 NAG L . -2.34 -11.90 -20.53
C5 NAG L . -3.61 -12.17 -19.72
C6 NAG L . -3.74 -13.66 -19.41
C7 NAG L . -1.18 -7.44 -18.83
C8 NAG L . -1.16 -6.02 -19.30
N2 NAG L . -1.97 -8.26 -19.52
O3 NAG L . -0.68 -10.25 -21.13
O4 NAG L . -2.47 -12.42 -21.87
O5 NAG L . -3.57 -11.44 -18.48
O6 NAG L . -5.12 -14.04 -19.42
O7 NAG L . -0.51 -7.80 -17.86
C1 NAG M . -41.10 18.55 -24.75
C2 NAG M . -40.81 18.49 -26.26
C3 NAG M . -41.99 17.91 -27.04
C4 NAG M . -42.45 16.58 -26.47
C5 NAG M . -42.70 16.67 -24.96
C6 NAG M . -42.94 15.28 -24.37
C7 NAG M . -39.56 20.10 -27.64
C8 NAG M . -39.41 21.54 -28.02
N2 NAG M . -40.52 19.83 -26.75
O3 NAG M . -41.62 17.71 -28.42
O4 NAG M . -43.66 16.19 -27.13
O5 NAG M . -41.58 17.27 -24.29
O6 NAG M . -43.08 15.35 -22.95
O7 NAG M . -38.83 19.23 -28.13
C1 NAG N . -39.36 17.56 13.64
C2 NAG N . -38.60 18.87 13.72
C3 NAG N . -38.04 19.01 15.13
C4 NAG N . -39.14 18.84 16.19
C5 NAG N . -39.97 17.57 15.96
C6 NAG N . -41.21 17.50 16.85
C7 NAG N . -37.68 19.65 11.55
C8 NAG N . -36.56 19.55 10.56
N2 NAG N . -37.58 18.90 12.66
O3 NAG N . -37.47 20.31 15.30
O4 NAG N . -38.56 18.77 17.49
O5 NAG N . -40.43 17.55 14.60
O6 NAG N . -42.13 18.56 16.55
O7 NAG N . -38.62 20.37 11.32
C1 NAG O . -47.81 5.94 1.55
C2 NAG O . -48.54 6.47 0.33
C3 NAG O . -50.01 6.63 0.68
C4 NAG O . -50.60 5.29 1.13
C5 NAG O . -49.73 4.61 2.19
C6 NAG O . -50.16 3.16 2.36
C7 NAG O . -47.69 7.98 -1.43
C8 NAG O . -47.18 9.36 -1.74
N2 NAG O . -48.01 7.74 -0.15
O3 NAG O . -50.73 7.12 -0.47
O4 NAG O . -51.90 5.54 1.69
O5 NAG O . -48.34 4.64 1.85
O6 NAG O . -49.51 2.64 3.53
O7 NAG O . -47.80 7.17 -2.33
C1 NAG P . -28.72 15.08 16.33
C2 NAG P . -30.16 14.94 16.84
C3 NAG P . -30.26 15.11 18.37
C4 NAG P . -29.13 14.40 19.12
C5 NAG P . -27.79 14.76 18.51
C6 NAG P . -26.61 14.12 19.24
C7 NAG P . -31.99 15.72 15.33
C8 NAG P . -32.65 16.94 14.76
N2 NAG P . -30.97 15.96 16.18
O3 NAG P . -31.51 14.58 18.82
O4 NAG P . -29.19 14.77 20.50
O5 NAG P . -27.81 14.33 17.15
O6 NAG P . -25.40 14.41 18.53
O7 NAG P . -32.37 14.59 15.02
C1 NAG Q . -42.01 18.95 -4.54
C2 NAG Q . -42.18 18.30 -5.92
C3 NAG Q . -41.17 18.88 -6.89
C4 NAG Q . -41.31 20.41 -6.93
C5 NAG Q . -41.17 20.98 -5.52
C6 NAG Q . -41.39 22.49 -5.43
C7 NAG Q . -42.78 15.90 -6.34
C8 NAG Q . -43.91 16.25 -7.27
N2 NAG Q . -42.04 16.87 -5.77
O3 NAG Q . -41.38 18.31 -8.19
O4 NAG Q . -40.30 21.00 -7.77
O5 NAG Q . -42.15 20.36 -4.68
O6 NAG Q . -42.56 22.89 -6.14
O7 NAG Q . -42.55 14.72 -6.11
C1 NAG R . -18.88 43.75 9.19
C2 NAG R . -20.16 44.59 9.33
C3 NAG R . -20.14 45.72 8.31
C4 NAG R . -18.84 46.53 8.47
C5 NAG R . -17.58 45.66 8.48
C6 NAG R . -16.34 46.45 8.93
C7 NAG R . -22.16 43.44 10.20
C8 NAG R . -23.30 42.52 9.87
N2 NAG R . -21.33 43.71 9.19
O3 NAG R . -21.30 46.56 8.55
O4 NAG R . -18.72 47.47 7.40
O5 NAG R . -17.72 44.57 9.38
O6 NAG R . -16.28 46.51 10.37
O7 NAG R . -22.03 43.90 11.33
C1 NAG S . 7.89 6.12 -2.72
C2 NAG S . 7.79 6.28 -1.20
C3 NAG S . 6.96 5.13 -0.60
C4 NAG S . 5.63 4.99 -1.31
C5 NAG S . 5.88 4.79 -2.81
C6 NAG S . 4.63 4.63 -3.68
C7 NAG S . 9.58 7.13 0.34
C8 NAG S . 8.65 8.07 1.03
N2 NAG S . 9.15 6.33 -0.66
O3 NAG S . 6.70 5.34 0.80
O4 NAG S . 4.92 3.88 -0.76
O5 NAG S . 6.58 5.94 -3.27
O6 NAG S . 3.64 5.61 -3.37
O7 NAG S . 10.75 7.08 0.70
C1 NAG T . 17.87 42.64 -4.13
C2 NAG T . 18.41 42.57 -2.70
C3 NAG T . 19.80 41.98 -2.68
C4 NAG T . 19.79 40.61 -3.36
C5 NAG T . 19.15 40.67 -4.76
C6 NAG T . 18.90 39.28 -5.29
C7 NAG T . 18.07 44.17 -0.87
C8 NAG T . 18.18 45.61 -0.46
N2 NAG T . 18.45 43.90 -2.13
O3 NAG T . 20.24 41.85 -1.32
O4 NAG T . 21.15 40.15 -3.49
O5 NAG T . 17.89 41.34 -4.72
O6 NAG T . 17.95 38.58 -4.43
O7 NAG T . 17.67 43.31 -0.10
C1 NAG U . -3.57 49.74 -0.27
C2 NAG U . -4.63 50.61 -0.94
C3 NAG U . -5.85 50.74 -0.04
C4 NAG U . -6.36 49.36 0.40
C5 NAG U . -5.22 48.54 1.01
C6 NAG U . -5.67 47.13 1.37
C7 NAG U . -4.20 52.62 -2.38
C8 NAG U . -5.03 52.07 -3.51
N2 NAG U . -4.06 51.93 -1.23
O3 NAG U . -6.89 51.44 -0.75
O4 NAG U . -7.43 49.49 1.33
O5 NAG U . -4.13 48.46 0.08
O6 NAG U . -4.54 46.36 1.81
O7 NAG U . -3.66 53.70 -2.48
C1 NAG V . -8.16 39.69 -14.44
C2 NAG V . -7.99 40.61 -15.67
C3 NAG V . -9.33 41.19 -16.15
C4 NAG V . -10.33 40.07 -16.42
C5 NAG V . -10.48 39.21 -15.17
C6 NAG V . -11.37 37.98 -15.41
C7 NAG V . -5.75 41.62 -15.63
C8 NAG V . -4.95 42.87 -15.40
N2 NAG V . -7.07 41.73 -15.46
O3 NAG V . -9.11 41.92 -17.37
O4 NAG V . -11.58 40.64 -16.85
O5 NAG V . -9.20 38.73 -14.72
O6 NAG V . -11.96 37.59 -14.18
O7 NAG V . -5.20 40.56 -15.94
C1 NAG W . -1.56 30.42 -30.72
C2 NAG W . -0.40 30.84 -31.62
C3 NAG W . -0.96 31.58 -32.81
C4 NAG W . -1.96 30.70 -33.54
C5 NAG W . -3.02 30.14 -32.59
C6 NAG W . -3.92 29.10 -33.24
C7 NAG W . 1.93 31.47 -30.91
C8 NAG W . 2.55 30.51 -31.90
N2 NAG W . 0.59 31.59 -30.83
O3 NAG W . 0.11 31.97 -33.70
O4 NAG W . -2.62 31.46 -34.56
O5 NAG W . -2.40 29.53 -31.46
O6 NAG W . -5.10 29.00 -32.43
O7 NAG W . 2.66 32.12 -30.19
C1 NAG X . 18.29 23.14 -25.83
C2 NAG X . 19.63 23.89 -25.83
C3 NAG X . 19.59 24.96 -26.93
C4 NAG X . 19.41 24.22 -28.27
C5 NAG X . 18.16 23.33 -28.22
C6 NAG X . 18.04 22.44 -29.46
C7 NAG X . 19.44 25.27 -23.69
C8 NAG X . 18.23 26.04 -24.10
N2 NAG X . 20.01 24.35 -24.48
O3 NAG X . 20.80 25.73 -26.94
O4 NAG X . 19.28 25.18 -29.32
O5 NAG X . 18.18 22.45 -27.08
O6 NAG X . 18.92 21.32 -29.31
O7 NAG X . 19.91 25.49 -22.59
C1 NAG Y . 4.37 1.62 -28.59
C2 NAG Y . 5.23 2.05 -29.78
C3 NAG Y . 4.44 2.03 -31.08
C4 NAG Y . 3.76 0.68 -31.26
C5 NAG Y . 2.92 0.37 -30.01
C6 NAG Y . 2.16 -0.95 -30.11
C7 NAG Y . 6.90 3.65 -29.04
C8 NAG Y . 7.22 5.10 -28.80
N2 NAG Y . 5.69 3.39 -29.52
O3 NAG Y . 5.31 2.37 -32.16
O4 NAG Y . 2.93 0.68 -32.43
O5 NAG Y . 3.78 0.34 -28.86
O6 NAG Y . 3.10 -2.03 -30.14
O7 NAG Y . 7.72 2.79 -28.79
C1 NAG Z . -11.90 -31.81 31.51
C2 NAG Z . -11.36 -32.79 32.56
C3 NAG Z . -11.07 -34.17 31.98
C4 NAG Z . -12.16 -34.66 31.02
C5 NAG Z . -12.48 -33.56 30.01
C6 NAG Z . -13.55 -33.92 28.97
C7 NAG Z . -10.02 -31.76 34.37
C8 NAG Z . -8.64 -31.25 34.74
N2 NAG Z . -10.14 -32.24 33.13
O3 NAG Z . -10.91 -35.11 33.03
O4 NAG Z . -11.70 -35.84 30.35
O5 NAG Z . -12.93 -32.43 30.73
O6 NAG Z . -13.48 -32.96 27.91
O7 NAG Z . -10.95 -31.71 35.17
C1 NAG AA . -14.73 -15.56 -1.65
C2 NAG AA . -15.61 -15.07 -0.47
C3 NAG AA . -16.93 -15.83 -0.33
C4 NAG AA . -17.62 -16.12 -1.67
C5 NAG AA . -16.60 -16.72 -2.66
C6 NAG AA . -17.21 -17.03 -4.02
C7 NAG AA . -14.48 -14.27 1.60
C8 NAG AA . -13.76 -14.74 2.84
N2 NAG AA . -14.88 -15.24 0.77
O3 NAG AA . -17.82 -15.09 0.52
O4 NAG AA . -18.72 -17.02 -1.46
O5 NAG AA . -15.53 -15.77 -2.82
O6 NAG AA . -17.49 -15.82 -4.73
O7 NAG AA . -14.66 -13.08 1.40
C1 NAG BA . 20.65 -47.13 1.96
C2 NAG BA . 19.45 -47.88 2.57
C3 NAG BA . 19.11 -49.18 1.82
C4 NAG BA . 18.96 -48.90 0.33
C5 NAG BA . 20.16 -48.15 -0.25
C6 NAG BA . 19.84 -47.73 -1.68
C7 NAG BA . 20.36 -48.86 4.74
C8 NAG BA . 21.31 -49.86 4.12
N2 NAG BA . 19.58 -48.04 4.02
O3 NAG BA . 17.89 -49.71 2.35
O4 NAG BA . 18.83 -50.14 -0.37
O5 NAG BA . 20.48 -46.98 0.54
O6 NAG BA . 20.86 -46.85 -2.20
O7 NAG BA . 20.30 -48.82 5.95
C1 NAG CA . 29.93 -30.88 -21.80
C2 NAG CA . 29.94 -32.39 -21.57
C3 NAG CA . 31.08 -32.99 -22.37
C4 NAG CA . 30.88 -32.68 -23.86
C5 NAG CA . 30.65 -31.18 -24.10
C6 NAG CA . 30.15 -30.97 -25.53
C7 NAG CA . 29.27 -33.47 -19.44
C8 NAG CA . 28.09 -34.15 -20.09
N2 NAG CA . 30.08 -32.68 -20.15
O3 NAG CA . 31.12 -34.41 -22.15
O4 NAG CA . 32.03 -33.11 -24.62
O5 NAG CA . 29.71 -30.61 -23.19
O6 NAG CA . 29.87 -29.58 -25.74
O7 NAG CA . 29.50 -33.63 -18.25
C1 NAG DA . 33.59 -8.13 -10.91
C2 NAG DA . 34.19 -8.55 -12.26
C3 NAG DA . 34.94 -7.40 -12.94
C4 NAG DA . 34.08 -6.13 -12.94
C5 NAG DA . 33.75 -5.77 -11.49
C6 NAG DA . 32.96 -4.47 -11.38
C7 NAG DA . 34.87 -10.93 -12.50
C8 NAG DA . 35.92 -11.95 -12.13
N2 NAG DA . 35.07 -9.69 -12.04
O3 NAG DA . 35.27 -7.76 -14.28
O4 NAG DA . 34.75 -5.07 -13.61
O5 NAG DA . 32.99 -6.83 -10.92
O6 NAG DA . 32.70 -4.20 -10.01
O7 NAG DA . 33.90 -11.25 -13.17
C1 NAG EA . 32.12 -32.76 -6.49
C2 NAG EA . 31.06 -33.84 -6.54
C3 NAG EA . 30.33 -33.91 -5.20
C4 NAG EA . 31.35 -34.18 -4.09
C5 NAG EA . 32.39 -33.06 -4.13
C6 NAG EA . 33.50 -33.16 -3.06
C7 NAG EA . 29.55 -34.51 -8.35
C8 NAG EA . 28.66 -34.03 -9.45
N2 NAG EA . 30.15 -33.55 -7.64
O3 NAG EA . 29.35 -34.95 -5.22
O4 NAG EA . 30.71 -34.26 -2.82
O5 NAG EA . 33.01 -33.06 -5.41
O6 NAG EA . 33.86 -34.52 -2.76
O7 NAG EA . 29.72 -35.70 -8.13
C1 NAG FA . 43.52 -9.42 18.81
C2 NAG FA . 44.78 -10.28 19.04
C3 NAG FA . 44.64 -11.22 20.22
C4 NAG FA . 44.29 -10.44 21.47
C5 NAG FA . 43.09 -9.53 21.22
C6 NAG FA . 42.92 -8.55 22.38
C7 NAG FA . 45.94 -10.68 16.93
C8 NAG FA . 46.11 -11.58 15.75
N2 NAG FA . 45.05 -11.06 17.85
O3 NAG FA . 45.88 -11.92 20.42
O4 NAG FA . 43.98 -11.34 22.54
O5 NAG FA . 43.16 -8.76 20.02
O6 NAG FA . 43.64 -7.34 22.09
O7 NAG FA . 46.56 -9.65 17.05
C1 NAG GA . -1.51 2.74 9.81
C2 NAG GA . -0.58 3.79 9.23
C3 NAG GA . -0.58 3.78 7.70
C4 NAG GA . -0.39 2.36 7.16
C5 NAG GA . -1.42 1.42 7.81
C6 NAG GA . -1.36 -0.02 7.35
C7 NAG GA . -0.01 5.96 10.24
C8 NAG GA . -0.57 7.25 10.76
N2 NAG GA . -0.93 5.09 9.77
O3 NAG GA . 0.49 4.62 7.25
O4 NAG GA . -0.53 2.32 5.73
O5 NAG GA . -1.21 1.47 9.21
O6 NAG GA . -0.03 -0.53 7.46
O7 NAG GA . 1.18 5.73 10.23
C1 NAG HA . 17.07 6.12 42.57
C2 NAG HA . 17.59 7.53 42.29
C3 NAG HA . 16.49 8.56 42.50
C4 NAG HA . 15.17 8.18 41.85
C5 NAG HA . 14.81 6.72 42.10
C6 NAG HA . 13.58 6.29 41.31
C7 NAG HA . 19.81 8.47 42.81
C8 NAG HA . 20.82 8.76 43.88
N2 NAG HA . 18.68 7.88 43.20
O3 NAG HA . 16.96 9.81 41.95
O4 NAG HA . 14.14 9.00 42.39
O5 NAG HA . 15.92 5.89 41.77
O6 NAG HA . 13.87 6.28 39.90
O7 NAG HA . 20.05 8.76 41.65
C1 NAG IA . 22.90 -18.94 31.02
C2 NAG IA . 22.85 -19.68 32.36
C3 NAG IA . 23.74 -20.93 32.34
C4 NAG IA . 23.50 -21.81 31.12
C5 NAG IA . 23.53 -20.99 29.83
C6 NAG IA . 23.07 -21.82 28.62
C7 NAG IA . 22.51 -18.50 34.52
C8 NAG IA . 23.13 -17.65 35.58
N2 NAG IA . 23.29 -18.85 33.48
O3 NAG IA . 23.48 -21.67 33.54
O4 NAG IA . 24.50 -22.84 31.08
O5 NAG IA . 22.65 -19.84 29.92
O6 NAG IA . 23.63 -21.27 27.42
O7 NAG IA . 21.33 -18.84 34.62
C1 NAG JA . 4.90 -25.88 34.42
C2 NAG JA . 4.59 -25.91 35.91
C3 NAG JA . 4.79 -27.30 36.49
C4 NAG JA . 4.08 -28.39 35.67
C5 NAG JA . 4.42 -28.24 34.18
C6 NAG JA . 3.64 -29.21 33.29
C7 NAG JA . 5.01 -23.92 37.32
C8 NAG JA . 6.06 -23.15 38.06
N2 NAG JA . 5.44 -25.01 36.67
O3 NAG JA . 4.28 -27.30 37.83
O4 NAG JA . 4.50 -29.68 36.12
O5 NAG JA . 4.13 -26.90 33.76
O6 NAG JA . 2.23 -28.94 33.40
O7 NAG JA . 3.85 -23.56 37.34
C1 NAG KA . -16.40 -18.49 15.16
C2 NAG KA . -17.19 -18.83 16.44
C3 NAG KA . -17.54 -20.32 16.51
C4 NAG KA . -18.18 -20.77 15.20
C5 NAG KA . -17.26 -20.40 14.02
C6 NAG KA . -17.81 -20.84 12.67
C7 NAG KA . -16.60 -17.29 18.24
C8 NAG KA . -15.70 -17.02 19.43
N2 NAG KA . -16.41 -18.45 17.60
O3 NAG KA . -18.42 -20.54 17.60
O4 NAG KA . -18.40 -22.19 15.25
O5 NAG KA . -17.10 -18.98 14.02
O6 NAG KA . -19.07 -20.21 12.44
O7 NAG KA . -17.45 -16.49 17.90
#